data_9B7P
#
_entry.id   9B7P
#
_cell.length_a   1.00
_cell.length_b   1.00
_cell.length_c   1.00
_cell.angle_alpha   90.00
_cell.angle_beta   90.00
_cell.angle_gamma   90.00
#
_symmetry.space_group_name_H-M   'P 1'
#
loop_
_entity.id
_entity.type
_entity.pdbx_description
1 polymer 'Capsid protein VP1'
2 polymer 'Fab2-6 light chain'
3 polymer 'Fab2-6 heavy chain'
#
loop_
_entity_poly.entity_id
_entity_poly.type
_entity_poly.pdbx_seq_one_letter_code
_entity_poly.pdbx_strand_id
1 'polypeptide(L)'
;MASGGGAPVADNNEGADGVGSSSGNWHCDSQWLGDRVITTSTRTWALPTYNNHLYKQISNSTSGGSSNDNAYFGYSTPWG
YFDFNRFHCHFSPRDWQRLINNNWGFRPKRLNFKLFNIQVKEVTDNNGVKTIANNLTSTVQVFTDSDYQLPYVLGSAHEG
CLPPFPADVFMIPQYGYLTLNDGSQAVGRSSFYCLEYFPSQMLRTGNNFQFSYEFENVPFHSSYAHSQSLDRLMNPLIDQ
YLYYLSKTINGSGQNQQTLKFSVAGPSNMAVQGRNYIPGPSYRQQRVSTTVTQNNNSEFAWPGASSWALNGRNSLMNPGP
AMASHKEGEDRFFPLSGSLIFGKQGTGRDNVDADKVMITNEEEIKTTNPVATESYGQVATNHQSAQAQAQTGWVQNQGIL
PGMVWQDRDVYLQGPIWAKIPHTDGNFHPSPLMGGFGMKHPPPQILIKNTPVPADPPTAFNKDKLNSFITQYSTGQVSVE
IEWELQKENSKRWNPEIQYTSNYYKSNNVEFAVNTEGVYSEPRPIGTRYLTRNL
;
A,B,C,D,E,F
2 'polypeptide(L)'
;EIVLTQSPGTLSLSPGERATLSCRASQSVRSSYLAWYQQKPGQAPRLLIYGASSRATDIPDRFSGSGSGTDFTLTISRLE
PEDFAVYYCQQYGTSPAFGGGTKV
;
L
3 'polypeptide(L)'
;VQLLESGGALVQPGGSLRLSCAASGFSFSNYAMSWVRQAPGKGLEWVSTISASGGTTYFADSVKGHFTISRDNSKNTLYL
QMDSLRAEDTAVYYCAKDPNYYDLSGYFLGGYYFDYWGQGTLVTVSS
;
H
#
# COMPACT_ATOMS: atom_id res chain seq x y z
N THR A 42 -35.20 -16.46 -34.57
CA THR A 42 -35.61 -17.35 -33.50
C THR A 42 -34.96 -18.71 -33.65
N ARG A 43 -34.38 -19.23 -32.56
CA ARG A 43 -33.70 -20.51 -32.58
C ARG A 43 -34.07 -21.32 -31.35
N THR A 44 -33.46 -22.50 -31.24
CA THR A 44 -33.60 -23.38 -30.09
C THR A 44 -32.22 -23.78 -29.59
N TRP A 45 -31.95 -23.50 -28.32
CA TRP A 45 -30.62 -23.61 -27.76
C TRP A 45 -30.46 -24.88 -26.93
N ALA A 46 -29.27 -25.48 -27.00
CA ALA A 46 -28.88 -26.59 -26.17
C ALA A 46 -27.65 -26.21 -25.36
N LEU A 47 -27.83 -26.06 -24.05
CA LEU A 47 -26.78 -25.57 -23.17
C LEU A 47 -26.38 -26.64 -22.16
N PRO A 48 -25.15 -27.14 -22.17
CA PRO A 48 -24.74 -28.14 -21.19
C PRO A 48 -24.15 -27.47 -19.96
N THR A 49 -23.76 -28.33 -19.01
CA THR A 49 -22.99 -27.91 -17.85
C THR A 49 -21.53 -27.79 -18.26
N TYR A 50 -20.89 -26.68 -17.91
CA TYR A 50 -19.48 -26.45 -18.22
C TYR A 50 -18.65 -26.48 -16.96
N ASN A 51 -17.49 -27.14 -17.04
CA ASN A 51 -16.48 -27.15 -15.98
C ASN A 51 -17.03 -27.72 -14.67
N ASN A 52 -18.15 -28.44 -14.73
CA ASN A 52 -18.81 -28.95 -13.53
C ASN A 52 -19.05 -27.84 -12.50
N HIS A 53 -19.60 -26.72 -12.97
CA HIS A 53 -19.98 -25.60 -12.11
C HIS A 53 -18.79 -25.07 -11.32
N LEU A 54 -17.74 -24.70 -12.06
CA LEU A 54 -16.44 -24.45 -11.47
C LEU A 54 -15.69 -23.46 -12.34
N TYR A 55 -14.85 -22.64 -11.71
CA TYR A 55 -14.04 -21.65 -12.40
C TYR A 55 -12.62 -22.18 -12.54
N LYS A 56 -12.10 -22.19 -13.76
CA LYS A 56 -10.79 -22.74 -14.02
C LYS A 56 -9.84 -21.65 -14.48
N GLN A 57 -8.82 -21.39 -13.69
CA GLN A 57 -7.66 -20.66 -14.17
C GLN A 57 -7.06 -21.36 -15.36
N ILE A 58 -6.84 -20.64 -16.45
CA ILE A 58 -6.26 -21.19 -17.66
C ILE A 58 -5.06 -20.35 -18.06
N SER A 59 -4.10 -20.99 -18.71
CA SER A 59 -2.89 -20.33 -19.17
C SER A 59 -2.31 -21.16 -20.31
N ASN A 60 -1.36 -20.57 -21.04
CA ASN A 60 -0.69 -21.29 -22.11
C ASN A 60 -0.07 -22.58 -21.60
N SER A 61 0.40 -22.55 -20.35
CA SER A 61 1.02 -23.73 -19.75
C SER A 61 0.01 -24.86 -19.58
N THR A 62 -1.23 -24.53 -19.22
CA THR A 62 -2.28 -25.53 -19.18
C THR A 62 -2.65 -25.99 -20.59
N SER A 63 -2.36 -25.17 -21.60
CA SER A 63 -2.64 -25.49 -23.00
C SER A 63 -1.45 -26.11 -23.71
N GLY A 64 -0.36 -26.39 -23.00
CA GLY A 64 0.83 -26.94 -23.61
C GLY A 64 2.03 -26.01 -23.66
N GLY A 65 1.86 -24.73 -23.32
CA GLY A 65 2.98 -23.83 -23.16
C GLY A 65 3.23 -22.86 -24.30
N SER A 66 2.80 -23.19 -25.52
CA SER A 66 2.82 -22.27 -26.64
C SER A 66 4.19 -21.60 -26.85
N SER A 67 4.17 -20.30 -27.13
CA SER A 67 5.37 -19.49 -27.29
C SER A 67 5.07 -18.10 -26.75
N ASN A 68 6.01 -17.17 -26.97
CA ASN A 68 5.91 -15.85 -26.35
C ASN A 68 4.71 -15.06 -26.89
N ASP A 69 4.56 -15.00 -28.21
CA ASP A 69 3.47 -14.24 -28.79
C ASP A 69 2.11 -14.80 -28.37
N ASN A 70 2.07 -16.08 -28.02
CA ASN A 70 0.85 -16.81 -27.75
C ASN A 70 0.52 -16.95 -26.27
N ALA A 71 1.32 -16.37 -25.38
CA ALA A 71 1.10 -16.52 -23.95
C ALA A 71 -0.19 -15.83 -23.52
N TYR A 72 -0.87 -16.42 -22.54
CA TYR A 72 -2.08 -15.81 -22.01
C TYR A 72 -2.35 -16.35 -20.61
N PHE A 73 -3.18 -15.62 -19.87
CA PHE A 73 -3.63 -15.98 -18.54
C PHE A 73 -5.08 -15.53 -18.39
N GLY A 74 -5.89 -16.33 -17.72
CA GLY A 74 -7.25 -15.94 -17.48
C GLY A 74 -8.03 -17.01 -16.74
N TYR A 75 -9.35 -16.91 -16.84
CA TYR A 75 -10.25 -17.86 -16.18
C TYR A 75 -11.36 -18.28 -17.15
N SER A 76 -11.81 -19.51 -17.00
CA SER A 76 -12.97 -20.02 -17.71
C SER A 76 -14.09 -20.27 -16.71
N THR A 77 -15.31 -19.93 -17.10
CA THR A 77 -16.45 -19.91 -16.21
C THR A 77 -17.43 -21.01 -16.60
N PRO A 78 -18.22 -21.50 -15.65
CA PRO A 78 -19.28 -22.47 -16.01
C PRO A 78 -20.37 -21.86 -16.86
N TRP A 79 -20.45 -20.55 -16.92
CA TRP A 79 -21.52 -19.85 -17.61
C TRP A 79 -21.33 -19.90 -19.11
N GLY A 80 -22.46 -19.93 -19.84
CA GLY A 80 -22.48 -19.76 -21.27
C GLY A 80 -23.01 -18.39 -21.63
N TYR A 81 -23.11 -18.13 -22.93
CA TYR A 81 -23.56 -16.82 -23.38
C TYR A 81 -24.18 -16.91 -24.76
N PHE A 82 -25.01 -15.92 -25.08
CA PHE A 82 -25.66 -15.84 -26.38
C PHE A 82 -24.97 -14.81 -27.25
N ASP A 83 -24.39 -15.26 -28.36
CA ASP A 83 -23.72 -14.36 -29.29
C ASP A 83 -24.42 -14.47 -30.64
N PHE A 84 -25.21 -13.44 -30.98
CA PHE A 84 -25.81 -13.29 -32.30
C PHE A 84 -25.09 -12.27 -33.18
N ASN A 85 -23.92 -11.80 -32.74
CA ASN A 85 -23.20 -10.67 -33.31
C ASN A 85 -22.79 -10.86 -34.78
N ARG A 86 -22.92 -12.04 -35.39
CA ARG A 86 -22.62 -12.14 -36.81
C ARG A 86 -23.74 -11.57 -37.65
N VAL A 140 -32.29 -22.86 -14.06
CA VAL A 140 -31.51 -22.07 -15.02
C VAL A 140 -31.40 -20.62 -14.54
N GLN A 141 -30.20 -20.08 -14.61
CA GLN A 141 -29.89 -18.72 -14.20
C GLN A 141 -29.54 -17.89 -15.43
N VAL A 142 -30.04 -16.65 -15.47
CA VAL A 142 -29.72 -15.73 -16.56
C VAL A 142 -29.68 -14.31 -16.00
N PHE A 143 -28.70 -13.54 -16.48
CA PHE A 143 -28.67 -12.11 -16.24
C PHE A 143 -27.94 -11.45 -17.38
N THR A 144 -28.32 -10.22 -17.68
CA THR A 144 -27.60 -9.40 -18.64
C THR A 144 -26.75 -8.40 -17.89
N ASP A 145 -25.59 -8.11 -18.45
CA ASP A 145 -24.69 -7.14 -17.83
C ASP A 145 -24.87 -5.84 -18.60
N SER A 146 -25.62 -4.92 -18.02
CA SER A 146 -25.89 -3.63 -18.63
C SER A 146 -24.90 -2.56 -18.22
N ASP A 147 -24.11 -2.82 -17.19
CA ASP A 147 -23.09 -1.90 -16.71
C ASP A 147 -21.73 -2.18 -17.35
N TYR A 148 -21.62 -3.27 -18.10
CA TYR A 148 -20.37 -3.63 -18.78
C TYR A 148 -19.26 -3.85 -17.76
N GLN A 149 -19.63 -4.48 -16.65
CA GLN A 149 -18.70 -4.76 -15.57
C GLN A 149 -17.89 -6.03 -15.79
N LEU A 150 -18.33 -6.92 -16.67
CA LEU A 150 -17.60 -8.12 -17.04
C LEU A 150 -16.73 -7.87 -18.27
N PRO A 151 -15.70 -8.69 -18.47
CA PRO A 151 -14.95 -8.63 -19.74
C PRO A 151 -15.86 -8.93 -20.92
N TYR A 152 -15.65 -8.19 -22.00
CA TYR A 152 -16.52 -8.27 -23.18
C TYR A 152 -15.81 -9.07 -24.27
N VAL A 153 -16.29 -10.29 -24.51
CA VAL A 153 -15.70 -11.19 -25.48
C VAL A 153 -16.42 -11.19 -26.82
N LEU A 154 -17.52 -10.46 -26.96
CA LEU A 154 -18.38 -10.66 -28.12
C LEU A 154 -17.89 -9.96 -29.39
N GLY A 155 -16.85 -9.14 -29.30
CA GLY A 155 -16.37 -8.42 -30.46
C GLY A 155 -15.13 -9.03 -31.07
N SER A 156 -14.88 -10.29 -30.76
CA SER A 156 -13.70 -11.01 -31.25
C SER A 156 -14.00 -11.87 -32.47
N ALA A 157 -15.24 -11.83 -32.97
CA ALA A 157 -15.63 -12.56 -34.18
C ALA A 157 -15.38 -14.06 -34.03
N HIS A 158 -15.89 -14.65 -32.96
CA HIS A 158 -15.80 -16.09 -32.75
C HIS A 158 -16.80 -16.85 -33.60
N PRO A 173 -22.23 -21.72 -26.32
CA PRO A 173 -20.78 -21.55 -26.21
C PRO A 173 -20.37 -21.27 -24.77
N GLN A 174 -19.12 -21.50 -24.42
CA GLN A 174 -18.68 -21.26 -23.05
C GLN A 174 -18.03 -19.90 -22.93
N TYR A 175 -18.29 -19.24 -21.80
CA TYR A 175 -17.75 -17.93 -21.53
C TYR A 175 -16.50 -18.00 -20.66
N GLY A 176 -15.50 -17.23 -21.02
CA GLY A 176 -14.27 -17.14 -20.25
C GLY A 176 -13.53 -15.89 -20.67
N TYR A 177 -12.70 -15.40 -19.76
CA TYR A 177 -12.07 -14.10 -20.00
C TYR A 177 -10.57 -14.21 -19.73
N LEU A 178 -9.82 -13.35 -20.42
CA LEU A 178 -8.39 -13.23 -20.26
C LEU A 178 -8.06 -11.97 -19.49
N THR A 179 -6.99 -12.05 -18.71
CA THR A 179 -6.56 -10.94 -17.87
C THR A 179 -5.09 -10.66 -18.21
N LEU A 180 -4.45 -9.79 -17.45
CA LEU A 180 -3.05 -9.47 -17.67
C LEU A 180 -2.16 -10.66 -17.34
N ASN A 181 -1.04 -10.75 -18.04
CA ASN A 181 -0.05 -11.79 -17.77
C ASN A 181 1.35 -11.24 -18.03
N ASP A 182 2.33 -11.86 -17.36
CA ASP A 182 3.72 -11.61 -17.69
C ASP A 182 4.25 -12.70 -18.61
N GLY A 183 3.39 -13.61 -19.01
CA GLY A 183 3.82 -14.94 -19.39
C GLY A 183 2.65 -15.87 -19.15
N SER A 184 2.92 -17.09 -18.72
CA SER A 184 1.87 -17.97 -18.24
C SER A 184 1.45 -17.61 -16.82
N GLN A 185 2.01 -16.55 -16.25
CA GLN A 185 1.74 -16.14 -14.89
C GLN A 185 0.96 -14.83 -14.85
N ALA A 186 0.25 -14.64 -13.75
CA ALA A 186 -0.59 -13.46 -13.52
C ALA A 186 0.19 -12.42 -12.73
N VAL A 187 -0.13 -11.16 -12.98
CA VAL A 187 0.48 -10.05 -12.26
C VAL A 187 -0.51 -9.51 -11.23
N GLY A 188 -0.11 -8.55 -10.43
CA GLY A 188 -0.97 -7.99 -9.40
C GLY A 188 -2.23 -7.33 -9.92
N ARG A 189 -2.10 -6.62 -11.04
CA ARG A 189 -3.23 -5.94 -11.66
C ARG A 189 -4.33 -6.86 -12.19
N SER A 190 -3.99 -8.09 -12.54
CA SER A 190 -4.98 -9.01 -13.08
C SER A 190 -6.13 -9.19 -12.10
N SER A 191 -7.34 -9.08 -12.62
CA SER A 191 -8.54 -9.18 -11.80
C SER A 191 -9.33 -10.45 -12.05
N PHE A 192 -10.07 -10.85 -11.03
CA PHE A 192 -10.87 -12.06 -11.06
C PHE A 192 -12.33 -11.72 -10.83
N TYR A 193 -13.19 -12.15 -11.76
CA TYR A 193 -14.61 -11.83 -11.70
C TYR A 193 -15.40 -13.10 -11.47
N CYS A 194 -16.21 -13.10 -10.42
CA CYS A 194 -17.14 -14.19 -10.14
C CYS A 194 -18.49 -13.82 -10.74
N LEU A 195 -18.92 -14.58 -11.76
CA LEU A 195 -20.19 -14.31 -12.40
C LEU A 195 -21.38 -14.65 -11.51
N GLU A 196 -21.17 -15.49 -10.50
CA GLU A 196 -22.20 -15.74 -9.51
C GLU A 196 -22.55 -14.50 -8.71
N TYR A 197 -21.71 -13.48 -8.77
CA TYR A 197 -21.75 -12.34 -7.89
C TYR A 197 -22.57 -11.18 -8.46
N PHE A 198 -23.19 -11.38 -9.52
CA PHE A 198 -24.23 -10.47 -9.98
C PHE A 198 -25.61 -10.96 -9.53
N PRO A 199 -26.57 -10.06 -9.43
CA PRO A 199 -27.96 -10.52 -9.29
C PRO A 199 -28.46 -11.10 -10.61
N SER A 200 -29.12 -12.26 -10.51
CA SER A 200 -29.62 -12.94 -11.70
C SER A 200 -31.00 -13.51 -11.42
N GLN A 201 -31.78 -13.65 -12.49
CA GLN A 201 -33.14 -14.17 -12.39
C GLN A 201 -33.14 -15.65 -12.72
N MET A 202 -33.66 -16.45 -11.78
CA MET A 202 -33.65 -17.90 -11.88
C MET A 202 -34.98 -18.37 -12.47
N LEU A 203 -34.94 -18.92 -13.68
CA LEU A 203 -36.12 -19.29 -14.45
C LEU A 203 -36.33 -20.79 -14.38
N ARG A 204 -37.51 -21.21 -13.94
CA ARG A 204 -37.95 -22.59 -14.09
C ARG A 204 -38.49 -22.81 -15.50
N THR A 205 -38.96 -24.03 -15.77
CA THR A 205 -39.33 -24.41 -17.14
C THR A 205 -40.45 -23.55 -17.71
N GLY A 206 -41.24 -22.89 -16.88
CA GLY A 206 -42.34 -22.05 -17.35
C GLY A 206 -42.11 -20.56 -17.31
N ASN A 207 -41.02 -20.11 -16.71
CA ASN A 207 -40.75 -18.69 -16.55
C ASN A 207 -40.20 -18.08 -17.83
N ASN A 208 -40.43 -16.78 -18.00
CA ASN A 208 -39.94 -16.07 -19.17
C ASN A 208 -39.02 -14.93 -18.72
N PHE A 209 -38.14 -14.53 -19.63
CA PHE A 209 -37.14 -13.50 -19.39
C PHE A 209 -37.01 -12.61 -20.61
N GLN A 210 -37.11 -11.30 -20.42
CA GLN A 210 -37.00 -10.38 -21.54
C GLN A 210 -36.43 -9.05 -21.05
N PHE A 211 -35.73 -8.37 -21.96
CA PHE A 211 -35.19 -7.05 -21.68
C PHE A 211 -35.13 -6.31 -23.00
N SER A 212 -35.27 -4.98 -22.92
CA SER A 212 -35.21 -4.14 -24.10
C SER A 212 -33.90 -3.34 -24.07
N TYR A 213 -33.33 -3.15 -25.26
CA TYR A 213 -32.07 -2.43 -25.39
C TYR A 213 -32.17 -1.41 -26.50
N GLU A 214 -31.78 -0.18 -26.18
CA GLU A 214 -31.82 0.94 -27.12
C GLU A 214 -30.41 1.22 -27.62
N PHE A 215 -30.17 0.97 -28.90
CA PHE A 215 -28.87 1.27 -29.49
C PHE A 215 -28.55 2.75 -29.39
N GLU A 216 -27.28 3.06 -29.16
CA GLU A 216 -26.80 4.43 -29.22
C GLU A 216 -26.55 4.84 -30.66
N ASN A 217 -26.60 6.15 -30.91
CA ASN A 217 -26.54 6.66 -32.28
C ASN A 217 -25.20 6.31 -32.94
N VAL A 218 -25.29 5.76 -34.16
CA VAL A 218 -24.13 5.39 -34.94
C VAL A 218 -24.36 5.65 -36.43
N PRO A 219 -23.28 5.86 -37.19
CA PRO A 219 -23.33 6.17 -38.63
C PRO A 219 -23.83 5.03 -39.52
N PHE A 220 -24.62 5.36 -40.54
CA PHE A 220 -25.13 4.35 -41.47
C PHE A 220 -23.95 3.77 -42.23
N HIS A 221 -23.90 2.45 -42.37
CA HIS A 221 -22.82 1.83 -43.11
C HIS A 221 -23.02 2.04 -44.61
N SER A 222 -21.93 2.30 -45.33
CA SER A 222 -22.02 2.50 -46.77
C SER A 222 -21.45 1.30 -47.51
N TYR A 276 -7.54 16.83 -51.47
CA TYR A 276 -7.71 15.62 -50.68
C TYR A 276 -6.93 14.44 -51.26
N ILE A 277 -6.31 13.67 -50.39
CA ILE A 277 -5.41 12.58 -50.79
C ILE A 277 -5.94 11.28 -50.21
N PRO A 278 -5.51 10.15 -50.77
CA PRO A 278 -5.99 8.85 -50.26
C PRO A 278 -5.61 8.62 -48.81
N GLY A 279 -6.33 7.67 -48.20
CA GLY A 279 -6.23 7.42 -46.79
C GLY A 279 -5.00 6.66 -46.36
N PRO A 280 -4.95 6.28 -45.08
CA PRO A 280 -3.74 5.69 -44.52
C PRO A 280 -3.54 4.25 -44.96
N SER A 281 -2.27 3.82 -44.88
CA SER A 281 -1.88 2.51 -45.38
C SER A 281 -0.81 1.90 -44.50
N TYR A 282 -0.83 0.58 -44.40
CA TYR A 282 0.22 -0.20 -43.76
C TYR A 282 0.46 -1.39 -44.70
N ARG A 283 1.61 -1.46 -45.36
CA ARG A 283 1.70 -2.34 -46.52
C ARG A 283 1.55 -3.81 -46.13
N GLN A 284 0.88 -4.57 -47.01
CA GLN A 284 0.76 -6.01 -46.92
C GLN A 284 1.59 -6.68 -48.01
N GLN A 285 2.05 -7.90 -47.71
CA GLN A 285 2.72 -8.71 -48.71
C GLN A 285 1.70 -9.26 -49.72
N ARG A 286 2.10 -9.33 -50.97
CA ARG A 286 1.24 -9.80 -52.04
C ARG A 286 1.36 -11.31 -52.19
N VAL A 287 0.23 -12.00 -52.24
CA VAL A 287 0.18 -13.44 -52.44
C VAL A 287 -0.67 -13.71 -53.68
N SER A 288 -0.16 -14.56 -54.57
CA SER A 288 -0.86 -14.95 -55.78
C SER A 288 -1.62 -16.25 -55.54
N THR A 289 -2.81 -16.36 -56.12
CA THR A 289 -3.56 -17.60 -56.08
C THR A 289 -2.95 -18.68 -56.97
N THR A 290 -2.00 -18.31 -57.83
CA THR A 290 -1.22 -19.28 -58.59
C THR A 290 0.05 -19.59 -57.80
N VAL A 291 0.15 -20.83 -57.31
CA VAL A 291 1.21 -21.16 -56.37
C VAL A 291 2.59 -21.09 -57.02
N THR A 292 2.67 -21.17 -58.35
CA THR A 292 3.97 -21.09 -59.00
C THR A 292 4.50 -19.66 -59.06
N GLN A 293 3.64 -18.67 -58.84
CA GLN A 293 4.11 -17.29 -58.76
C GLN A 293 4.64 -16.95 -57.38
N ASN A 294 4.33 -17.75 -56.37
CA ASN A 294 4.86 -17.57 -55.03
C ASN A 294 6.31 -18.03 -54.97
N ASN A 295 7.00 -17.60 -53.91
CA ASN A 295 8.40 -17.96 -53.70
C ASN A 295 8.47 -19.33 -53.02
N ASN A 296 9.52 -20.10 -53.33
CA ASN A 296 9.70 -21.42 -52.76
C ASN A 296 10.39 -21.38 -51.39
N SER A 297 9.68 -20.83 -50.40
CA SER A 297 10.19 -20.70 -49.05
C SER A 297 9.03 -20.50 -48.09
N GLU A 298 9.29 -20.66 -46.79
CA GLU A 298 8.22 -20.46 -45.83
C GLU A 298 8.17 -18.99 -45.42
N PHE A 299 7.29 -18.23 -46.05
CA PHE A 299 7.15 -16.81 -45.77
C PHE A 299 5.81 -16.44 -45.15
N ALA A 300 5.06 -17.42 -44.66
CA ALA A 300 3.75 -17.15 -44.04
C ALA A 300 3.88 -16.12 -42.92
N TRP A 301 4.57 -16.51 -41.85
CA TRP A 301 4.84 -15.64 -40.70
C TRP A 301 6.01 -14.69 -40.96
N PRO A 302 7.18 -15.13 -41.44
CA PRO A 302 8.32 -14.20 -41.56
C PRO A 302 8.04 -12.96 -42.39
N GLY A 303 7.25 -13.08 -43.46
CA GLY A 303 7.01 -11.96 -44.33
C GLY A 303 5.70 -11.24 -44.05
N ALA A 304 5.18 -11.37 -42.84
CA ALA A 304 3.87 -10.84 -42.49
C ALA A 304 3.99 -9.55 -41.70
N SER A 305 3.17 -8.58 -42.07
CA SER A 305 3.08 -7.32 -41.35
C SER A 305 2.47 -7.53 -39.98
N SER A 306 3.12 -6.99 -38.95
CA SER A 306 2.69 -7.22 -37.58
C SER A 306 2.83 -5.94 -36.76
N TRP A 307 2.26 -5.97 -35.55
CA TRP A 307 2.49 -4.95 -34.54
C TRP A 307 2.81 -5.62 -33.21
N ALA A 308 3.64 -4.95 -32.41
CA ALA A 308 4.10 -5.48 -31.14
C ALA A 308 3.52 -4.67 -30.00
N LEU A 309 3.05 -5.38 -28.96
CA LEU A 309 2.47 -4.75 -27.78
C LEU A 309 3.05 -5.43 -26.55
N ASN A 310 3.75 -4.67 -25.72
CA ASN A 310 4.33 -5.20 -24.49
C ASN A 310 5.33 -6.32 -24.78
N GLY A 311 5.89 -6.31 -25.97
CA GLY A 311 6.91 -7.27 -26.34
C GLY A 311 6.40 -8.48 -27.09
N ARG A 312 5.09 -8.63 -27.26
CA ARG A 312 4.52 -9.72 -28.02
C ARG A 312 4.12 -9.24 -29.40
N ASN A 313 4.43 -10.05 -30.40
CA ASN A 313 4.03 -9.78 -31.78
C ASN A 313 2.62 -10.29 -32.01
N SER A 314 1.85 -9.53 -32.77
CA SER A 314 0.53 -9.94 -33.21
C SER A 314 0.32 -9.49 -34.64
N LEU A 315 -0.15 -10.41 -35.47
CA LEU A 315 -0.33 -10.13 -36.89
C LEU A 315 -1.30 -8.96 -37.08
N MET A 316 -1.08 -8.18 -38.13
CA MET A 316 -1.96 -7.05 -38.39
C MET A 316 -3.11 -7.60 -39.22
N ASN A 317 -4.26 -7.75 -38.57
CA ASN A 317 -5.37 -8.43 -39.18
C ASN A 317 -6.69 -7.83 -38.72
N PRO A 318 -7.61 -7.58 -39.66
CA PRO A 318 -7.27 -7.43 -41.08
C PRO A 318 -6.51 -6.12 -41.32
N GLY A 319 -6.56 -5.21 -40.35
CA GLY A 319 -5.78 -4.00 -40.39
C GLY A 319 -6.56 -2.82 -40.91
N PRO A 320 -5.87 -1.74 -41.24
CA PRO A 320 -6.55 -0.59 -41.84
C PRO A 320 -7.18 -0.96 -43.17
N ALA A 321 -8.21 -0.22 -43.55
CA ALA A 321 -8.97 -0.54 -44.75
C ALA A 321 -8.15 -0.17 -45.97
N MET A 322 -7.88 -1.16 -46.82
CA MET A 322 -7.06 -0.98 -48.01
C MET A 322 -7.61 -1.87 -49.11
N ALA A 323 -7.26 -1.53 -50.34
CA ALA A 323 -7.86 -2.19 -51.49
C ALA A 323 -7.04 -3.39 -51.94
N SER A 324 -7.70 -4.54 -52.01
CA SER A 324 -7.06 -5.75 -52.49
C SER A 324 -6.74 -5.63 -53.99
N LEU A 335 -2.16 -10.15 -47.89
CA LEU A 335 -1.84 -11.42 -47.22
C LEU A 335 -2.72 -11.60 -46.00
N SER A 336 -2.47 -10.80 -44.97
CA SER A 336 -3.25 -10.84 -43.74
C SER A 336 -4.34 -9.78 -43.71
N GLY A 337 -4.46 -8.97 -44.76
CA GLY A 337 -5.35 -7.83 -44.73
C GLY A 337 -6.75 -8.06 -45.26
N SER A 338 -7.21 -9.30 -45.32
CA SER A 338 -8.53 -9.62 -45.84
C SER A 338 -9.18 -10.69 -44.98
N LEU A 339 -10.49 -10.56 -44.80
CA LEU A 339 -11.26 -11.58 -44.11
C LEU A 339 -11.30 -12.85 -44.94
N ILE A 340 -11.26 -14.00 -44.28
CA ILE A 340 -11.29 -15.31 -44.93
C ILE A 340 -12.32 -16.16 -44.20
N PHE A 341 -13.36 -16.55 -44.92
CA PHE A 341 -14.44 -17.38 -44.37
C PHE A 341 -14.30 -18.81 -44.89
N GLY A 342 -14.72 -19.76 -44.07
CA GLY A 342 -14.71 -21.15 -44.46
C GLY A 342 -15.97 -21.57 -45.20
N LYS A 343 -15.78 -22.45 -46.18
CA LYS A 343 -16.91 -23.09 -46.84
C LYS A 343 -17.53 -24.13 -45.90
N GLN A 344 -18.77 -24.50 -46.19
CA GLN A 344 -19.49 -25.42 -45.32
C GLN A 344 -18.70 -26.71 -45.11
N GLY A 345 -18.48 -27.05 -43.84
CA GLY A 345 -17.73 -28.23 -43.50
C GLY A 345 -16.25 -28.20 -43.86
N THR A 346 -15.65 -27.01 -43.93
CA THR A 346 -14.24 -26.89 -44.26
C THR A 346 -13.38 -27.54 -43.19
N GLY A 347 -12.34 -28.24 -43.62
CA GLY A 347 -11.38 -28.81 -42.70
C GLY A 347 -10.73 -27.73 -41.86
N ARG A 348 -10.31 -28.14 -40.65
CA ARG A 348 -9.83 -27.19 -39.67
C ARG A 348 -8.39 -26.73 -39.92
N ASP A 349 -7.52 -27.60 -40.41
CA ASP A 349 -6.08 -27.34 -40.43
C ASP A 349 -5.51 -27.64 -41.80
N ASN A 350 -4.63 -26.75 -42.28
CA ASN A 350 -3.82 -26.98 -43.48
C ASN A 350 -4.67 -27.36 -44.68
N VAL A 351 -5.72 -26.58 -44.90
CA VAL A 351 -6.64 -26.82 -45.99
C VAL A 351 -6.28 -25.90 -47.14
N ASP A 352 -6.47 -26.38 -48.36
CA ASP A 352 -6.06 -25.62 -49.54
C ASP A 352 -6.99 -24.42 -49.73
N ALA A 353 -6.68 -23.61 -50.75
CA ALA A 353 -7.38 -22.34 -50.92
C ALA A 353 -8.84 -22.55 -51.30
N ASP A 354 -9.12 -23.53 -52.15
CA ASP A 354 -10.50 -23.77 -52.59
C ASP A 354 -11.40 -24.27 -51.47
N LYS A 355 -10.84 -24.61 -50.31
CA LYS A 355 -11.64 -24.96 -49.14
C LYS A 355 -12.19 -23.76 -48.41
N VAL A 356 -11.61 -22.58 -48.60
CA VAL A 356 -11.98 -21.38 -47.84
C VAL A 356 -12.41 -20.28 -48.80
N MET A 357 -13.17 -19.33 -48.26
CA MET A 357 -13.67 -18.18 -49.01
C MET A 357 -12.88 -16.95 -48.60
N ILE A 358 -12.05 -16.46 -49.52
CA ILE A 358 -11.15 -15.33 -49.25
C ILE A 358 -11.78 -14.08 -49.84
N THR A 359 -12.24 -13.19 -48.98
CA THR A 359 -12.85 -11.95 -49.40
C THR A 359 -11.79 -10.96 -49.89
N ASN A 360 -12.24 -10.00 -50.70
CA ASN A 360 -11.38 -8.95 -51.21
C ASN A 360 -12.11 -7.61 -51.11
N GLU A 361 -11.34 -6.56 -50.82
CA GLU A 361 -11.88 -5.25 -50.53
C GLU A 361 -11.89 -4.31 -51.73
N GLU A 362 -11.55 -4.80 -52.92
CA GLU A 362 -11.17 -3.91 -54.02
C GLU A 362 -12.26 -2.90 -54.40
N GLU A 363 -13.47 -3.03 -53.86
CA GLU A 363 -14.49 -2.01 -54.06
C GLU A 363 -14.04 -0.62 -53.67
N ILE A 364 -13.12 -0.52 -52.71
CA ILE A 364 -12.82 0.74 -52.02
C ILE A 364 -11.61 1.44 -52.63
N LYS A 365 -11.07 0.90 -53.73
CA LYS A 365 -9.85 1.45 -54.29
C LYS A 365 -9.99 2.88 -54.77
N THR A 366 -11.21 3.42 -54.83
CA THR A 366 -11.36 4.83 -55.14
C THR A 366 -10.70 5.70 -54.08
N THR A 367 -11.10 5.57 -52.82
CA THR A 367 -10.58 6.38 -51.75
C THR A 367 -9.45 5.75 -50.95
N ASN A 368 -9.12 4.49 -51.21
CA ASN A 368 -8.14 3.82 -50.37
C ASN A 368 -7.01 3.25 -51.23
N PRO A 369 -5.78 3.23 -50.70
CA PRO A 369 -4.66 2.73 -51.48
C PRO A 369 -4.70 1.21 -51.56
N VAL A 370 -3.97 0.68 -52.55
CA VAL A 370 -3.84 -0.77 -52.67
C VAL A 370 -3.14 -1.30 -51.44
N ALA A 371 -3.65 -2.41 -50.91
CA ALA A 371 -3.10 -2.96 -49.67
C ALA A 371 -1.65 -3.37 -49.83
N THR A 372 -1.32 -4.01 -50.96
CA THR A 372 0.02 -4.55 -51.11
C THR A 372 0.98 -3.53 -51.73
N GLU A 373 0.45 -2.48 -52.33
CA GLU A 373 1.27 -1.46 -52.96
C GLU A 373 1.74 -0.44 -51.94
N SER A 374 2.85 0.22 -52.25
CA SER A 374 3.35 1.31 -51.42
C SER A 374 2.38 2.49 -51.43
N TYR A 375 2.50 3.33 -50.40
CA TYR A 375 1.62 4.49 -50.31
C TYR A 375 2.07 5.60 -51.27
N GLY A 376 3.38 5.83 -51.34
CA GLY A 376 3.88 6.91 -52.16
C GLY A 376 5.38 7.08 -51.97
N GLN A 377 5.86 8.28 -52.31
CA GLN A 377 7.28 8.60 -52.18
C GLN A 377 7.51 10.01 -51.65
N GLN A 390 17.28 12.41 -54.30
CA GLN A 390 16.81 11.04 -54.13
C GLN A 390 15.42 11.01 -53.51
N THR A 391 14.80 9.83 -53.52
CA THR A 391 13.53 9.61 -52.86
C THR A 391 13.55 8.25 -52.17
N GLY A 392 12.41 7.90 -51.59
CA GLY A 392 12.25 6.60 -50.98
C GLY A 392 10.79 6.20 -50.97
N TRP A 393 10.56 4.89 -50.89
CA TRP A 393 9.20 4.38 -50.85
C TRP A 393 8.64 4.50 -49.45
N VAL A 394 7.46 5.09 -49.32
CA VAL A 394 6.79 5.23 -48.03
C VAL A 394 5.88 4.01 -47.87
N GLN A 395 6.24 3.12 -46.95
CA GLN A 395 5.50 1.87 -46.80
C GLN A 395 4.24 2.06 -45.96
N ASN A 396 4.29 2.93 -44.96
CA ASN A 396 3.15 3.20 -44.10
C ASN A 396 2.95 4.70 -43.94
N GLN A 397 1.70 5.13 -43.88
CA GLN A 397 1.35 6.52 -43.73
C GLN A 397 0.24 6.64 -42.71
N GLY A 398 0.46 7.46 -41.68
CA GLY A 398 -0.56 7.74 -40.70
C GLY A 398 -1.55 8.78 -41.21
N ILE A 399 -2.47 9.18 -40.32
CA ILE A 399 -3.48 10.14 -40.71
C ILE A 399 -2.83 11.47 -41.05
N LEU A 400 -3.26 12.06 -42.16
CA LEU A 400 -2.88 13.40 -42.55
C LEU A 400 -4.12 14.25 -42.72
N PRO A 401 -4.09 15.52 -42.32
CA PRO A 401 -5.21 16.41 -42.61
C PRO A 401 -5.45 16.50 -44.11
N GLY A 402 -6.70 16.31 -44.50
CA GLY A 402 -7.04 16.23 -45.90
C GLY A 402 -7.19 14.83 -46.46
N MET A 403 -7.30 13.82 -45.60
CA MET A 403 -7.59 12.47 -46.07
C MET A 403 -9.08 12.19 -45.98
N VAL A 404 -9.57 11.46 -46.97
CA VAL A 404 -10.91 10.88 -46.93
C VAL A 404 -10.77 9.40 -47.21
N TRP A 405 -11.57 8.59 -46.51
CA TRP A 405 -11.41 7.15 -46.64
C TRP A 405 -12.75 6.47 -46.37
N GLN A 406 -12.83 5.23 -46.82
CA GLN A 406 -13.96 4.34 -46.57
C GLN A 406 -13.56 3.30 -45.54
N ASP A 407 -14.51 2.97 -44.66
CA ASP A 407 -14.31 1.90 -43.70
C ASP A 407 -14.39 0.55 -44.40
N ARG A 408 -14.17 -0.52 -43.65
CA ARG A 408 -14.22 -1.85 -44.23
C ARG A 408 -15.66 -2.31 -44.42
N ASP A 409 -15.85 -3.15 -45.44
CA ASP A 409 -17.15 -3.66 -45.83
C ASP A 409 -17.73 -4.59 -44.76
N VAL A 410 -19.04 -4.75 -44.79
CA VAL A 410 -19.74 -5.67 -43.90
C VAL A 410 -20.29 -6.80 -44.73
N TYR A 411 -20.52 -7.94 -44.08
CA TYR A 411 -20.93 -9.15 -44.78
C TYR A 411 -22.12 -9.80 -44.09
N LEU A 412 -22.71 -10.75 -44.81
CA LEU A 412 -23.72 -11.60 -44.21
C LEU A 412 -23.10 -12.50 -43.15
N GLN A 413 -21.88 -12.96 -43.37
CA GLN A 413 -21.15 -13.75 -42.39
C GLN A 413 -20.38 -12.90 -41.38
N GLY A 414 -20.17 -11.63 -41.67
CA GLY A 414 -19.32 -10.79 -40.86
C GLY A 414 -19.98 -10.31 -39.60
N PRO A 415 -19.18 -9.74 -38.70
CA PRO A 415 -19.72 -9.24 -37.43
C PRO A 415 -20.57 -7.99 -37.65
N ILE A 416 -21.32 -7.64 -36.60
CA ILE A 416 -22.24 -6.50 -36.66
C ILE A 416 -21.65 -5.34 -35.88
N TRP A 417 -21.44 -5.51 -34.57
CA TRP A 417 -20.90 -4.44 -33.74
C TRP A 417 -19.67 -4.94 -32.98
N ALA A 418 -18.94 -3.98 -32.42
CA ALA A 418 -17.82 -4.24 -31.54
C ALA A 418 -17.75 -3.15 -30.48
N LYS A 419 -17.42 -3.55 -29.26
CA LYS A 419 -17.32 -2.62 -28.14
C LYS A 419 -16.12 -1.72 -28.34
N ILE A 420 -16.24 -0.47 -27.92
CA ILE A 420 -15.08 0.43 -27.96
C ILE A 420 -14.34 0.32 -26.63
N PRO A 421 -13.04 0.02 -26.64
CA PRO A 421 -12.30 -0.04 -25.38
C PRO A 421 -12.36 1.29 -24.65
N HIS A 422 -12.62 1.22 -23.34
CA HIS A 422 -12.77 2.42 -22.53
C HIS A 422 -11.37 2.94 -22.24
N THR A 423 -11.07 4.12 -22.74
CA THR A 423 -9.70 4.64 -22.82
C THR A 423 -9.75 6.15 -22.85
N ASP A 424 -8.58 6.77 -22.64
CA ASP A 424 -8.46 8.22 -22.73
C ASP A 424 -8.67 8.70 -24.15
N GLY A 425 -8.26 7.91 -25.15
CA GLY A 425 -8.37 8.34 -26.52
C GLY A 425 -8.48 7.19 -27.49
N ASN A 426 -9.09 7.50 -28.63
CA ASN A 426 -9.21 6.59 -29.76
C ASN A 426 -9.40 7.44 -31.00
N PHE A 427 -9.22 6.83 -32.17
CA PHE A 427 -9.45 7.53 -33.42
C PHE A 427 -10.27 6.68 -34.37
N HIS A 428 -11.36 7.27 -34.88
CA HIS A 428 -12.26 6.65 -35.85
C HIS A 428 -12.68 5.30 -35.29
N PRO A 429 -13.47 5.29 -34.21
CA PRO A 429 -13.65 4.08 -33.41
C PRO A 429 -14.24 2.88 -34.13
N SER A 430 -14.73 3.07 -35.35
CA SER A 430 -15.27 1.96 -36.13
C SER A 430 -14.29 0.80 -36.15
N PRO A 431 -14.73 -0.42 -35.84
CA PRO A 431 -13.79 -1.54 -35.74
C PRO A 431 -13.21 -1.93 -37.09
N LEU A 432 -12.06 -2.60 -37.03
CA LEU A 432 -11.29 -2.87 -38.23
C LEU A 432 -11.75 -4.13 -38.95
N MET A 433 -12.53 -4.98 -38.30
CA MET A 433 -13.11 -6.11 -39.01
C MET A 433 -14.43 -5.76 -39.67
N GLY A 434 -14.93 -4.55 -39.48
CA GLY A 434 -16.19 -4.12 -40.03
C GLY A 434 -17.25 -3.98 -38.95
N GLY A 435 -18.32 -3.29 -39.31
CA GLY A 435 -19.44 -3.10 -38.41
C GLY A 435 -19.46 -1.76 -37.72
N PHE A 436 -20.21 -1.72 -36.62
CA PHE A 436 -20.50 -0.50 -35.89
C PHE A 436 -19.84 -0.55 -34.51
N GLY A 437 -18.87 0.32 -34.28
CA GLY A 437 -18.24 0.43 -32.97
C GLY A 437 -19.14 1.18 -32.01
N MET A 438 -19.19 0.70 -30.77
CA MET A 438 -20.10 1.26 -29.78
C MET A 438 -19.41 1.33 -28.43
N LYS A 439 -19.58 2.47 -27.75
CA LYS A 439 -19.11 2.60 -26.38
C LYS A 439 -19.95 1.78 -25.41
N HIS A 440 -21.24 1.65 -25.67
CA HIS A 440 -22.14 0.81 -24.89
C HIS A 440 -22.84 -0.14 -25.87
N PRO A 441 -22.16 -1.18 -26.30
CA PRO A 441 -22.75 -2.12 -27.27
C PRO A 441 -23.88 -2.91 -26.64
N PRO A 442 -24.55 -3.78 -27.40
CA PRO A 442 -25.53 -4.67 -26.79
C PRO A 442 -24.89 -5.50 -25.69
N PRO A 443 -25.55 -5.63 -24.55
CA PRO A 443 -24.92 -6.27 -23.40
C PRO A 443 -24.68 -7.75 -23.62
N GLN A 444 -23.84 -8.32 -22.76
CA GLN A 444 -23.71 -9.75 -22.70
C GLN A 444 -24.90 -10.36 -21.96
N ILE A 445 -25.21 -11.61 -22.28
CA ILE A 445 -26.28 -12.36 -21.63
C ILE A 445 -25.66 -13.66 -21.14
N LEU A 446 -25.62 -13.84 -19.82
CA LEU A 446 -24.93 -14.97 -19.22
C LEU A 446 -25.95 -15.97 -18.66
N ILE A 447 -25.71 -17.24 -18.94
CA ILE A 447 -26.65 -18.30 -18.59
C ILE A 447 -25.87 -19.53 -18.15
N LYS A 448 -26.35 -20.18 -17.09
CA LYS A 448 -25.84 -21.49 -16.71
C LYS A 448 -26.98 -22.30 -16.11
N ASN A 449 -26.79 -23.61 -16.10
CA ASN A 449 -27.69 -24.50 -15.39
C ASN A 449 -27.41 -24.40 -13.90
N THR A 450 -28.42 -24.05 -13.12
CA THR A 450 -28.25 -24.00 -11.67
C THR A 450 -27.78 -25.36 -11.18
N PRO A 451 -26.68 -25.44 -10.45
CA PRO A 451 -26.25 -26.75 -9.95
C PRO A 451 -27.24 -27.31 -8.95
N VAL A 452 -27.64 -28.54 -9.17
CA VAL A 452 -28.41 -29.29 -8.19
C VAL A 452 -27.51 -30.44 -7.74
N PRO A 453 -27.14 -30.50 -6.47
CA PRO A 453 -26.19 -31.53 -6.04
C PRO A 453 -26.82 -32.90 -6.10
N ALA A 454 -25.97 -33.92 -6.16
CA ALA A 454 -26.43 -35.28 -5.99
C ALA A 454 -26.67 -35.54 -4.51
N ASP A 455 -26.90 -36.80 -4.16
CA ASP A 455 -27.20 -37.14 -2.78
C ASP A 455 -26.02 -36.84 -1.87
N PRO A 456 -26.15 -35.91 -0.94
CA PRO A 456 -25.04 -35.56 -0.05
C PRO A 456 -24.84 -36.64 1.01
N PRO A 457 -23.70 -36.66 1.68
CA PRO A 457 -23.49 -37.64 2.75
C PRO A 457 -24.43 -37.40 3.92
N THR A 458 -24.52 -38.41 4.78
CA THR A 458 -25.48 -38.40 5.88
C THR A 458 -24.93 -37.77 7.15
N ALA A 459 -23.65 -37.44 7.19
CA ALA A 459 -23.05 -36.64 8.25
C ALA A 459 -22.41 -35.41 7.64
N PHE A 460 -22.45 -34.29 8.38
CA PHE A 460 -22.00 -33.02 7.83
C PHE A 460 -20.52 -33.05 7.45
N ASN A 461 -20.24 -32.65 6.22
CA ASN A 461 -18.89 -32.47 5.72
C ASN A 461 -18.76 -31.03 5.26
N LYS A 462 -17.81 -30.30 5.84
CA LYS A 462 -17.64 -28.89 5.55
C LYS A 462 -17.10 -28.63 4.16
N ASP A 463 -16.51 -29.64 3.51
CA ASP A 463 -16.02 -29.46 2.15
C ASP A 463 -17.18 -29.18 1.21
N LYS A 464 -16.87 -28.53 0.10
CA LYS A 464 -17.91 -28.27 -0.89
C LYS A 464 -18.32 -29.56 -1.58
N LEU A 465 -19.51 -29.55 -2.17
CA LEU A 465 -20.09 -30.73 -2.78
C LEU A 465 -19.66 -30.83 -4.23
N ASN A 466 -18.92 -31.88 -4.59
CA ASN A 466 -18.51 -32.08 -5.97
C ASN A 466 -19.37 -33.09 -6.72
N SER A 467 -20.36 -33.68 -6.08
CA SER A 467 -21.18 -34.72 -6.68
C SER A 467 -22.50 -34.11 -7.15
N PHE A 468 -22.69 -34.08 -8.47
CA PHE A 468 -23.82 -33.41 -9.07
C PHE A 468 -24.59 -34.32 -10.02
N ILE A 469 -25.86 -33.99 -10.21
CA ILE A 469 -26.71 -34.69 -11.16
C ILE A 469 -26.40 -34.19 -12.57
N THR A 470 -26.12 -35.11 -13.48
CA THR A 470 -25.83 -34.74 -14.86
C THR A 470 -27.05 -34.08 -15.47
N GLN A 471 -26.85 -32.89 -16.06
CA GLN A 471 -28.00 -32.12 -16.50
C GLN A 471 -27.61 -31.21 -17.66
N TYR A 472 -28.59 -30.91 -18.50
CA TYR A 472 -28.50 -29.82 -19.47
C TYR A 472 -29.93 -29.35 -19.74
N SER A 473 -30.04 -28.18 -20.35
CA SER A 473 -31.34 -27.57 -20.57
C SER A 473 -31.47 -27.12 -22.02
N THR A 474 -32.71 -26.80 -22.41
CA THR A 474 -32.99 -26.34 -23.76
C THR A 474 -34.22 -25.45 -23.74
N GLY A 475 -34.34 -24.62 -24.77
CA GLY A 475 -35.39 -23.62 -24.81
C GLY A 475 -35.36 -22.85 -26.12
N GLN A 476 -35.97 -21.67 -26.11
CA GLN A 476 -36.16 -20.89 -27.33
C GLN A 476 -35.52 -19.52 -27.21
N VAL A 477 -34.83 -19.11 -28.28
CA VAL A 477 -34.15 -17.83 -28.37
C VAL A 477 -34.87 -16.95 -29.39
N SER A 478 -35.10 -15.69 -29.03
CA SER A 478 -35.68 -14.72 -29.95
C SER A 478 -35.04 -13.36 -29.73
N VAL A 479 -34.69 -12.69 -30.82
CA VAL A 479 -34.11 -11.36 -30.74
C VAL A 479 -34.80 -10.39 -31.68
N ASP B 231 7.53 26.55 -30.15
CA ASP B 231 8.45 25.87 -29.24
C ASP B 231 9.07 26.82 -28.21
N ARG B 232 8.79 28.12 -28.37
CA ARG B 232 9.33 29.16 -27.50
C ARG B 232 8.37 29.60 -26.40
N LEU B 233 7.25 28.89 -26.20
CA LEU B 233 6.20 29.30 -25.29
C LEU B 233 6.65 29.41 -23.84
N MET B 234 7.87 29.02 -23.52
CA MET B 234 8.39 29.03 -22.16
C MET B 234 8.60 30.45 -21.63
N ASN B 235 8.68 30.55 -20.31
CA ASN B 235 9.18 31.76 -19.65
C ASN B 235 10.70 31.68 -19.57
N PRO B 236 11.43 32.56 -20.26
CA PRO B 236 12.90 32.45 -20.29
C PRO B 236 13.58 32.77 -18.97
N LEU B 237 12.89 33.31 -17.97
CA LEU B 237 13.57 33.73 -16.75
C LEU B 237 13.63 32.66 -15.66
N ILE B 238 12.89 31.57 -15.79
CA ILE B 238 12.70 30.63 -14.70
C ILE B 238 13.20 29.25 -15.11
N ASP B 239 13.66 28.47 -14.13
CA ASP B 239 13.94 27.06 -14.35
C ASP B 239 12.66 26.21 -14.27
N GLN B 240 12.64 25.15 -15.06
CA GLN B 240 11.69 24.07 -14.83
C GLN B 240 12.11 23.24 -13.63
N TYR B 241 11.15 22.51 -13.07
CA TYR B 241 11.43 21.50 -12.06
C TYR B 241 11.73 20.14 -12.68
N LEU B 242 11.87 20.08 -14.00
CA LEU B 242 12.10 18.83 -14.73
C LEU B 242 13.55 18.74 -15.17
N TYR B 243 14.04 17.50 -15.27
CA TYR B 243 15.43 17.21 -15.58
C TYR B 243 15.53 16.48 -16.92
N TYR B 244 16.71 16.54 -17.51
CA TYR B 244 17.03 15.79 -18.71
C TYR B 244 18.40 15.14 -18.52
N LEU B 245 18.72 14.17 -19.38
CA LEU B 245 19.99 13.47 -19.26
C LEU B 245 21.01 14.19 -20.13
N SER B 246 21.92 14.90 -19.46
CA SER B 246 22.89 15.74 -20.17
C SER B 246 24.11 14.94 -20.60
N LYS B 247 24.64 14.11 -19.71
CA LYS B 247 26.00 13.59 -19.82
C LYS B 247 26.00 12.09 -19.60
N THR B 248 26.42 11.33 -20.60
CA THR B 248 26.45 9.87 -20.48
C THR B 248 27.83 9.30 -20.12
N ILE B 249 28.91 9.92 -20.58
CA ILE B 249 30.25 9.45 -20.27
C ILE B 249 31.16 10.60 -19.86
N ASN B 250 32.13 10.30 -19.01
CA ASN B 250 33.10 11.29 -18.54
C ASN B 250 33.96 11.79 -19.71
N GLY B 251 34.31 10.89 -20.60
CA GLY B 251 35.08 11.22 -21.79
C GLY B 251 36.58 11.08 -21.71
N SER B 252 37.19 11.01 -22.89
CA SER B 252 38.63 10.89 -23.04
C SER B 252 39.23 9.71 -22.27
N GLY B 253 38.55 8.56 -22.33
CA GLY B 253 39.03 7.39 -21.64
C GLY B 253 38.29 6.13 -22.01
N GLN B 254 38.76 5.02 -21.44
CA GLN B 254 38.15 3.72 -21.66
C GLN B 254 37.25 3.45 -20.47
N ASN B 255 36.14 2.76 -20.71
CA ASN B 255 35.21 2.40 -19.64
C ASN B 255 34.71 3.57 -18.81
N GLN B 256 34.43 4.68 -19.47
CA GLN B 256 33.90 5.84 -18.76
C GLN B 256 32.46 5.80 -19.13
N GLN B 257 31.59 5.69 -18.15
CA GLN B 257 30.15 5.61 -18.38
C GLN B 257 29.45 6.09 -17.14
N THR B 258 28.49 6.97 -17.32
CA THR B 258 27.73 7.49 -16.20
C THR B 258 26.40 8.01 -16.74
N LEU B 259 25.54 8.45 -15.83
CA LEU B 259 24.36 9.21 -16.19
C LEU B 259 24.31 10.44 -15.31
N LYS B 260 24.41 11.61 -15.91
CA LYS B 260 24.33 12.88 -15.21
C LYS B 260 23.08 13.60 -15.65
N PHE B 261 22.35 14.15 -14.70
CA PHE B 261 21.11 14.85 -14.96
C PHE B 261 21.25 16.31 -14.57
N SER B 262 20.69 17.18 -15.40
CA SER B 262 20.72 18.61 -15.19
C SER B 262 19.31 19.16 -15.23
N VAL B 263 19.11 20.29 -14.57
CA VAL B 263 17.82 20.97 -14.65
C VAL B 263 17.60 21.43 -16.08
N ALA B 264 16.36 21.31 -16.56
CA ALA B 264 15.98 21.94 -17.81
C ALA B 264 15.69 23.41 -17.54
N GLY B 265 16.43 24.30 -18.20
CA GLY B 265 16.35 25.70 -17.91
C GLY B 265 16.69 26.59 -19.07
N PRO B 266 16.70 27.91 -18.83
CA PRO B 266 16.91 28.86 -19.92
C PRO B 266 18.25 28.73 -20.62
N SER B 267 19.27 28.24 -19.91
CA SER B 267 20.59 28.09 -20.53
C SER B 267 20.54 27.18 -21.76
N ASN B 268 19.89 26.01 -21.65
CA ASN B 268 19.68 25.11 -22.78
C ASN B 268 18.17 24.94 -22.94
N MET B 269 17.60 25.55 -23.98
CA MET B 269 16.16 25.51 -24.21
C MET B 269 15.73 24.47 -25.23
N ALA B 270 16.68 23.76 -25.85
CA ALA B 270 16.28 22.73 -26.81
C ALA B 270 15.75 21.49 -26.11
N VAL B 271 16.17 21.25 -24.87
CA VAL B 271 15.93 19.98 -24.18
C VAL B 271 14.75 20.05 -23.23
N GLN B 272 14.04 21.17 -23.15
CA GLN B 272 12.94 21.25 -22.20
C GLN B 272 11.73 20.45 -22.67
N GLY B 273 10.99 19.94 -21.69
CA GLY B 273 9.77 19.22 -22.01
C GLY B 273 8.67 20.15 -22.45
N ARG B 274 8.02 19.80 -23.56
CA ARG B 274 6.99 20.62 -24.16
C ARG B 274 5.72 19.81 -24.35
N ASN B 275 4.59 20.50 -24.29
CA ASN B 275 3.28 19.87 -24.34
C ASN B 275 2.73 19.70 -25.75
N TYR B 276 3.33 20.34 -26.74
CA TYR B 276 2.76 20.35 -28.09
C TYR B 276 3.89 20.32 -29.11
N ILE B 277 3.70 19.53 -30.15
CA ILE B 277 4.72 19.29 -31.16
C ILE B 277 4.15 19.72 -32.50
N PRO B 278 5.01 20.04 -33.48
CA PRO B 278 4.51 20.52 -34.76
C PRO B 278 3.76 19.45 -35.53
N GLY B 279 3.00 19.90 -36.52
CA GLY B 279 2.07 19.06 -37.24
C GLY B 279 2.73 18.10 -38.21
N PRO B 280 1.92 17.53 -39.09
CA PRO B 280 2.43 16.49 -40.01
C PRO B 280 3.28 17.06 -41.13
N SER B 281 4.01 16.16 -41.78
CA SER B 281 4.88 16.52 -42.87
C SER B 281 4.94 15.39 -43.88
N TYR B 282 5.04 15.76 -45.16
CA TYR B 282 5.31 14.82 -46.24
C TYR B 282 6.39 15.47 -47.09
N ARG B 283 7.57 14.86 -47.16
CA ARG B 283 8.74 15.54 -47.71
C ARG B 283 8.52 15.97 -49.16
N GLN B 284 9.03 17.17 -49.47
CA GLN B 284 9.11 17.70 -50.83
C GLN B 284 10.58 17.85 -51.21
N GLN B 285 10.83 17.91 -52.51
CA GLN B 285 12.21 18.12 -52.97
C GLN B 285 12.67 19.54 -52.69
N ASN B 368 4.28 24.47 -38.02
CA ASN B 368 4.46 23.48 -39.08
C ASN B 368 5.93 23.35 -39.50
N PRO B 369 6.38 22.12 -39.72
CA PRO B 369 7.77 21.94 -40.18
C PRO B 369 7.93 22.38 -41.63
N VAL B 370 9.19 22.58 -42.02
CA VAL B 370 9.49 23.01 -43.38
C VAL B 370 9.26 21.85 -44.33
N ALA B 371 8.75 22.16 -45.52
CA ALA B 371 8.36 21.12 -46.46
C ALA B 371 9.56 20.39 -47.04
N THR B 372 10.73 21.03 -47.05
CA THR B 372 11.94 20.42 -47.60
C THR B 372 12.80 19.76 -46.52
N GLU B 373 12.34 19.76 -45.29
CA GLU B 373 13.11 19.26 -44.15
C GLU B 373 12.49 17.98 -43.62
N SER B 374 13.35 17.12 -43.07
CA SER B 374 12.86 15.96 -42.36
C SER B 374 12.24 16.38 -41.04
N TYR B 375 11.16 15.69 -40.67
CA TYR B 375 10.42 16.06 -39.46
C TYR B 375 11.30 16.03 -38.24
N GLY B 376 12.19 15.04 -38.16
CA GLY B 376 13.05 14.90 -37.00
C GLY B 376 13.83 13.61 -37.09
N GLN B 377 14.30 13.13 -35.95
CA GLN B 377 14.98 11.85 -35.85
C GLN B 377 14.36 10.96 -34.79
N VAL B 378 14.64 9.68 -34.91
CA VAL B 378 14.16 8.64 -34.00
C VAL B 378 15.33 7.72 -33.69
N ALA B 379 15.14 6.86 -32.69
CA ALA B 379 16.13 5.83 -32.44
C ALA B 379 15.83 4.61 -33.31
N THR B 380 16.81 4.17 -34.09
CA THR B 380 16.61 3.02 -34.96
C THR B 380 17.17 1.72 -34.41
N ASN B 381 17.74 1.71 -33.21
CA ASN B 381 18.26 0.47 -32.67
C ASN B 381 18.23 0.55 -31.15
N HIS B 382 18.72 -0.51 -30.53
CA HIS B 382 19.05 -0.51 -29.11
C HIS B 382 20.56 -0.35 -28.97
N GLN B 383 20.98 0.70 -28.27
CA GLN B 383 22.39 0.83 -27.94
C GLN B 383 22.78 -0.25 -26.95
N SER B 384 24.08 -0.50 -26.87
CA SER B 384 24.64 -1.43 -25.90
C SER B 384 26.13 -1.14 -25.82
N ALA B 385 26.84 -1.95 -25.03
CA ALA B 385 28.28 -1.80 -24.95
C ALA B 385 28.92 -1.90 -26.33
N GLN B 386 28.37 -2.77 -27.19
CA GLN B 386 28.96 -2.98 -28.51
C GLN B 386 28.23 -2.22 -29.60
N ALA B 387 27.19 -1.47 -29.25
CA ALA B 387 26.33 -0.83 -30.26
C ALA B 387 26.14 0.64 -29.96
N GLN B 388 26.46 1.49 -30.94
CA GLN B 388 26.23 2.92 -30.81
C GLN B 388 24.79 3.27 -31.14
N ALA B 389 24.27 4.27 -30.44
CA ALA B 389 22.91 4.71 -30.68
C ALA B 389 22.77 5.25 -32.09
N GLN B 390 21.84 4.69 -32.85
CA GLN B 390 21.62 5.08 -34.23
C GLN B 390 20.32 5.84 -34.36
N THR B 391 20.28 6.75 -35.32
CA THR B 391 19.09 7.53 -35.60
C THR B 391 18.64 7.25 -37.03
N GLY B 392 17.52 7.84 -37.39
CA GLY B 392 17.06 7.81 -38.77
C GLY B 392 16.21 9.02 -39.02
N TRP B 393 16.15 9.44 -40.27
CA TRP B 393 15.41 10.66 -40.59
C TRP B 393 13.95 10.32 -40.81
N VAL B 394 13.07 11.11 -40.21
CA VAL B 394 11.64 10.94 -40.43
C VAL B 394 11.26 11.81 -41.62
N GLN B 395 10.97 11.17 -42.75
CA GLN B 395 10.64 11.92 -43.94
C GLN B 395 9.19 12.37 -43.93
N ASN B 396 8.29 11.51 -43.49
CA ASN B 396 6.90 11.86 -43.28
C ASN B 396 6.49 11.42 -41.88
N GLN B 397 5.61 12.20 -41.25
CA GLN B 397 5.06 11.86 -39.96
C GLN B 397 3.57 12.13 -39.96
N GLY B 398 2.78 11.10 -39.70
CA GLY B 398 1.35 11.25 -39.54
C GLY B 398 1.01 11.93 -38.23
N ILE B 399 -0.29 11.99 -37.94
CA ILE B 399 -0.75 12.69 -36.74
C ILE B 399 -0.29 11.95 -35.50
N LEU B 400 0.11 12.72 -34.49
CA LEU B 400 0.33 12.25 -33.13
C LEU B 400 -0.53 13.09 -32.20
N PRO B 401 -1.09 12.48 -31.15
CA PRO B 401 -1.80 13.29 -30.16
C PRO B 401 -0.85 14.31 -29.53
N GLY B 402 -1.30 15.56 -29.53
CA GLY B 402 -0.47 16.66 -29.09
C GLY B 402 0.02 17.57 -30.20
N MET B 403 -0.09 17.15 -31.46
CA MET B 403 0.32 18.01 -32.57
C MET B 403 -0.60 19.21 -32.69
N VAL B 404 -0.01 20.33 -33.10
CA VAL B 404 -0.75 21.49 -33.58
C VAL B 404 -0.24 21.81 -34.97
N TRP B 405 -1.11 22.38 -35.79
CA TRP B 405 -0.74 22.73 -37.15
C TRP B 405 -1.57 23.93 -37.60
N GLN B 406 -0.99 24.69 -38.53
CA GLN B 406 -1.71 25.71 -39.27
C GLN B 406 -2.02 25.17 -40.67
N ASP B 407 -3.25 25.42 -41.13
CA ASP B 407 -3.62 25.05 -42.48
C ASP B 407 -2.98 26.03 -43.46
N ARG B 408 -3.20 25.80 -44.75
CA ARG B 408 -2.58 26.63 -45.78
C ARG B 408 -3.35 27.92 -45.99
N SER C 23 -7.93 41.81 7.04
CA SER C 23 -8.65 41.85 5.77
C SER C 23 -8.85 40.45 5.21
N GLY C 24 -8.60 39.44 6.04
CA GLY C 24 -8.76 38.05 5.62
C GLY C 24 -8.38 37.11 6.73
N ASN C 25 -8.86 35.88 6.61
CA ASN C 25 -8.61 34.84 7.59
C ASN C 25 -7.75 33.74 6.97
N TRP C 26 -7.43 32.74 7.78
CA TRP C 26 -6.55 31.65 7.36
C TRP C 26 -7.40 30.43 7.04
N HIS C 27 -7.48 30.08 5.75
CA HIS C 27 -8.23 28.91 5.31
C HIS C 27 -7.28 27.90 4.66
N CYS C 28 -7.04 26.79 5.34
CA CYS C 28 -6.43 25.61 4.73
C CYS C 28 -7.17 24.37 5.20
N ASP C 29 -7.79 23.64 4.27
CA ASP C 29 -8.33 22.32 4.57
C ASP C 29 -8.76 21.66 3.26
N SER C 30 -9.38 20.50 3.39
CA SER C 30 -10.05 19.81 2.30
C SER C 30 -11.43 19.38 2.78
N GLN C 31 -12.38 19.28 1.86
CA GLN C 31 -13.73 18.87 2.20
C GLN C 31 -14.22 17.86 1.16
N TRP C 32 -14.52 16.65 1.63
CA TRP C 32 -14.95 15.54 0.78
C TRP C 32 -16.45 15.38 0.98
N LEU C 33 -17.23 15.76 -0.04
CA LEU C 33 -18.68 15.70 0.02
C LEU C 33 -19.21 15.07 -1.26
N GLY C 34 -19.82 13.90 -1.15
CA GLY C 34 -20.37 13.25 -2.32
C GLY C 34 -19.31 13.00 -3.38
N ASP C 35 -19.59 13.46 -4.60
CA ASP C 35 -18.73 13.26 -5.75
C ASP C 35 -17.78 14.43 -5.99
N ARG C 36 -17.70 15.40 -5.09
CA ARG C 36 -16.81 16.55 -5.27
C ARG C 36 -15.83 16.66 -4.11
N VAL C 37 -14.73 17.37 -4.35
CA VAL C 37 -13.74 17.70 -3.34
C VAL C 37 -13.48 19.18 -3.38
N ILE C 38 -13.40 19.80 -2.20
CA ILE C 38 -13.09 21.22 -2.07
C ILE C 38 -11.74 21.33 -1.38
N THR C 39 -10.73 21.77 -2.13
CA THR C 39 -9.38 21.92 -1.60
C THR C 39 -9.08 23.40 -1.39
N THR C 40 -8.54 23.72 -0.21
CA THR C 40 -8.25 25.09 0.17
C THR C 40 -6.81 25.21 0.63
N SER C 41 -6.03 26.04 -0.07
CA SER C 41 -4.62 26.23 0.21
C SER C 41 -4.34 27.71 0.44
N THR C 42 -3.71 28.03 1.57
CA THR C 42 -3.36 29.40 1.90
C THR C 42 -1.87 29.47 2.22
N ARG C 43 -1.16 30.37 1.54
CA ARG C 43 0.28 30.49 1.67
C ARG C 43 0.66 31.95 1.91
N THR C 44 1.92 32.15 2.29
CA THR C 44 2.51 33.47 2.47
C THR C 44 3.53 33.70 1.36
N TRP C 45 3.46 34.88 0.75
CA TRP C 45 4.30 35.25 -0.39
C TRP C 45 5.14 36.46 -0.06
N ALA C 46 6.23 36.63 -0.81
CA ALA C 46 7.06 37.83 -0.75
C ALA C 46 7.46 38.22 -2.16
N LEU C 47 7.15 39.46 -2.54
CA LEU C 47 7.39 39.95 -3.90
C LEU C 47 8.46 41.02 -3.89
N PRO C 48 9.67 40.75 -4.37
CA PRO C 48 10.65 41.83 -4.56
C PRO C 48 10.35 42.67 -5.78
N THR C 49 10.94 43.86 -5.84
CA THR C 49 10.84 44.65 -7.06
C THR C 49 11.83 44.13 -8.10
N TYR C 50 11.31 43.78 -9.27
CA TYR C 50 12.11 43.18 -10.33
C TYR C 50 12.44 44.19 -11.42
N ASN C 51 13.56 43.98 -12.10
CA ASN C 51 14.03 44.86 -13.17
C ASN C 51 14.00 46.31 -12.72
N ASN C 52 13.84 46.52 -11.41
CA ASN C 52 13.82 47.86 -10.84
C ASN C 52 12.83 48.79 -11.55
N HIS C 53 11.59 48.34 -11.65
CA HIS C 53 10.46 49.06 -12.29
C HIS C 53 10.71 49.34 -13.78
N LEU C 54 11.35 48.43 -14.48
CA LEU C 54 11.64 48.62 -15.89
C LEU C 54 11.33 47.40 -16.76
N TYR C 55 11.33 47.59 -18.07
CA TYR C 55 11.17 46.49 -19.00
C TYR C 55 12.46 46.31 -19.78
N LYS C 56 13.20 45.24 -19.47
CA LYS C 56 14.50 45.02 -20.08
C LYS C 56 14.39 43.98 -21.18
N GLN C 57 15.18 44.17 -22.24
CA GLN C 57 15.31 43.18 -23.30
C GLN C 57 16.36 42.15 -22.91
N ILE C 58 16.10 40.88 -23.24
CA ILE C 58 17.02 39.78 -22.99
C ILE C 58 17.08 38.91 -24.23
N SER C 59 18.23 38.31 -24.48
CA SER C 59 18.44 37.46 -25.64
C SER C 59 19.58 36.49 -25.37
N ASN C 60 19.69 35.48 -26.23
CA ASN C 60 20.80 34.53 -26.14
C ASN C 60 22.14 35.23 -26.08
N SER C 61 22.30 36.33 -26.81
CA SER C 61 23.57 37.05 -26.85
C SER C 61 23.89 37.68 -25.49
N THR C 62 22.86 38.09 -24.75
CA THR C 62 23.08 38.59 -23.40
C THR C 62 23.63 37.47 -22.51
N SER C 63 23.21 36.24 -22.76
CA SER C 63 23.79 35.08 -22.08
C SER C 63 24.87 34.40 -22.91
N GLY C 64 25.20 34.93 -24.09
CA GLY C 64 26.28 34.44 -24.92
C GLY C 64 25.83 33.65 -26.14
N GLY C 65 24.64 33.05 -26.11
CA GLY C 65 24.08 32.40 -27.29
C GLY C 65 24.97 31.33 -27.92
N SER C 66 25.35 30.33 -27.14
CA SER C 66 26.36 29.38 -27.60
C SER C 66 25.90 28.60 -28.83
N SER C 67 24.63 28.18 -28.86
CA SER C 67 24.17 27.22 -29.84
C SER C 67 23.04 27.80 -30.69
N ASN C 68 22.82 27.15 -31.84
CA ASN C 68 21.71 27.53 -32.70
C ASN C 68 20.38 27.18 -32.06
N ASP C 69 20.27 26.00 -31.47
CA ASP C 69 19.00 25.52 -30.95
C ASP C 69 18.55 26.35 -29.75
N ASN C 70 19.49 27.01 -29.07
CA ASN C 70 19.14 27.76 -27.87
C ASN C 70 18.93 29.24 -28.17
N ALA C 71 19.01 29.64 -29.43
CA ALA C 71 18.80 31.04 -29.80
C ALA C 71 17.40 31.49 -29.41
N TYR C 72 17.32 32.59 -28.65
CA TYR C 72 16.03 33.11 -28.24
C TYR C 72 16.09 34.63 -28.16
N PHE C 73 14.90 35.24 -28.16
CA PHE C 73 14.73 36.68 -28.08
C PHE C 73 13.41 36.99 -27.39
N GLY C 74 13.40 38.05 -26.58
CA GLY C 74 12.18 38.43 -25.89
C GLY C 74 12.44 39.52 -24.89
N TYR C 75 11.49 39.69 -23.97
CA TYR C 75 11.53 40.75 -22.98
C TYR C 75 11.35 40.16 -21.59
N SER C 76 11.80 40.91 -20.58
CA SER C 76 11.55 40.59 -19.19
C SER C 76 10.88 41.79 -18.51
N THR C 77 9.86 41.51 -17.71
CA THR C 77 9.00 42.53 -17.14
C THR C 77 9.19 42.60 -15.63
N PRO C 78 8.91 43.75 -15.01
CA PRO C 78 9.08 43.86 -13.56
C PRO C 78 8.07 43.06 -12.76
N TRP C 79 6.98 42.61 -13.38
CA TRP C 79 5.86 42.03 -12.66
C TRP C 79 6.17 40.62 -12.16
N GLY C 80 5.56 40.27 -11.03
CA GLY C 80 5.53 38.91 -10.54
C GLY C 80 4.16 38.27 -10.77
N TYR C 81 4.10 36.96 -10.57
CA TYR C 81 2.84 36.25 -10.75
C TYR C 81 2.66 35.13 -9.74
N PHE C 82 1.41 34.79 -9.44
CA PHE C 82 1.11 33.73 -8.51
C PHE C 82 0.91 32.48 -9.33
N ASP C 83 1.64 31.42 -9.01
CA ASP C 83 1.52 30.17 -9.76
C ASP C 83 1.15 29.00 -8.88
N PHE C 84 0.06 28.31 -9.21
CA PHE C 84 -0.37 27.13 -8.46
C PHE C 84 -0.71 25.95 -9.38
N ASN C 85 -0.02 25.85 -10.52
CA ASN C 85 -0.25 24.79 -11.50
C ASN C 85 0.02 23.36 -11.02
N ARG C 86 1.04 23.15 -10.19
CA ARG C 86 1.35 21.81 -9.69
C ARG C 86 0.27 21.30 -8.73
N PHE C 87 0.11 19.98 -8.65
CA PHE C 87 -0.91 19.36 -7.80
C PHE C 87 -0.67 19.43 -6.31
N HIS C 88 0.55 19.17 -5.86
CA HIS C 88 0.86 19.15 -4.43
C HIS C 88 0.56 20.47 -3.75
N CYS C 89 0.42 21.56 -4.51
CA CYS C 89 -0.09 22.79 -3.93
C CYS C 89 -1.45 22.57 -3.29
N HIS C 90 -2.35 21.90 -4.02
CA HIS C 90 -3.75 21.80 -3.65
C HIS C 90 -4.13 20.56 -2.86
N PHE C 91 -3.24 19.57 -2.79
CA PHE C 91 -3.54 18.30 -2.13
C PHE C 91 -2.46 17.97 -1.14
N SER C 92 -2.85 17.69 0.10
CA SER C 92 -1.94 17.08 1.05
C SER C 92 -1.65 15.65 0.63
N PRO C 93 -0.53 15.08 1.08
CA PRO C 93 -0.22 13.69 0.68
C PRO C 93 -1.27 12.69 1.13
N ARG C 94 -1.97 12.95 2.24
CA ARG C 94 -3.06 12.07 2.63
C ARG C 94 -4.26 12.26 1.71
N ASP C 95 -4.62 13.51 1.43
CA ASP C 95 -5.75 13.78 0.54
C ASP C 95 -5.49 13.26 -0.86
N TRP C 96 -4.22 13.23 -1.27
CA TRP C 96 -3.89 12.67 -2.57
C TRP C 96 -4.09 11.16 -2.57
N GLN C 97 -3.70 10.50 -1.47
CA GLN C 97 -3.95 9.07 -1.33
C GLN C 97 -5.45 8.80 -1.29
N ARG C 98 -6.19 9.61 -0.53
CA ARG C 98 -7.64 9.46 -0.47
C ARG C 98 -8.28 9.65 -1.83
N LEU C 99 -7.66 10.45 -2.70
CA LEU C 99 -8.17 10.65 -4.06
C LEU C 99 -7.89 9.45 -4.94
N ILE C 100 -6.65 8.99 -4.97
CA ILE C 100 -6.23 8.04 -5.99
C ILE C 100 -6.68 6.61 -5.70
N ASN C 101 -6.83 6.25 -4.42
CA ASN C 101 -7.22 4.89 -4.08
C ASN C 101 -8.72 4.67 -4.20
N ASN C 102 -9.52 5.70 -4.05
CA ASN C 102 -10.97 5.57 -4.05
C ASN C 102 -11.67 5.96 -5.35
N ASN C 103 -10.95 6.37 -6.38
CA ASN C 103 -11.61 7.01 -7.52
C ASN C 103 -11.00 6.60 -8.85
N TRP C 104 -11.85 6.58 -9.89
CA TRP C 104 -11.43 6.32 -11.26
C TRP C 104 -11.22 7.58 -12.09
N GLY C 105 -11.47 8.74 -11.54
CA GLY C 105 -11.26 9.96 -12.30
C GLY C 105 -11.59 11.18 -11.49
N PHE C 106 -11.02 12.30 -11.92
CA PHE C 106 -11.23 13.57 -11.24
C PHE C 106 -10.98 14.68 -12.24
N ARG C 107 -11.39 15.88 -11.88
CA ARG C 107 -11.23 17.07 -12.72
C ARG C 107 -11.70 18.29 -11.96
N PRO C 108 -11.14 19.46 -12.24
CA PRO C 108 -11.55 20.67 -11.53
C PRO C 108 -12.85 21.24 -12.06
N LYS C 109 -13.57 21.93 -11.19
CA LYS C 109 -14.84 22.57 -11.55
C LYS C 109 -14.77 24.07 -11.40
N ARG C 110 -14.57 24.58 -10.19
CA ARG C 110 -14.61 26.00 -9.90
C ARG C 110 -13.36 26.43 -9.14
N LEU C 111 -12.93 27.67 -9.39
CA LEU C 111 -11.73 28.22 -8.78
C LEU C 111 -12.09 29.50 -8.03
N ASN C 112 -11.44 29.71 -6.90
CA ASN C 112 -11.66 30.90 -6.08
C ASN C 112 -10.32 31.38 -5.56
N PHE C 113 -10.04 32.67 -5.74
CA PHE C 113 -8.76 33.27 -5.39
C PHE C 113 -9.00 34.45 -4.46
N LYS C 114 -8.14 34.59 -3.44
CA LYS C 114 -8.17 35.74 -2.56
C LYS C 114 -6.74 36.15 -2.20
N LEU C 115 -6.47 37.44 -2.34
CA LEU C 115 -5.19 38.03 -1.99
C LEU C 115 -5.45 39.09 -0.93
N PHE C 116 -4.86 38.93 0.25
CA PHE C 116 -5.21 39.79 1.37
C PHE C 116 -4.00 39.91 2.31
N ASN C 117 -4.19 40.71 3.36
CA ASN C 117 -3.16 41.00 4.34
C ASN C 117 -1.88 41.48 3.68
N ILE C 118 -2.02 42.47 2.79
CA ILE C 118 -0.88 43.01 2.05
C ILE C 118 -0.05 43.90 2.97
N GLN C 119 1.27 43.70 2.96
CA GLN C 119 2.18 44.50 3.76
C GLN C 119 3.36 44.92 2.90
N VAL C 120 3.51 46.22 2.68
CA VAL C 120 4.62 46.73 1.91
C VAL C 120 5.60 47.45 2.83
N LEU C 150 -1.97 38.39 -23.32
CA LEU C 150 -0.59 38.18 -22.93
C LEU C 150 -0.10 36.79 -23.29
N PRO C 151 1.22 36.61 -23.39
CA PRO C 151 1.76 35.26 -23.52
C PRO C 151 1.49 34.46 -22.28
N TYR C 152 1.20 33.17 -22.46
CA TYR C 152 0.85 32.28 -21.37
C TYR C 152 2.04 31.38 -21.09
N VAL C 153 2.73 31.64 -19.98
CA VAL C 153 3.93 30.90 -19.62
C VAL C 153 3.68 29.83 -18.57
N LEU C 154 2.45 29.68 -18.07
CA LEU C 154 2.20 28.77 -16.97
C LEU C 154 2.32 27.30 -17.37
N GLY C 155 2.21 26.98 -18.65
CA GLY C 155 2.17 25.60 -19.07
C GLY C 155 3.49 24.99 -19.52
N SER C 156 4.60 25.52 -19.05
CA SER C 156 5.90 24.97 -19.43
C SER C 156 6.62 24.30 -18.26
N ALA C 157 5.85 23.87 -17.26
CA ALA C 157 6.34 23.18 -16.08
C ALA C 157 7.40 23.93 -15.30
N HIS C 158 7.23 25.25 -15.20
CA HIS C 158 8.16 26.12 -14.49
C HIS C 158 8.02 26.12 -12.98
N GLU C 159 9.09 26.56 -12.32
CA GLU C 159 9.17 26.69 -10.87
C GLU C 159 8.50 28.00 -10.41
N GLY C 160 8.40 28.19 -9.11
CA GLY C 160 7.78 29.39 -8.57
C GLY C 160 6.35 29.27 -8.09
N CYS C 161 5.82 28.05 -8.09
CA CYS C 161 4.47 27.77 -7.59
C CYS C 161 4.46 27.73 -6.07
N LEU C 162 3.29 27.76 -5.46
CA LEU C 162 3.23 27.74 -4.00
C LEU C 162 3.85 26.45 -3.44
N PRO C 163 4.57 26.57 -2.32
CA PRO C 163 5.26 25.44 -1.69
C PRO C 163 4.32 24.31 -1.31
N PRO C 164 4.81 23.06 -1.37
CA PRO C 164 3.99 21.90 -1.01
C PRO C 164 3.53 21.94 0.43
N PHE C 165 4.33 22.53 1.29
CA PHE C 165 4.09 22.49 2.72
C PHE C 165 3.58 23.85 3.19
N PRO C 166 2.45 23.91 3.89
CA PRO C 166 1.80 25.21 4.14
C PRO C 166 2.60 26.17 5.00
N ALA C 167 3.58 25.69 5.76
CA ALA C 167 4.33 26.57 6.64
C ALA C 167 5.53 27.18 5.93
N ASP C 168 5.68 26.91 4.64
CA ASP C 168 6.83 27.43 3.92
C ASP C 168 6.43 28.69 3.16
N VAL C 169 7.31 29.69 3.20
CA VAL C 169 7.08 30.98 2.57
C VAL C 169 7.93 31.06 1.32
N PHE C 170 7.36 31.57 0.24
CA PHE C 170 7.97 31.46 -1.07
C PHE C 170 8.12 32.82 -1.73
N MET C 171 8.95 32.86 -2.76
CA MET C 171 9.26 34.07 -3.50
C MET C 171 8.54 34.05 -4.84
N ILE C 172 7.78 35.11 -5.11
CA ILE C 172 6.99 35.18 -6.34
C ILE C 172 7.94 35.23 -7.54
N PRO C 173 7.69 34.45 -8.58
CA PRO C 173 8.60 34.42 -9.73
C PRO C 173 8.50 35.67 -10.60
N GLN C 174 9.53 35.85 -11.43
CA GLN C 174 9.60 36.97 -12.34
C GLN C 174 8.98 36.61 -13.68
N TYR C 175 8.07 37.45 -14.16
CA TYR C 175 7.40 37.22 -15.44
C TYR C 175 8.31 37.61 -16.59
N GLY C 176 8.09 36.98 -17.74
CA GLY C 176 8.82 37.26 -18.96
C GLY C 176 8.13 36.55 -20.08
N TYR C 177 8.59 36.82 -21.30
CA TYR C 177 8.00 36.18 -22.46
C TYR C 177 9.01 36.20 -23.61
N LEU C 178 8.72 35.38 -24.61
CA LEU C 178 9.55 35.28 -25.81
C LEU C 178 8.72 35.58 -27.05
N THR C 179 9.41 35.95 -28.12
CA THR C 179 8.76 36.19 -29.40
C THR C 179 9.64 35.67 -30.53
N LEU C 180 9.26 35.96 -31.77
CA LEU C 180 9.96 35.42 -32.93
C LEU C 180 11.34 36.03 -33.14
N PHE C 209 -8.68 41.93 -2.45
CA PHE C 209 -8.74 41.44 -3.83
C PHE C 209 -9.18 39.98 -3.88
N GLN C 210 -10.15 39.69 -4.76
CA GLN C 210 -10.60 38.33 -4.98
C GLN C 210 -11.23 38.23 -6.36
N PHE C 211 -11.28 37.02 -6.89
CA PHE C 211 -12.05 36.74 -8.10
C PHE C 211 -12.36 35.26 -8.13
N SER C 212 -13.35 34.90 -8.95
CA SER C 212 -13.75 33.51 -9.12
C SER C 212 -13.54 33.10 -10.57
N TYR C 213 -13.36 31.80 -10.77
CA TYR C 213 -13.09 31.25 -12.09
C TYR C 213 -13.88 29.98 -12.29
N GLU C 214 -14.25 29.72 -13.55
CA GLU C 214 -15.02 28.55 -13.93
C GLU C 214 -14.21 27.72 -14.92
N PHE C 215 -13.86 26.50 -14.53
CA PHE C 215 -13.18 25.59 -15.45
C PHE C 215 -14.11 25.15 -16.56
N GLU C 216 -13.62 25.18 -17.79
CA GLU C 216 -14.39 24.64 -18.90
C GLU C 216 -14.41 23.13 -18.86
N ASN C 217 -15.37 22.55 -19.57
CA ASN C 217 -15.62 21.13 -19.47
C ASN C 217 -14.46 20.33 -20.07
N VAL C 218 -13.84 19.49 -19.26
CA VAL C 218 -12.76 18.62 -19.70
C VAL C 218 -13.11 17.19 -19.33
N PRO C 219 -12.56 16.20 -20.03
CA PRO C 219 -12.79 14.81 -19.65
C PRO C 219 -12.07 14.45 -18.38
N PHE C 220 -12.70 13.58 -17.59
CA PHE C 220 -12.06 13.07 -16.37
C PHE C 220 -10.70 12.48 -16.71
N HIS C 221 -9.68 12.91 -15.97
CA HIS C 221 -8.42 12.19 -16.02
C HIS C 221 -8.65 10.76 -15.58
N SER C 222 -8.08 9.82 -16.34
CA SER C 222 -8.25 8.40 -16.08
C SER C 222 -7.27 7.82 -15.08
N SER C 223 -7.60 7.93 -13.80
CA SER C 223 -6.74 7.40 -12.76
C SER C 223 -7.01 5.92 -12.47
N TYR C 224 -6.72 5.08 -13.44
CA TYR C 224 -6.91 3.64 -13.28
C TYR C 224 -5.98 2.95 -14.28
N ALA C 225 -5.67 1.70 -14.02
CA ALA C 225 -4.80 0.94 -14.91
C ALA C 225 -5.63 -0.20 -15.47
N HIS C 226 -5.57 -0.42 -16.78
CA HIS C 226 -6.36 -1.49 -17.36
C HIS C 226 -5.91 -2.86 -16.89
N SER C 227 -6.88 -3.73 -16.61
CA SER C 227 -6.60 -5.09 -16.16
C SER C 227 -6.59 -6.09 -17.32
N GLN C 228 -6.77 -5.57 -18.52
CA GLN C 228 -6.77 -6.39 -19.74
C GLN C 228 -5.90 -5.69 -20.77
N SER C 229 -5.31 -6.46 -21.68
CA SER C 229 -4.43 -5.91 -22.69
C SER C 229 -5.14 -5.91 -24.03
N LEU C 230 -4.67 -5.04 -24.91
CA LEU C 230 -5.38 -4.79 -26.17
C LEU C 230 -5.48 -6.05 -27.03
N ASP C 231 -4.45 -6.89 -27.00
CA ASP C 231 -4.42 -8.08 -27.84
C ASP C 231 -5.13 -9.27 -27.24
N ARG C 232 -5.41 -9.26 -25.94
CA ARG C 232 -6.00 -10.40 -25.23
C ARG C 232 -7.51 -10.29 -25.01
N LEU C 233 -8.17 -9.30 -25.60
CA LEU C 233 -9.60 -9.08 -25.40
C LEU C 233 -10.48 -10.27 -25.78
N MET C 234 -9.95 -11.25 -26.50
CA MET C 234 -10.69 -12.39 -27.01
C MET C 234 -11.18 -13.32 -25.91
N ASN C 235 -12.15 -14.14 -26.25
CA ASN C 235 -12.54 -15.27 -25.41
C ASN C 235 -11.56 -16.42 -25.63
N PRO C 236 -10.87 -16.88 -24.59
CA PRO C 236 -9.85 -17.92 -24.78
C PRO C 236 -10.40 -19.29 -25.12
N LEU C 237 -11.69 -19.54 -24.94
CA LEU C 237 -12.23 -20.89 -25.05
C LEU C 237 -12.78 -21.25 -26.42
N ILE C 238 -12.92 -20.30 -27.33
CA ILE C 238 -13.67 -20.52 -28.58
C ILE C 238 -12.81 -20.08 -29.75
N ASP C 239 -12.87 -20.85 -30.84
CA ASP C 239 -12.21 -20.47 -32.08
C ASP C 239 -12.93 -19.29 -32.72
N GLN C 240 -12.21 -18.53 -33.52
CA GLN C 240 -12.84 -17.63 -34.47
C GLN C 240 -13.26 -18.39 -35.73
N TYR C 241 -14.25 -17.84 -36.42
CA TYR C 241 -14.63 -18.38 -37.73
C TYR C 241 -13.76 -17.86 -38.85
N LEU C 242 -12.84 -16.95 -38.58
CA LEU C 242 -11.91 -16.47 -39.58
C LEU C 242 -10.76 -17.45 -39.78
N TYR C 243 -10.16 -17.40 -40.96
CA TYR C 243 -9.08 -18.28 -41.36
C TYR C 243 -7.84 -17.46 -41.71
N TYR C 244 -6.67 -18.05 -41.47
CA TYR C 244 -5.41 -17.38 -41.76
C TYR C 244 -4.52 -18.36 -42.51
N LEU C 245 -3.45 -17.83 -43.10
CA LEU C 245 -2.59 -18.61 -43.99
C LEU C 245 -1.45 -19.20 -43.18
N SER C 246 -1.51 -20.52 -42.96
CA SER C 246 -0.56 -21.22 -42.10
C SER C 246 0.72 -21.65 -42.80
N LYS C 247 0.65 -22.20 -44.01
CA LYS C 247 1.83 -22.78 -44.66
C LYS C 247 1.89 -22.40 -46.12
N THR C 248 3.05 -21.91 -46.55
CA THR C 248 3.29 -21.56 -47.95
C THR C 248 4.05 -22.61 -48.75
N ILE C 249 4.50 -23.71 -48.14
CA ILE C 249 5.18 -24.78 -48.87
C ILE C 249 4.83 -26.13 -48.26
N ASN C 250 5.08 -27.18 -49.04
CA ASN C 250 4.87 -28.55 -48.56
C ASN C 250 6.03 -29.01 -47.69
N GLY C 251 7.25 -28.67 -48.07
CA GLY C 251 8.42 -29.14 -47.35
C GLY C 251 9.69 -28.77 -48.11
N SER C 252 10.74 -29.54 -47.84
CA SER C 252 12.03 -29.27 -48.46
C SER C 252 12.09 -29.87 -49.86
N GLY C 253 12.60 -29.10 -50.80
CA GLY C 253 12.79 -29.55 -52.15
C GLY C 253 12.61 -28.39 -53.12
N GLN C 254 12.47 -28.74 -54.40
CA GLN C 254 12.11 -27.78 -55.42
C GLN C 254 10.61 -27.84 -55.70
N ASN C 255 10.03 -26.68 -55.97
CA ASN C 255 8.62 -26.57 -56.35
C ASN C 255 7.70 -27.18 -55.31
N GLN C 256 7.88 -26.78 -54.06
CA GLN C 256 7.06 -27.21 -52.95
C GLN C 256 5.93 -26.25 -52.62
N GLN C 257 5.74 -25.21 -53.44
CA GLN C 257 4.74 -24.18 -53.18
C GLN C 257 3.37 -24.80 -52.94
N THR C 258 2.68 -24.29 -51.93
CA THR C 258 1.29 -24.63 -51.64
C THR C 258 0.71 -23.52 -50.79
N LEU C 259 -0.60 -23.49 -50.69
CA LEU C 259 -1.29 -22.52 -49.83
C LEU C 259 -2.22 -23.29 -48.89
N LYS C 260 -1.91 -23.22 -47.60
CA LYS C 260 -2.69 -23.90 -46.57
C LYS C 260 -3.30 -22.84 -45.66
N PHE C 261 -4.51 -23.11 -45.18
CA PHE C 261 -5.22 -22.17 -44.31
C PHE C 261 -5.69 -22.90 -43.06
N SER C 262 -5.07 -22.59 -41.92
CA SER C 262 -5.59 -22.98 -40.63
C SER C 262 -6.64 -21.98 -40.16
N VAL C 263 -7.51 -22.43 -39.26
CA VAL C 263 -8.45 -21.52 -38.62
C VAL C 263 -7.79 -20.90 -37.38
N ALA C 264 -8.10 -19.63 -37.14
CA ALA C 264 -7.54 -18.93 -35.99
C ALA C 264 -8.17 -19.45 -34.70
N GLY C 265 -7.33 -19.88 -33.76
CA GLY C 265 -7.81 -20.49 -32.55
C GLY C 265 -6.96 -20.20 -31.33
N PRO C 266 -7.50 -20.50 -30.15
CA PRO C 266 -6.77 -20.21 -28.90
C PRO C 266 -5.38 -20.80 -28.85
N SER C 267 -5.11 -21.85 -29.61
CA SER C 267 -3.76 -22.42 -29.64
C SER C 267 -2.75 -21.41 -30.17
N ASN C 268 -3.17 -20.56 -31.13
CA ASN C 268 -2.33 -19.50 -31.65
C ASN C 268 -3.13 -18.20 -31.61
N MET C 269 -2.79 -17.31 -30.67
CA MET C 269 -3.56 -16.08 -30.51
C MET C 269 -2.91 -14.91 -31.21
N ALA C 270 -1.72 -15.13 -31.78
CA ALA C 270 -0.99 -14.05 -32.43
C ALA C 270 -1.66 -13.64 -33.72
N VAL C 271 -2.30 -14.60 -34.39
CA VAL C 271 -2.75 -14.44 -35.77
C VAL C 271 -4.21 -14.06 -35.89
N GLN C 272 -4.93 -13.93 -34.78
CA GLN C 272 -6.36 -13.66 -34.87
C GLN C 272 -6.64 -12.24 -35.32
N GLY C 273 -7.73 -12.07 -36.06
CA GLY C 273 -8.12 -10.73 -36.50
C GLY C 273 -8.70 -9.92 -35.35
N ARG C 274 -8.28 -8.66 -35.26
CA ARG C 274 -8.63 -7.82 -34.14
C ARG C 274 -9.24 -6.52 -34.63
N ASN C 275 -10.15 -5.98 -33.82
CA ASN C 275 -10.85 -4.74 -34.12
C ASN C 275 -10.06 -3.49 -33.81
N TYR C 276 -9.18 -3.52 -32.80
CA TYR C 276 -8.48 -2.31 -32.38
C TYR C 276 -7.00 -2.62 -32.19
N ILE C 277 -6.18 -1.63 -32.51
CA ILE C 277 -4.73 -1.78 -32.57
C ILE C 277 -4.10 -0.76 -31.62
N PRO C 278 -2.88 -1.00 -31.16
CA PRO C 278 -2.28 -0.12 -30.15
C PRO C 278 -2.03 1.29 -30.68
N GLY C 279 -1.81 2.21 -29.75
CA GLY C 279 -1.74 3.62 -30.06
C GLY C 279 -0.51 4.03 -30.85
N PRO C 280 -0.32 5.33 -31.01
CA PRO C 280 0.81 5.81 -31.82
C PRO C 280 2.13 5.70 -31.08
N SER C 281 3.22 5.78 -31.83
CA SER C 281 4.56 5.66 -31.28
C SER C 281 5.53 6.57 -32.02
N TYR C 282 6.43 7.19 -31.26
CA TYR C 282 7.60 7.87 -31.81
C TYR C 282 8.80 7.43 -30.99
N ARG C 283 9.71 6.66 -31.59
CA ARG C 283 10.56 5.79 -30.80
C ARG C 283 11.58 6.57 -29.98
N GLN C 284 12.00 5.96 -28.86
CA GLN C 284 12.98 6.52 -27.94
C GLN C 284 14.18 5.57 -27.86
N GLN C 285 15.29 6.09 -27.37
CA GLN C 285 16.45 5.25 -27.11
C GLN C 285 16.47 4.84 -25.64
N ARG C 286 16.65 3.55 -25.39
CA ARG C 286 16.61 3.05 -24.02
C ARG C 286 17.98 3.15 -23.39
N VAL C 287 18.01 3.71 -22.19
CA VAL C 287 19.22 3.85 -21.38
C VAL C 287 19.12 2.85 -20.24
N SER C 288 20.15 2.05 -20.07
CA SER C 288 20.19 1.13 -18.94
C SER C 288 20.60 1.89 -17.69
N THR C 289 19.91 1.60 -16.59
CA THR C 289 20.26 2.25 -15.33
C THR C 289 21.55 1.65 -14.77
N THR C 290 21.93 0.48 -15.26
CA THR C 290 23.27 -0.04 -15.01
C THR C 290 24.20 0.44 -16.10
N VAL C 291 25.17 1.28 -15.73
CA VAL C 291 25.85 2.11 -16.71
C VAL C 291 26.80 1.29 -17.55
N THR C 292 27.32 0.19 -17.01
CA THR C 292 28.32 -0.57 -17.73
C THR C 292 27.72 -1.28 -18.93
N GLN C 293 26.39 -1.34 -19.01
CA GLN C 293 25.75 -1.95 -20.17
C GLN C 293 25.50 -0.93 -21.26
N ASN C 294 25.65 0.36 -20.93
CA ASN C 294 25.47 1.42 -21.91
C ASN C 294 26.71 1.61 -22.77
N ASN C 295 26.52 2.22 -23.92
CA ASN C 295 27.62 2.48 -24.84
C ASN C 295 28.61 3.50 -24.27
N ASN C 296 29.89 3.30 -24.53
CA ASN C 296 30.94 4.19 -24.04
C ASN C 296 31.15 5.38 -24.96
N SER C 297 30.15 6.24 -25.04
CA SER C 297 30.19 7.41 -25.90
C SER C 297 29.14 8.41 -25.43
N GLU C 298 29.17 9.63 -25.96
CA GLU C 298 28.17 10.60 -25.55
C GLU C 298 26.99 10.50 -26.51
N PHE C 299 25.89 9.95 -26.04
CA PHE C 299 24.70 9.82 -26.86
C PHE C 299 23.49 10.58 -26.33
N ALA C 300 23.70 11.43 -25.33
CA ALA C 300 22.61 12.21 -24.74
C ALA C 300 21.88 12.98 -25.82
N TRP C 301 22.60 13.86 -26.52
CA TRP C 301 22.02 14.58 -27.64
C TRP C 301 22.12 13.82 -28.96
N PRO C 302 23.30 13.32 -29.36
CA PRO C 302 23.39 12.70 -30.69
C PRO C 302 22.46 11.53 -30.92
N GLY C 303 22.12 10.79 -29.85
CA GLY C 303 21.26 9.63 -30.01
C GLY C 303 19.84 9.87 -29.54
N ALA C 304 19.50 11.11 -29.24
CA ALA C 304 18.15 11.42 -28.77
C ALA C 304 17.17 11.53 -29.92
N SER C 305 15.89 11.32 -29.61
CA SER C 305 14.82 11.65 -30.53
C SER C 305 14.61 13.15 -30.56
N SER C 306 14.32 13.69 -31.74
CA SER C 306 14.20 15.14 -31.87
C SER C 306 13.19 15.47 -32.95
N TRP C 307 12.70 16.70 -32.91
CA TRP C 307 11.88 17.26 -33.97
C TRP C 307 12.39 18.66 -34.33
N ALA C 308 12.61 18.87 -35.61
CA ALA C 308 13.14 20.12 -36.13
C ALA C 308 12.02 21.07 -36.50
N LEU C 309 12.05 22.27 -35.92
CA LEU C 309 11.09 23.32 -36.25
C LEU C 309 11.86 24.52 -36.76
N ASN C 310 11.68 24.84 -38.05
CA ASN C 310 12.28 26.02 -38.67
C ASN C 310 13.81 25.99 -38.59
N GLY C 311 14.38 24.83 -38.87
CA GLY C 311 15.82 24.68 -38.92
C GLY C 311 16.47 24.35 -37.60
N ARG C 312 15.82 24.64 -36.48
CA ARG C 312 16.31 24.23 -35.16
C ARG C 312 15.75 22.87 -34.80
N ASN C 313 16.60 22.03 -34.21
CA ASN C 313 16.20 20.71 -33.76
C ASN C 313 15.87 20.76 -32.28
N SER C 314 14.61 20.48 -31.94
CA SER C 314 14.16 20.44 -30.55
C SER C 314 14.10 18.99 -30.09
N LEU C 315 14.50 18.76 -28.84
CA LEU C 315 14.41 17.43 -28.26
C LEU C 315 12.95 17.03 -28.10
N MET C 316 12.67 15.73 -28.23
CA MET C 316 11.31 15.22 -28.07
C MET C 316 11.16 14.83 -26.61
N ASN C 317 10.43 15.66 -25.86
CA ASN C 317 10.29 15.46 -24.44
C ASN C 317 8.91 15.90 -23.97
N PRO C 318 8.25 15.11 -23.12
CA PRO C 318 8.53 13.68 -22.93
C PRO C 318 8.10 12.87 -24.14
N GLY C 319 7.27 13.46 -25.00
CA GLY C 319 6.88 12.83 -26.24
C GLY C 319 5.51 12.21 -26.18
N PRO C 320 5.18 11.39 -27.19
CA PRO C 320 3.91 10.65 -27.15
C PRO C 320 3.90 9.67 -25.98
N ALA C 321 2.70 9.41 -25.47
CA ALA C 321 2.57 8.57 -24.29
C ALA C 321 2.81 7.12 -24.68
N MET C 322 3.83 6.51 -24.08
CA MET C 322 4.20 5.14 -24.36
C MET C 322 4.74 4.51 -23.08
N ALA C 323 4.66 3.18 -23.01
CA ALA C 323 5.14 2.48 -21.84
C ALA C 323 6.65 2.65 -21.70
N SER C 324 7.10 2.86 -20.48
CA SER C 324 8.51 3.15 -20.26
C SER C 324 9.37 1.91 -20.47
N HIS C 325 8.83 0.74 -20.19
CA HIS C 325 9.55 -0.52 -20.36
C HIS C 325 8.55 -1.65 -20.49
N LYS C 326 9.03 -2.78 -20.99
CA LYS C 326 8.22 -3.98 -21.11
C LYS C 326 7.94 -4.56 -19.73
N GLU C 327 6.94 -5.44 -19.67
CA GLU C 327 6.55 -6.08 -18.42
C GLU C 327 7.72 -6.83 -17.80
N GLY C 328 8.02 -6.49 -16.56
CA GLY C 328 9.08 -7.18 -15.82
C GLY C 328 10.48 -6.69 -16.10
N GLU C 329 10.62 -5.47 -16.63
CA GLU C 329 11.94 -4.86 -16.84
C GLU C 329 12.01 -3.58 -16.03
N ASP C 330 12.79 -3.59 -14.95
CA ASP C 330 12.92 -2.43 -14.09
C ASP C 330 14.11 -1.53 -14.38
N ARG C 331 15.18 -2.12 -14.90
CA ARG C 331 16.42 -1.42 -15.21
C ARG C 331 16.41 -0.33 -16.31
N PHE C 332 15.68 -0.55 -17.40
CA PHE C 332 15.67 0.42 -18.50
C PHE C 332 14.59 1.50 -18.44
N PHE C 333 14.94 2.67 -18.97
CA PHE C 333 14.03 3.80 -19.09
C PHE C 333 14.30 4.51 -20.40
N PRO C 334 13.27 5.11 -21.01
CA PRO C 334 13.48 5.88 -22.23
C PRO C 334 14.26 7.15 -21.94
N LEU C 335 15.08 7.55 -22.92
CA LEU C 335 16.00 8.66 -22.71
C LEU C 335 15.28 9.92 -22.26
N SER C 336 14.49 10.52 -23.15
CA SER C 336 13.66 11.67 -22.80
C SER C 336 12.21 11.31 -22.50
N GLY C 337 11.85 10.03 -22.54
CA GLY C 337 10.44 9.68 -22.63
C GLY C 337 9.70 9.77 -21.30
N SER C 338 10.31 10.39 -20.30
CA SER C 338 9.72 10.45 -18.97
C SER C 338 9.82 11.85 -18.39
N LEU C 339 9.03 12.08 -17.34
CA LEU C 339 9.21 13.26 -16.51
C LEU C 339 10.12 12.91 -15.34
N ILE C 340 11.14 13.74 -15.13
CA ILE C 340 12.15 13.49 -14.10
C ILE C 340 12.06 14.62 -13.09
N PHE C 341 11.81 14.26 -11.84
CA PHE C 341 11.76 15.20 -10.73
C PHE C 341 13.02 15.07 -9.89
N GLY C 342 13.49 16.20 -9.38
CA GLY C 342 14.61 16.23 -8.46
C GLY C 342 14.13 16.03 -7.04
N LYS C 343 14.97 15.43 -6.20
CA LYS C 343 14.64 15.24 -4.80
C LYS C 343 14.99 16.52 -4.03
N GLN C 344 14.59 16.60 -2.77
CA GLN C 344 14.87 17.82 -2.02
C GLN C 344 16.36 18.08 -1.90
N GLY C 345 16.75 19.33 -2.17
CA GLY C 345 18.13 19.75 -2.09
C GLY C 345 19.00 19.37 -3.26
N THR C 346 18.40 18.83 -4.32
CA THR C 346 19.18 18.42 -5.47
C THR C 346 19.81 19.58 -6.24
N GLY C 347 21.08 19.41 -6.61
CA GLY C 347 21.82 20.41 -7.35
C GLY C 347 21.31 20.65 -8.75
N ARG C 348 21.47 21.89 -9.23
CA ARG C 348 21.03 22.26 -10.55
C ARG C 348 21.75 21.56 -11.72
N ASP C 349 23.07 21.36 -11.61
CA ASP C 349 23.82 20.75 -12.71
C ASP C 349 24.60 19.46 -12.44
N ASN C 350 24.46 18.50 -13.34
CA ASN C 350 25.15 17.22 -13.30
C ASN C 350 25.00 16.35 -12.06
N VAL C 351 23.79 16.31 -11.50
CA VAL C 351 23.53 15.47 -10.34
C VAL C 351 23.48 14.01 -10.77
N ASP C 352 23.80 13.11 -9.84
CA ASP C 352 23.79 11.68 -10.13
C ASP C 352 22.37 11.12 -10.22
N ALA C 353 22.24 9.92 -10.76
CA ALA C 353 20.95 9.28 -10.99
C ALA C 353 20.13 9.11 -9.70
N ASP C 354 20.78 8.82 -8.59
CA ASP C 354 20.11 8.70 -7.30
C ASP C 354 19.42 9.99 -6.86
N LYS C 355 20.01 11.13 -7.19
CA LYS C 355 19.48 12.45 -6.88
C LYS C 355 18.12 12.79 -7.50
N VAL C 356 17.86 12.37 -8.74
CA VAL C 356 16.59 12.70 -9.40
C VAL C 356 15.64 11.52 -9.58
N MET C 357 14.36 11.75 -9.30
CA MET C 357 13.31 10.73 -9.45
C MET C 357 12.68 10.67 -10.84
N ILE C 358 12.91 9.59 -11.55
CA ILE C 358 12.38 9.37 -12.89
C ILE C 358 11.05 8.66 -12.77
N THR C 359 10.10 9.00 -13.63
CA THR C 359 8.78 8.37 -13.58
C THR C 359 8.56 7.51 -14.81
N ASN C 360 8.06 6.31 -14.60
CA ASN C 360 7.79 5.41 -15.71
C ASN C 360 6.31 5.16 -15.87
N GLU C 361 5.82 5.38 -17.08
CA GLU C 361 4.42 5.15 -17.38
C GLU C 361 4.25 3.71 -17.85
N GLU C 362 4.45 2.74 -16.98
CA GLU C 362 4.29 1.35 -17.40
C GLU C 362 2.87 0.80 -17.24
N GLU C 363 1.99 1.59 -16.63
CA GLU C 363 0.61 1.16 -16.44
C GLU C 363 -0.14 1.20 -17.75
N ILE C 364 0.43 1.88 -18.73
CA ILE C 364 -0.21 2.05 -20.02
C ILE C 364 0.31 1.10 -21.09
N LYS C 365 1.06 0.09 -20.67
CA LYS C 365 1.61 -0.93 -21.57
C LYS C 365 0.54 -1.78 -22.27
N THR C 366 -0.59 -1.96 -21.60
CA THR C 366 -1.71 -2.75 -22.10
C THR C 366 -2.26 -2.21 -23.40
N THR C 367 -2.29 -0.90 -23.60
CA THR C 367 -2.79 -0.35 -24.85
C THR C 367 -1.78 0.45 -25.67
N ASN C 368 -0.57 0.66 -25.16
CA ASN C 368 0.40 1.49 -25.85
C ASN C 368 1.68 0.72 -26.13
N PRO C 369 2.31 0.96 -27.28
CA PRO C 369 3.61 0.36 -27.54
C PRO C 369 4.67 0.90 -26.59
N VAL C 370 5.69 0.10 -26.36
CA VAL C 370 6.79 0.52 -25.50
C VAL C 370 7.59 1.61 -26.21
N ALA C 371 8.01 2.62 -25.45
CA ALA C 371 8.68 3.77 -26.04
C ALA C 371 9.97 3.40 -26.76
N THR C 372 10.63 2.34 -26.31
CA THR C 372 11.94 1.96 -26.80
C THR C 372 11.90 0.85 -27.85
N GLU C 373 10.71 0.42 -28.26
CA GLU C 373 10.54 -0.68 -29.21
C GLU C 373 9.89 -0.16 -30.48
N SER C 374 10.07 -0.91 -31.57
CA SER C 374 9.43 -0.55 -32.82
C SER C 374 7.94 -0.87 -32.77
N TYR C 375 7.17 -0.12 -33.56
CA TYR C 375 5.73 -0.34 -33.59
C TYR C 375 5.38 -1.69 -34.20
N GLY C 376 6.08 -2.05 -35.28
CA GLY C 376 5.83 -3.32 -35.94
C GLY C 376 6.73 -3.48 -37.15
N GLN C 377 6.33 -4.36 -38.05
CA GLN C 377 6.99 -4.54 -39.34
C GLN C 377 6.01 -4.28 -40.47
N VAL C 378 6.55 -3.95 -41.64
CA VAL C 378 5.80 -3.84 -42.87
C VAL C 378 6.57 -4.53 -43.98
N ALA C 379 5.82 -5.08 -44.94
CA ALA C 379 6.44 -5.70 -46.10
C ALA C 379 7.05 -4.63 -46.99
N THR C 380 8.27 -4.86 -47.45
CA THR C 380 8.97 -3.88 -48.27
C THR C 380 8.96 -4.17 -49.77
N ASN C 381 8.40 -5.30 -50.21
CA ASN C 381 8.51 -5.65 -51.63
C ASN C 381 7.38 -6.59 -52.01
N HIS C 382 7.35 -6.94 -53.30
CA HIS C 382 6.49 -8.01 -53.82
C HIS C 382 7.31 -9.29 -53.92
N GLN C 383 6.88 -10.33 -53.21
CA GLN C 383 7.51 -11.62 -53.36
C GLN C 383 7.30 -12.16 -54.78
N SER C 384 8.20 -13.04 -55.18
CA SER C 384 8.11 -13.69 -56.48
C SER C 384 8.87 -15.00 -56.40
N ALA C 385 9.04 -15.65 -57.55
CA ALA C 385 9.75 -16.92 -57.57
C ALA C 385 11.21 -16.74 -57.15
N GLN C 386 11.88 -15.72 -57.66
CA GLN C 386 13.28 -15.47 -57.34
C GLN C 386 13.48 -14.46 -56.22
N ALA C 387 12.42 -13.94 -55.62
CA ALA C 387 12.55 -12.90 -54.60
C ALA C 387 11.86 -13.32 -53.32
N GLN C 388 12.55 -13.17 -52.20
CA GLN C 388 11.99 -13.48 -50.90
C GLN C 388 11.17 -12.31 -50.37
N ALA C 389 10.14 -12.65 -49.60
CA ALA C 389 9.35 -11.63 -48.93
C ALA C 389 10.21 -10.91 -47.89
N GLN C 390 10.23 -9.57 -47.97
CA GLN C 390 11.13 -8.75 -47.16
C GLN C 390 10.30 -7.79 -46.32
N THR C 391 10.74 -7.55 -45.08
CA THR C 391 10.06 -6.65 -44.16
C THR C 391 11.06 -5.72 -43.49
N GLY C 392 10.70 -4.45 -43.43
CA GLY C 392 11.48 -3.45 -42.69
C GLY C 392 10.78 -3.07 -41.40
N TRP C 393 11.51 -2.37 -40.54
CA TRP C 393 10.95 -1.97 -39.25
C TRP C 393 10.28 -0.61 -39.34
N VAL C 394 9.20 -0.46 -38.57
CA VAL C 394 8.47 0.81 -38.50
C VAL C 394 8.88 1.50 -37.22
N GLN C 395 9.66 2.58 -37.35
CA GLN C 395 10.23 3.23 -36.17
C GLN C 395 9.22 4.16 -35.52
N ASN C 396 8.49 4.93 -36.31
CA ASN C 396 7.46 5.82 -35.80
C ASN C 396 6.18 5.58 -36.58
N GLN C 397 5.06 5.54 -35.86
CA GLN C 397 3.75 5.32 -36.47
C GLN C 397 2.81 6.45 -36.10
N GLY C 398 2.05 6.92 -37.07
CA GLY C 398 1.08 7.96 -36.85
C GLY C 398 -0.23 7.40 -36.34
N ILE C 399 -1.31 8.08 -36.70
CA ILE C 399 -2.63 7.55 -36.37
C ILE C 399 -3.16 6.73 -37.53
N LEU C 400 -3.79 5.62 -37.21
CA LEU C 400 -4.52 4.75 -38.11
C LEU C 400 -5.90 4.50 -37.52
N PRO C 401 -6.92 4.31 -38.35
CA PRO C 401 -8.25 3.99 -37.80
C PRO C 401 -8.19 2.68 -37.03
N GLY C 402 -8.81 2.69 -35.86
CA GLY C 402 -8.78 1.52 -34.99
C GLY C 402 -7.75 1.57 -33.88
N MET C 403 -7.18 2.73 -33.58
CA MET C 403 -6.24 2.85 -32.48
C MET C 403 -6.94 3.31 -31.21
N VAL C 404 -6.51 2.76 -30.08
CA VAL C 404 -6.86 3.27 -28.76
C VAL C 404 -5.57 3.45 -27.98
N TRP C 405 -5.59 4.40 -27.03
CA TRP C 405 -4.41 4.66 -26.23
C TRP C 405 -4.82 5.35 -24.93
N GLN C 406 -3.88 5.35 -23.98
CA GLN C 406 -4.01 6.06 -22.72
C GLN C 406 -3.16 7.32 -22.75
N ASP C 407 -3.67 8.40 -22.16
CA ASP C 407 -2.90 9.61 -21.98
C ASP C 407 -1.89 9.42 -20.84
N ARG C 408 -0.90 10.30 -20.81
CA ARG C 408 0.12 10.24 -19.77
C ARG C 408 -0.47 10.59 -18.41
N ASP C 409 0.03 9.92 -17.38
CA ASP C 409 -0.50 10.06 -16.03
C ASP C 409 -0.12 11.40 -15.42
N VAL C 410 -0.84 11.79 -14.38
CA VAL C 410 -0.58 13.02 -13.64
C VAL C 410 -0.02 12.65 -12.28
N TYR C 411 0.84 13.51 -11.75
CA TYR C 411 1.55 13.21 -10.51
C TYR C 411 1.27 14.29 -9.46
N LEU C 412 1.50 13.93 -8.20
CA LEU C 412 1.39 14.90 -7.13
C LEU C 412 2.36 16.05 -7.34
N GLN C 413 3.48 15.80 -8.01
CA GLN C 413 4.42 16.87 -8.33
C GLN C 413 4.23 17.39 -9.75
N GLY C 414 3.24 16.88 -10.47
CA GLY C 414 3.10 17.21 -11.87
C GLY C 414 2.20 18.41 -12.12
N PRO C 415 2.20 18.90 -13.35
CA PRO C 415 1.34 20.04 -13.70
C PRO C 415 -0.12 19.63 -13.80
N ILE C 416 -1.00 20.61 -13.55
CA ILE C 416 -2.44 20.34 -13.57
C ILE C 416 -3.01 20.53 -14.98
N TRP C 417 -2.87 21.73 -15.52
CA TRP C 417 -3.43 22.05 -16.83
C TRP C 417 -2.35 22.61 -17.73
N ALA C 418 -2.66 22.68 -19.02
CA ALA C 418 -1.86 23.39 -19.99
C ALA C 418 -2.79 24.04 -21.00
N LYS C 419 -2.45 25.27 -21.40
CA LYS C 419 -3.25 26.01 -22.35
C LYS C 419 -3.01 25.45 -23.75
N ILE C 420 -4.10 25.17 -24.46
CA ILE C 420 -3.97 24.67 -25.83
C ILE C 420 -3.54 25.80 -26.74
N PRO C 421 -2.50 25.63 -27.56
CA PRO C 421 -2.07 26.71 -28.44
C PRO C 421 -3.16 27.05 -29.44
N HIS C 422 -3.41 28.34 -29.62
CA HIS C 422 -4.49 28.79 -30.48
C HIS C 422 -4.05 28.59 -31.93
N THR C 423 -4.76 27.73 -32.66
CA THR C 423 -4.32 27.24 -33.96
C THR C 423 -5.53 26.84 -34.78
N ASP C 424 -5.32 26.66 -36.08
CA ASP C 424 -6.38 26.19 -36.95
C ASP C 424 -6.95 24.87 -36.46
N GLY C 425 -6.09 23.89 -36.22
CA GLY C 425 -6.55 22.58 -35.78
C GLY C 425 -5.48 21.85 -35.00
N ASN C 426 -5.94 20.89 -34.20
CA ASN C 426 -5.08 20.05 -33.39
C ASN C 426 -5.77 18.71 -33.21
N PHE C 427 -4.98 17.69 -32.89
CA PHE C 427 -5.53 16.37 -32.62
C PHE C 427 -5.24 15.96 -31.18
N HIS C 428 -6.29 15.53 -30.49
CA HIS C 428 -6.24 15.07 -29.11
C HIS C 428 -5.49 16.10 -28.27
N PRO C 429 -6.09 17.25 -28.01
CA PRO C 429 -5.37 18.38 -27.43
C PRO C 429 -4.74 18.15 -26.06
N SER C 430 -5.04 17.04 -25.40
CA SER C 430 -4.50 16.76 -24.08
C SER C 430 -2.98 16.93 -24.08
N PRO C 431 -2.42 17.66 -23.12
CA PRO C 431 -0.98 17.99 -23.18
C PRO C 431 -0.11 16.78 -22.91
N LEU C 432 1.15 16.88 -23.38
CA LEU C 432 2.03 15.72 -23.38
C LEU C 432 2.76 15.52 -22.06
N MET C 433 2.82 16.52 -21.19
CA MET C 433 3.39 16.28 -19.88
C MET C 433 2.35 15.81 -18.86
N GLY C 434 1.10 15.68 -19.26
CA GLY C 434 0.04 15.26 -18.37
C GLY C 434 -0.80 16.44 -17.91
N GLY C 435 -2.01 16.12 -17.49
CA GLY C 435 -2.94 17.12 -17.05
C GLY C 435 -4.05 17.40 -18.05
N PHE C 436 -4.78 18.48 -17.77
CA PHE C 436 -6.01 18.81 -18.50
C PHE C 436 -5.76 19.97 -19.45
N GLY C 437 -5.76 19.68 -20.74
CA GLY C 437 -5.65 20.75 -21.72
C GLY C 437 -6.92 21.58 -21.77
N MET C 438 -6.73 22.90 -21.80
CA MET C 438 -7.85 23.83 -21.77
C MET C 438 -7.59 24.98 -22.73
N LYS C 439 -8.60 25.32 -23.52
CA LYS C 439 -8.51 26.53 -24.34
C LYS C 439 -8.69 27.79 -23.52
N HIS C 440 -9.44 27.73 -22.42
CA HIS C 440 -9.55 28.82 -21.47
C HIS C 440 -9.12 28.30 -20.10
N PRO C 441 -7.83 28.16 -19.87
CA PRO C 441 -7.34 27.72 -18.57
C PRO C 441 -7.45 28.86 -17.56
N PRO C 442 -7.13 28.62 -16.29
CA PRO C 442 -7.11 29.71 -15.32
C PRO C 442 -6.17 30.81 -15.74
N PRO C 443 -6.64 32.06 -15.75
CA PRO C 443 -5.84 33.15 -16.30
C PRO C 443 -4.64 33.47 -15.43
N GLN C 444 -3.69 34.17 -16.03
CA GLN C 444 -2.50 34.60 -15.30
C GLN C 444 -2.84 35.73 -14.35
N ILE C 445 -2.26 35.68 -13.15
CA ILE C 445 -2.43 36.71 -12.14
C ILE C 445 -1.11 37.44 -12.02
N LEU C 446 -1.06 38.69 -12.48
CA LEU C 446 0.16 39.47 -12.49
C LEU C 446 0.19 40.40 -11.28
N ILE C 447 1.35 40.48 -10.64
CA ILE C 447 1.50 41.34 -9.46
C ILE C 447 2.92 41.89 -9.40
N SER C 473 7.36 43.62 -0.65
CA SER C 473 6.00 43.44 -0.17
C SER C 473 5.71 41.97 0.16
N THR C 474 4.86 41.76 1.17
CA THR C 474 4.49 40.41 1.60
C THR C 474 2.99 40.38 1.87
N GLY C 475 2.45 39.18 2.02
CA GLY C 475 1.02 39.04 2.18
C GLY C 475 0.60 37.60 2.37
N GLN C 476 -0.67 37.34 2.05
CA GLN C 476 -1.26 36.02 2.11
C GLN C 476 -2.02 35.75 0.82
N VAL C 477 -2.14 34.48 0.46
CA VAL C 477 -2.90 34.03 -0.70
C VAL C 477 -3.68 32.79 -0.33
N SER C 478 -4.97 32.76 -0.67
CA SER C 478 -5.81 31.60 -0.46
C SER C 478 -6.48 31.21 -1.76
N VAL C 479 -6.13 30.05 -2.28
CA VAL C 479 -6.69 29.54 -3.53
C VAL C 479 -7.57 28.34 -3.21
N GLU C 480 -8.73 28.27 -3.87
CA GLU C 480 -9.71 27.22 -3.64
C GLU C 480 -10.18 26.67 -4.98
N ILE C 481 -9.95 25.38 -5.22
CA ILE C 481 -10.40 24.71 -6.42
C ILE C 481 -11.45 23.68 -6.03
N GLU C 482 -12.49 23.55 -6.84
CA GLU C 482 -13.50 22.52 -6.65
C GLU C 482 -13.27 21.39 -7.64
N TRP C 483 -13.10 20.18 -7.11
CA TRP C 483 -12.77 19.01 -7.90
C TRP C 483 -13.95 18.06 -7.93
N GLU C 484 -14.22 17.46 -9.09
CA GLU C 484 -15.28 16.48 -9.23
C GLU C 484 -14.69 15.08 -9.30
N LEU C 485 -15.35 14.11 -8.68
CA LEU C 485 -14.83 12.76 -8.51
C LEU C 485 -15.66 11.76 -9.30
N GLN C 486 -15.03 10.65 -9.65
CA GLN C 486 -15.71 9.53 -10.30
C GLN C 486 -15.43 8.27 -9.49
N LYS C 487 -16.48 7.70 -8.90
CA LYS C 487 -16.36 6.51 -8.08
C LYS C 487 -16.22 5.26 -8.96
N GLU C 488 -15.69 4.20 -8.35
CA GLU C 488 -15.55 2.92 -9.02
C GLU C 488 -16.76 2.05 -8.74
N ASN C 489 -17.36 1.49 -9.80
CA ASN C 489 -18.43 0.51 -9.67
C ASN C 489 -17.92 -0.92 -9.82
N SER C 490 -16.60 -1.11 -9.85
CA SER C 490 -16.01 -2.39 -10.24
C SER C 490 -16.58 -3.56 -9.46
N LYS C 491 -16.75 -4.68 -10.17
CA LYS C 491 -17.20 -5.94 -9.59
C LYS C 491 -16.06 -6.87 -9.23
N ARG C 492 -14.82 -6.41 -9.35
CA ARG C 492 -13.64 -7.24 -9.11
C ARG C 492 -13.73 -7.94 -7.75
N TRP C 493 -13.45 -9.24 -7.75
CA TRP C 493 -13.57 -10.02 -6.52
C TRP C 493 -12.36 -9.81 -5.62
N ASN C 494 -11.16 -9.95 -6.16
CA ASN C 494 -9.93 -9.86 -5.39
C ASN C 494 -9.52 -8.40 -5.18
N PRO C 495 -8.81 -8.12 -4.08
CA PRO C 495 -8.53 -6.72 -3.74
C PRO C 495 -7.60 -6.03 -4.73
N GLU C 496 -7.76 -4.72 -4.84
CA GLU C 496 -7.00 -3.86 -5.74
C GLU C 496 -5.58 -3.65 -5.24
N ILE C 497 -4.81 -2.92 -6.02
CA ILE C 497 -3.55 -2.35 -5.57
C ILE C 497 -3.81 -0.94 -5.09
N GLN C 498 -3.36 -0.66 -3.87
CA GLN C 498 -3.62 0.61 -3.21
C GLN C 498 -2.29 1.32 -3.01
N TYR C 499 -2.34 2.64 -2.91
CA TYR C 499 -1.15 3.37 -2.53
C TYR C 499 -0.99 3.32 -1.02
N THR C 500 0.12 2.77 -0.56
CA THR C 500 0.32 2.59 0.86
C THR C 500 1.69 3.12 1.26
N SER C 501 1.78 3.59 2.50
CA SER C 501 3.04 4.06 3.03
C SER C 501 3.64 2.85 3.71
N ASN C 502 4.94 2.63 3.56
CA ASN C 502 5.57 1.46 4.14
C ASN C 502 5.55 1.46 5.66
N TYR C 503 5.17 0.33 6.26
CA TYR C 503 5.12 0.20 7.71
C TYR C 503 6.44 0.17 8.47
N TYR C 504 7.49 -0.33 7.84
CA TYR C 504 8.78 -0.49 8.50
C TYR C 504 9.37 0.82 9.00
N LYS C 505 10.00 0.78 10.17
CA LYS C 505 10.59 1.94 10.81
C LYS C 505 11.73 2.59 10.04
N SER C 506 11.73 3.92 10.03
CA SER C 506 12.73 4.71 9.33
C SER C 506 13.10 5.92 10.16
N ASN C 507 14.19 6.59 9.83
CA ASN C 507 14.62 7.75 10.58
C ASN C 507 13.60 8.89 10.53
N ASN C 508 13.04 9.12 9.35
CA ASN C 508 12.07 10.19 9.14
C ASN C 508 10.78 9.66 8.55
N VAL C 509 9.64 10.08 9.09
CA VAL C 509 8.39 9.64 8.50
C VAL C 509 8.30 10.35 7.15
N GLU C 510 7.81 9.67 6.12
CA GLU C 510 7.70 10.23 4.77
C GLU C 510 6.72 11.39 4.68
N PHE C 511 6.91 12.28 3.69
CA PHE C 511 6.04 13.44 3.50
C PHE C 511 5.87 14.21 4.80
N ALA C 512 6.98 14.59 5.42
CA ALA C 512 6.97 15.37 6.63
C ALA C 512 8.31 16.10 6.76
N VAL C 513 8.45 16.82 7.86
CA VAL C 513 9.68 17.58 8.12
C VAL C 513 10.73 16.64 8.71
N ASN C 514 11.99 17.00 8.50
CA ASN C 514 13.09 16.34 9.17
C ASN C 514 13.41 17.10 10.46
N THR C 515 14.55 16.80 11.08
CA THR C 515 14.93 17.49 12.31
C THR C 515 15.18 18.97 12.04
N GLU C 516 15.57 19.32 10.82
CA GLU C 516 15.92 20.70 10.52
C GLU C 516 14.75 21.46 9.93
N GLY C 517 13.59 20.83 9.82
CA GLY C 517 12.38 21.52 9.41
C GLY C 517 12.16 21.58 7.92
N VAL C 518 12.75 20.69 7.15
CA VAL C 518 12.58 20.70 5.70
C VAL C 518 11.57 19.63 5.30
N TYR C 519 10.50 20.06 4.65
CA TYR C 519 9.52 19.16 4.06
C TYR C 519 10.14 18.52 2.83
N SER C 520 9.84 17.25 2.62
CA SER C 520 10.34 16.51 1.47
C SER C 520 9.24 15.62 0.92
N GLU C 521 9.30 15.39 -0.38
CA GLU C 521 8.47 14.40 -1.04
C GLU C 521 9.37 13.29 -1.55
N PRO C 522 9.44 12.16 -0.84
CA PRO C 522 10.33 11.03 -1.12
C PRO C 522 10.23 10.30 -2.45
N ARG C 523 9.07 10.30 -3.08
CA ARG C 523 8.93 9.57 -4.32
C ARG C 523 7.86 10.19 -5.20
N PRO C 524 7.93 9.93 -6.51
CA PRO C 524 6.91 10.45 -7.41
C PRO C 524 5.69 9.59 -7.23
N ILE C 525 4.50 10.16 -7.24
CA ILE C 525 3.30 9.38 -7.03
C ILE C 525 2.33 9.50 -8.19
N GLY C 526 2.04 8.38 -8.85
CA GLY C 526 1.09 8.39 -9.95
C GLY C 526 -0.33 8.34 -9.46
N THR C 527 -1.26 8.45 -10.40
CA THR C 527 -2.66 8.43 -10.04
C THR C 527 -3.32 7.07 -10.31
N ARG C 528 -2.61 6.11 -10.90
CA ARG C 528 -3.22 4.90 -11.43
C ARG C 528 -2.94 3.73 -10.51
N TYR C 529 -3.97 3.32 -9.77
CA TYR C 529 -3.90 2.25 -8.76
C TYR C 529 -5.06 1.28 -8.96
N LEU C 530 -6.29 1.78 -8.88
CA LEU C 530 -7.46 0.98 -9.18
C LEU C 530 -7.44 0.56 -10.65
N THR C 531 -8.24 -0.45 -10.98
CA THR C 531 -8.18 -1.06 -12.30
C THR C 531 -9.55 -1.09 -12.96
N ARG C 532 -9.53 -1.31 -14.28
CA ARG C 532 -10.74 -1.46 -15.08
C ARG C 532 -10.51 -2.48 -16.18
N ASN C 533 -11.60 -2.93 -16.77
CA ASN C 533 -11.54 -3.78 -17.94
C ASN C 533 -11.20 -2.94 -19.17
N LEU C 534 -10.67 -3.61 -20.19
CA LEU C 534 -10.32 -2.91 -21.41
C LEU C 534 -11.38 -3.15 -22.48
N THR D 42 -8.32 37.57 34.21
CA THR D 42 -7.69 38.18 33.04
C THR D 42 -6.18 38.28 33.26
N ARG D 43 -5.41 38.08 32.20
CA ARG D 43 -3.96 38.26 32.25
C ARG D 43 -3.51 39.00 31.01
N THR D 44 -2.20 39.16 30.88
CA THR D 44 -1.56 39.69 29.70
C THR D 44 -0.52 38.69 29.22
N TRP D 45 -0.60 38.33 27.94
CA TRP D 45 0.27 37.29 27.40
C TRP D 45 1.37 37.88 26.55
N ALA D 46 2.51 37.20 26.58
CA ALA D 46 3.65 37.51 25.73
C ALA D 46 4.00 36.26 24.92
N LEU D 47 3.82 36.34 23.60
CA LEU D 47 4.00 35.19 22.73
C LEU D 47 5.21 35.40 21.84
N PRO D 48 6.29 34.67 22.02
CA PRO D 48 7.46 34.83 21.14
C PRO D 48 7.31 34.05 19.84
N THR D 49 8.30 34.18 18.96
CA THR D 49 8.34 33.42 17.72
C THR D 49 9.21 32.19 17.90
N TYR D 50 8.58 31.02 17.84
CA TYR D 50 9.23 29.75 18.16
C TYR D 50 9.78 29.10 16.90
N ASN D 51 10.95 28.48 17.04
CA ASN D 51 11.54 27.61 16.00
C ASN D 51 11.54 28.25 14.62
N ASN D 52 11.74 29.57 14.54
CA ASN D 52 11.93 30.25 13.25
C ASN D 52 10.75 30.03 12.31
N HIS D 53 9.57 29.80 12.89
CA HIS D 53 8.36 29.47 12.12
C HIS D 53 8.48 28.12 11.43
N LEU D 54 9.29 27.24 12.01
CA LEU D 54 9.53 25.92 11.44
C LEU D 54 8.95 24.83 12.33
N TYR D 55 8.23 23.92 11.70
CA TYR D 55 7.98 22.60 12.26
C TYR D 55 9.29 21.84 12.22
N LYS D 56 9.57 21.08 13.27
CA LYS D 56 10.80 20.29 13.31
C LYS D 56 10.55 18.97 14.00
N GLN D 57 11.11 17.92 13.41
CA GLN D 57 11.15 16.61 14.05
C GLN D 57 12.06 16.63 15.27
N ILE D 58 11.50 16.27 16.42
CA ILE D 58 12.27 16.05 17.63
C ILE D 58 12.12 14.58 17.96
N SER D 59 13.13 14.00 18.59
CA SER D 59 13.08 12.59 18.94
C SER D 59 13.96 12.34 20.16
N ASN D 60 14.13 11.06 20.47
CA ASN D 60 14.95 10.69 21.61
C ASN D 60 16.41 11.06 21.40
N SER D 61 16.97 10.76 20.23
CA SER D 61 18.38 10.99 19.99
C SER D 61 18.72 12.47 19.98
N THR D 62 17.73 13.32 19.70
CA THR D 62 17.99 14.76 19.68
C THR D 62 18.28 15.27 21.09
N SER D 63 17.60 14.72 22.09
CA SER D 63 17.81 15.17 23.47
C SER D 63 18.98 14.45 24.11
N GLY D 64 19.65 13.57 23.37
CA GLY D 64 20.74 12.78 23.89
C GLY D 64 20.40 11.32 24.07
N GLY D 65 19.11 10.98 24.02
CA GLY D 65 18.67 9.60 24.07
C GLY D 65 19.13 8.87 25.32
N SER D 66 19.82 7.76 25.06
CA SER D 66 20.54 6.91 26.02
C SER D 66 19.63 6.04 26.87
N SER D 67 18.32 6.28 26.91
CA SER D 67 17.42 5.48 27.73
C SER D 67 16.23 5.05 26.89
N ASN D 68 15.84 3.78 27.02
CA ASN D 68 14.74 3.25 26.22
C ASN D 68 13.38 3.61 26.85
N ASP D 69 13.27 3.56 28.17
CA ASP D 69 12.00 3.88 28.81
C ASP D 69 11.58 5.32 28.50
N ASN D 70 12.54 6.21 28.35
CA ASN D 70 12.24 7.60 28.06
C ASN D 70 12.31 7.95 26.58
N ALA D 71 12.56 6.97 25.72
CA ALA D 71 12.62 7.23 24.29
C ALA D 71 11.29 7.78 23.80
N TYR D 72 11.35 8.64 22.79
CA TYR D 72 10.17 9.26 22.23
C TYR D 72 10.48 9.71 20.80
N PHE D 73 9.43 9.96 20.05
CA PHE D 73 9.53 10.53 18.71
C PHE D 73 8.33 11.45 18.53
N GLY D 74 8.56 12.60 17.92
CA GLY D 74 7.51 13.59 17.83
C GLY D 74 7.95 14.82 17.08
N TYR D 75 7.23 15.92 17.33
CA TYR D 75 7.44 17.17 16.63
C TYR D 75 7.26 18.35 17.57
N SER D 76 7.88 19.46 17.20
CA SER D 76 7.68 20.76 17.84
C SER D 76 7.20 21.74 16.78
N THR D 77 6.26 22.59 17.17
CA THR D 77 5.57 23.46 16.24
C THR D 77 5.89 24.92 16.51
N PRO D 78 5.81 25.78 15.48
CA PRO D 78 5.87 27.23 15.74
C PRO D 78 4.67 27.78 16.50
N TRP D 79 3.58 27.03 16.59
CA TRP D 79 2.37 27.49 17.26
C TRP D 79 2.50 27.39 18.77
N GLY D 80 1.94 28.38 19.47
CA GLY D 80 1.79 28.35 20.90
C GLY D 80 0.34 28.09 21.27
N TYR D 81 0.09 28.00 22.58
CA TYR D 81 -1.26 27.67 23.04
C TYR D 81 -1.51 28.22 24.44
N PHE D 82 -2.81 28.31 24.79
CA PHE D 82 -3.24 28.78 26.10
C PHE D 82 -3.72 27.62 26.95
N ASP D 83 -3.24 27.53 28.19
CA ASP D 83 -3.67 26.50 29.12
C ASP D 83 -4.11 27.14 30.43
N PHE D 84 -5.42 27.14 30.70
CA PHE D 84 -5.98 27.55 31.98
C PHE D 84 -6.39 26.39 32.88
N ASN D 85 -6.04 25.16 32.52
CA ASN D 85 -6.54 23.97 33.21
C ASN D 85 -6.10 23.87 34.67
N ARG D 86 -5.25 24.76 35.15
CA ARG D 86 -4.87 24.73 36.58
C ARG D 86 -5.93 25.42 37.43
N VAL D 140 -0.97 37.77 13.55
CA VAL D 140 -1.28 36.83 14.61
C VAL D 140 -2.45 35.94 14.24
N GLN D 141 -2.29 34.64 14.43
CA GLN D 141 -3.29 33.64 14.06
C GLN D 141 -3.71 32.85 15.29
N VAL D 142 -4.98 32.47 15.34
CA VAL D 142 -5.52 31.66 16.42
C VAL D 142 -6.57 30.72 15.87
N PHE D 143 -6.57 29.48 16.37
CA PHE D 143 -7.68 28.57 16.13
C PHE D 143 -7.81 27.66 17.33
N THR D 144 -9.04 27.21 17.56
CA THR D 144 -9.33 26.20 18.57
C THR D 144 -9.70 24.90 17.87
N ASP D 145 -9.40 23.78 18.52
CA ASP D 145 -9.69 22.50 17.92
C ASP D 145 -10.99 22.02 18.56
N SER D 146 -12.09 22.20 17.82
CA SER D 146 -13.41 21.79 18.26
C SER D 146 -13.85 20.45 17.70
N ASP D 147 -13.08 19.88 16.77
CA ASP D 147 -13.24 18.50 16.35
C ASP D 147 -12.29 17.57 17.08
N TYR D 148 -11.43 18.11 17.93
CA TYR D 148 -10.47 17.33 18.71
C TYR D 148 -9.54 16.53 17.80
N GLN D 149 -9.14 17.16 16.69
CA GLN D 149 -8.34 16.49 15.67
C GLN D 149 -6.85 16.55 15.94
N LEU D 150 -6.39 17.42 16.81
CA LEU D 150 -4.98 17.49 17.19
C LEU D 150 -4.71 16.63 18.40
N PRO D 151 -3.46 16.22 18.57
CA PRO D 151 -3.07 15.59 19.84
C PRO D 151 -3.32 16.52 21.01
N TYR D 152 -3.88 15.96 22.08
CA TYR D 152 -4.40 16.75 23.18
C TYR D 152 -3.39 16.71 24.33
N VAL D 153 -2.68 17.82 24.53
CA VAL D 153 -1.61 17.90 25.51
C VAL D 153 -2.04 18.57 26.81
N LEU D 154 -3.29 19.01 26.93
CA LEU D 154 -3.66 19.83 28.08
C LEU D 154 -3.99 19.02 29.31
N GLY D 155 -3.87 17.69 29.26
CA GLY D 155 -4.19 16.85 30.38
C GLY D 155 -3.01 16.22 31.10
N SER D 156 -1.80 16.71 30.84
CA SER D 156 -0.58 16.11 31.39
C SER D 156 -0.05 16.82 32.64
N ALA D 157 -0.76 17.83 33.14
CA ALA D 157 -0.34 18.56 34.34
C ALA D 157 1.00 19.27 34.14
N HIS D 158 1.09 20.04 33.07
CA HIS D 158 2.30 20.82 32.79
C HIS D 158 2.37 22.08 33.62
N PRO D 173 3.11 28.94 26.35
CA PRO D 173 4.08 27.87 26.10
C PRO D 173 4.06 27.38 24.67
N GLN D 174 5.08 26.62 24.27
CA GLN D 174 5.17 26.14 22.90
C GLN D 174 4.48 24.80 22.76
N TYR D 175 3.79 24.61 21.64
CA TYR D 175 3.00 23.40 21.42
C TYR D 175 3.84 22.35 20.70
N GLY D 176 3.82 21.14 21.24
CA GLY D 176 4.47 20.01 20.62
C GLY D 176 3.68 18.77 20.94
N TYR D 177 3.94 17.71 20.17
CA TYR D 177 3.25 16.45 20.37
C TYR D 177 4.19 15.30 20.06
N LEU D 178 3.84 14.14 20.59
CA LEU D 178 4.56 12.89 20.36
C LEU D 178 3.66 11.91 19.62
N THR D 179 4.29 11.11 18.76
CA THR D 179 3.61 10.10 17.98
C THR D 179 4.30 8.77 18.20
N LEU D 180 3.92 7.76 17.43
CA LEU D 180 4.46 6.43 17.61
C LEU D 180 5.94 6.38 17.28
N ASN D 181 6.67 5.52 17.97
CA ASN D 181 8.11 5.40 17.80
C ASN D 181 8.54 3.96 17.99
N ASP D 182 9.67 3.61 17.38
CA ASP D 182 10.40 2.40 17.71
C ASP D 182 11.86 2.81 17.96
N GLY D 183 12.29 2.67 19.21
CA GLY D 183 13.54 3.30 19.61
C GLY D 183 13.35 4.80 19.53
N SER D 184 14.25 5.47 18.82
CA SER D 184 14.06 6.87 18.46
C SER D 184 13.52 7.03 17.04
N GLN D 185 13.27 5.93 16.34
CA GLN D 185 12.83 6.00 14.95
C GLN D 185 11.32 6.07 14.85
N ALA D 186 10.83 6.07 13.62
CA ALA D 186 9.42 6.30 13.33
C ALA D 186 8.85 5.19 12.47
N VAL D 187 7.92 4.43 13.04
CA VAL D 187 7.19 3.42 12.31
C VAL D 187 6.24 4.10 11.33
N GLY D 188 5.80 3.36 10.32
CA GLY D 188 4.95 3.93 9.30
C GLY D 188 3.61 4.40 9.78
N ARG D 189 3.17 3.89 10.93
CA ARG D 189 1.91 4.30 11.52
C ARG D 189 2.01 5.67 12.20
N SER D 190 3.22 6.20 12.36
CA SER D 190 3.42 7.52 12.97
C SER D 190 2.79 8.61 12.12
N SER D 191 2.11 9.54 12.79
CA SER D 191 1.42 10.64 12.13
C SER D 191 2.22 11.93 12.28
N PHE D 192 2.14 12.77 11.25
CA PHE D 192 2.68 14.12 11.28
C PHE D 192 1.57 15.11 10.97
N TYR D 193 1.30 15.99 11.93
CA TYR D 193 0.25 16.98 11.79
C TYR D 193 0.87 18.35 11.56
N CYS D 194 0.44 19.02 10.50
CA CYS D 194 0.83 20.40 10.23
C CYS D 194 -0.31 21.32 10.65
N LEU D 195 -0.10 22.09 11.72
CA LEU D 195 -1.15 22.95 12.25
C LEU D 195 -1.53 24.07 11.30
N GLU D 196 -0.71 24.32 10.28
CA GLU D 196 -1.08 25.27 9.23
C GLU D 196 -2.25 24.77 8.41
N TYR D 197 -2.60 23.50 8.53
CA TYR D 197 -3.57 22.85 7.66
C TYR D 197 -4.97 22.86 8.27
N PHE D 198 -5.15 23.53 9.42
CA PHE D 198 -6.41 23.95 10.01
C PHE D 198 -6.78 25.37 9.57
N PRO D 199 -8.07 25.66 9.42
CA PRO D 199 -8.48 27.06 9.29
C PRO D 199 -8.36 27.78 10.62
N SER D 200 -7.87 29.01 10.57
CA SER D 200 -7.66 29.81 11.77
C SER D 200 -8.01 31.26 11.46
N GLN D 201 -8.13 32.04 12.53
CA GLN D 201 -8.49 33.45 12.41
C GLN D 201 -7.25 34.33 12.60
N MET D 202 -7.11 35.34 11.75
CA MET D 202 -5.94 36.20 11.75
C MET D 202 -6.30 37.55 12.33
N LEU D 203 -5.64 37.91 13.43
CA LEU D 203 -5.98 39.09 14.23
C LEU D 203 -4.89 40.14 14.08
N ARG D 204 -5.26 41.29 13.51
CA ARG D 204 -4.41 42.48 13.61
C ARG D 204 -4.61 43.12 14.97
N THR D 205 -3.91 44.25 15.19
CA THR D 205 -3.81 44.82 16.53
C THR D 205 -5.16 45.18 17.13
N GLY D 206 -6.13 45.60 16.32
CA GLY D 206 -7.44 45.95 16.83
C GLY D 206 -8.42 44.82 16.90
N ASN D 207 -8.08 43.66 16.32
CA ASN D 207 -8.97 42.52 16.27
C ASN D 207 -8.93 41.73 17.58
N ASN D 208 -10.02 41.03 17.85
CA ASN D 208 -10.21 40.23 19.05
C ASN D 208 -10.70 38.84 18.68
N PHE D 209 -10.69 37.94 19.67
CA PHE D 209 -11.11 36.56 19.47
C PHE D 209 -11.77 36.06 20.74
N GLN D 210 -12.83 35.27 20.57
CA GLN D 210 -13.47 34.62 21.71
C GLN D 210 -14.26 33.42 21.22
N PHE D 211 -14.58 32.53 22.15
CA PHE D 211 -15.49 31.43 21.88
C PHE D 211 -16.08 30.98 23.21
N SER D 212 -17.23 30.32 23.13
CA SER D 212 -17.89 29.78 24.30
C SER D 212 -17.94 28.27 24.22
N TYR D 213 -17.82 27.62 25.36
CA TYR D 213 -17.79 26.18 25.45
C TYR D 213 -18.79 25.70 26.49
N GLU D 214 -19.43 24.58 26.20
CA GLU D 214 -20.41 23.98 27.10
C GLU D 214 -19.90 22.64 27.59
N PHE D 215 -19.54 22.58 28.88
CA PHE D 215 -19.06 21.34 29.46
C PHE D 215 -20.10 20.24 29.36
N GLU D 216 -19.69 19.08 28.88
CA GLU D 216 -20.59 17.93 28.88
C GLU D 216 -20.83 17.47 30.31
N ASN D 217 -21.96 16.79 30.50
CA ASN D 217 -22.47 16.58 31.85
C ASN D 217 -21.58 15.62 32.64
N VAL D 218 -21.09 16.09 33.78
CA VAL D 218 -20.30 15.29 34.70
C VAL D 218 -20.91 15.43 36.10
N PRO D 219 -20.69 14.45 36.96
CA PRO D 219 -21.18 14.58 38.34
C PRO D 219 -20.38 15.61 39.12
N PHE D 220 -21.00 16.13 40.17
CA PHE D 220 -20.34 17.11 41.02
C PHE D 220 -19.18 16.42 41.73
N HIS D 221 -18.04 17.09 41.87
CA HIS D 221 -16.95 16.45 42.58
C HIS D 221 -17.34 16.40 44.05
N SER D 222 -17.16 15.25 44.67
CA SER D 222 -17.50 15.12 46.08
C SER D 222 -16.47 15.84 46.94
N SER D 223 -16.95 16.56 47.94
CA SER D 223 -16.04 17.26 48.85
C SER D 223 -16.47 16.96 50.27
N TYR D 224 -16.27 15.72 50.69
CA TYR D 224 -16.67 15.31 52.04
C TYR D 224 -15.90 14.10 52.54
N TYR D 276 -21.05 -4.10 51.32
CA TYR D 276 -20.12 -3.38 50.47
C TYR D 276 -18.69 -3.51 51.00
N ILE D 277 -17.72 -3.57 50.09
CA ILE D 277 -16.32 -3.75 50.45
C ILE D 277 -15.54 -2.56 49.92
N PRO D 278 -14.36 -2.28 50.49
CA PRO D 278 -13.60 -1.11 50.05
C PRO D 278 -13.13 -1.22 48.62
N GLY D 279 -12.84 -0.06 48.03
CA GLY D 279 -12.50 0.03 46.63
C GLY D 279 -11.13 -0.52 46.29
N PRO D 280 -10.73 -0.38 45.03
CA PRO D 280 -9.49 -1.01 44.56
C PRO D 280 -8.24 -0.39 45.18
N SER D 281 -7.14 -1.13 45.01
CA SER D 281 -5.84 -0.70 45.51
C SER D 281 -4.75 -1.25 44.59
N TYR D 282 -3.70 -0.45 44.41
CA TYR D 282 -2.48 -0.91 43.74
C TYR D 282 -1.32 -0.39 44.56
N ARG D 283 -0.58 -1.27 45.24
CA ARG D 283 0.17 -0.82 46.40
C ARG D 283 1.34 0.07 46.01
N GLN D 284 1.74 0.95 46.93
CA GLN D 284 2.85 1.87 46.80
C GLN D 284 3.86 1.60 47.92
N GLN D 285 5.06 2.14 47.76
CA GLN D 285 6.06 2.03 48.82
C GLN D 285 5.89 3.16 49.83
N ARG D 286 6.02 2.82 51.11
CA ARG D 286 5.86 3.80 52.18
C ARG D 286 7.18 4.52 52.44
N VAL D 287 7.15 5.84 52.29
CA VAL D 287 8.32 6.68 52.51
C VAL D 287 8.01 7.64 53.66
N SER D 288 8.91 7.70 54.63
CA SER D 288 8.80 8.61 55.75
C SER D 288 9.60 9.88 55.48
N THR D 289 9.08 11.01 55.94
CA THR D 289 9.78 12.28 55.79
C THR D 289 11.06 12.35 56.62
N THR D 290 11.16 11.55 57.67
CA THR D 290 12.39 11.46 58.46
C THR D 290 13.37 10.56 57.71
N VAL D 291 14.55 11.10 57.40
CA VAL D 291 15.48 10.37 56.55
C VAL D 291 15.98 9.09 57.20
N THR D 292 16.21 9.11 58.52
CA THR D 292 16.76 7.92 59.16
C THR D 292 15.77 6.75 59.17
N GLN D 293 14.48 7.04 59.22
CA GLN D 293 13.48 5.97 59.23
C GLN D 293 13.47 5.18 57.94
N ASN D 294 13.94 5.77 56.84
CA ASN D 294 13.99 5.08 55.57
C ASN D 294 15.26 4.26 55.43
N ASN D 295 15.21 3.20 54.63
CA ASN D 295 16.39 2.37 54.40
C ASN D 295 17.47 3.18 53.69
N ASN D 296 18.72 2.95 54.08
CA ASN D 296 19.85 3.67 53.49
C ASN D 296 20.33 3.03 52.19
N SER D 297 19.51 3.15 51.15
CA SER D 297 19.87 2.61 49.84
C SER D 297 19.05 3.29 48.76
N GLU D 298 19.52 3.24 47.53
CA GLU D 298 18.80 3.87 46.43
C GLU D 298 17.60 3.03 46.00
N PHE D 299 16.42 3.38 46.50
CA PHE D 299 15.21 2.64 46.16
C PHE D 299 14.18 3.43 45.35
N ALA D 300 14.54 4.59 44.82
CA ALA D 300 13.56 5.38 44.09
C ALA D 300 12.99 4.71 42.85
N TRP D 301 13.83 4.06 42.05
CA TRP D 301 13.31 3.37 40.86
C TRP D 301 13.11 1.87 41.08
N PRO D 302 14.02 1.26 41.84
CA PRO D 302 13.97 -0.17 42.17
C PRO D 302 12.74 -0.54 43.00
N GLY D 303 12.35 0.33 43.91
CA GLY D 303 11.19 0.10 44.76
C GLY D 303 9.92 0.76 44.28
N ALA D 304 9.95 1.32 43.07
CA ALA D 304 8.79 2.01 42.50
C ALA D 304 7.68 1.14 41.89
N SER D 305 6.46 1.69 41.89
CA SER D 305 5.29 1.05 41.31
C SER D 305 5.14 1.49 39.86
N SER D 306 5.13 0.53 38.94
CA SER D 306 5.16 0.85 37.53
C SER D 306 4.16 0.00 36.76
N TRP D 307 3.81 0.46 35.56
CA TRP D 307 3.03 -0.32 34.61
C TRP D 307 3.74 -0.32 33.26
N ALA D 308 3.88 -1.49 32.67
CA ALA D 308 4.63 -1.67 31.44
C ALA D 308 3.70 -1.57 30.24
N LEU D 309 4.15 -0.85 29.21
CA LEU D 309 3.42 -0.72 27.96
C LEU D 309 4.40 -0.86 26.81
N ASN D 310 4.22 -1.89 26.00
CA ASN D 310 5.05 -2.13 24.82
C ASN D 310 6.53 -2.24 25.22
N GLY D 311 6.79 -2.86 26.35
CA GLY D 311 8.15 -3.04 26.79
C GLY D 311 8.75 -1.89 27.55
N ARG D 312 8.03 -0.78 27.72
CA ARG D 312 8.49 0.39 28.44
C ARG D 312 7.80 0.48 29.79
N ASN D 313 8.57 0.77 30.82
CA ASN D 313 8.07 0.82 32.19
C ASN D 313 7.87 2.26 32.62
N SER D 314 6.61 2.67 32.76
CA SER D 314 6.27 3.97 33.29
C SER D 314 5.96 3.83 34.76
N LEU D 315 6.34 4.83 35.55
CA LEU D 315 5.96 4.87 36.96
C LEU D 315 4.45 4.92 37.08
N MET D 316 3.92 4.33 38.15
CA MET D 316 2.49 4.45 38.40
C MET D 316 2.29 5.71 39.22
N ASN D 317 1.81 6.76 38.56
CA ASN D 317 1.74 8.06 39.20
C ASN D 317 0.52 8.84 38.70
N PRO D 318 -0.22 9.47 39.62
CA PRO D 318 -0.22 9.20 41.07
C PRO D 318 -0.81 7.82 41.40
N GLY D 319 -1.52 7.23 40.43
CA GLY D 319 -2.05 5.90 40.60
C GLY D 319 -3.51 5.91 41.00
N PRO D 320 -4.02 4.76 41.43
CA PRO D 320 -5.39 4.70 41.93
C PRO D 320 -5.59 5.62 43.13
N ALA D 321 -6.84 5.97 43.39
CA ALA D 321 -7.16 6.88 44.49
C ALA D 321 -7.11 6.11 45.80
N MET D 322 -6.22 6.52 46.69
CA MET D 322 -6.04 5.87 47.98
C MET D 322 -5.59 6.92 48.99
N ALA D 323 -5.68 6.58 50.28
CA ALA D 323 -5.22 7.49 51.31
C ALA D 323 -3.73 7.26 51.59
N SER D 324 -3.01 8.37 51.76
CA SER D 324 -1.58 8.31 52.01
C SER D 324 -1.29 7.64 53.35
N LEU D 335 4.95 6.93 48.19
CA LEU D 335 6.10 7.30 47.37
C LEU D 335 5.64 8.09 46.16
N SER D 336 5.08 7.39 45.18
CA SER D 336 4.58 8.00 43.96
C SER D 336 3.08 8.25 44.00
N GLY D 337 2.42 7.95 45.12
CA GLY D 337 0.97 8.01 45.18
C GLY D 337 0.39 9.32 45.62
N SER D 338 1.13 10.41 45.48
CA SER D 338 0.66 11.72 45.91
C SER D 338 1.09 12.78 44.91
N LEU D 339 0.29 13.83 44.80
CA LEU D 339 0.68 14.99 44.01
C LEU D 339 1.64 15.85 44.82
N ILE D 340 2.71 16.29 44.17
CA ILE D 340 3.75 17.04 44.84
C ILE D 340 3.92 18.37 44.12
N PHE D 341 3.79 19.47 44.86
CA PHE D 341 3.90 20.81 44.31
C PHE D 341 5.14 21.51 44.86
N GLY D 342 5.65 22.46 44.10
CA GLY D 342 6.79 23.24 44.54
C GLY D 342 6.38 24.50 45.28
N LYS D 343 7.28 24.95 46.18
CA LYS D 343 7.12 26.22 46.86
C LYS D 343 7.86 27.30 46.09
N GLN D 344 7.30 28.52 46.13
CA GLN D 344 7.75 29.59 45.25
C GLN D 344 9.27 29.76 45.32
N GLY D 345 9.90 29.76 44.15
CA GLY D 345 11.35 29.74 44.07
C GLY D 345 12.00 28.41 44.37
N THR D 346 11.47 27.30 43.85
CA THR D 346 12.06 25.99 44.07
C THR D 346 12.79 25.54 42.82
N GLY D 347 13.97 24.94 43.01
CA GLY D 347 14.80 24.52 41.90
C GLY D 347 14.15 23.41 41.08
N ARG D 348 14.72 23.22 39.90
CA ARG D 348 14.21 22.21 38.97
C ARG D 348 14.79 20.82 39.22
N ASP D 349 15.88 20.72 39.98
CA ASP D 349 16.58 19.45 40.16
C ASP D 349 16.96 19.25 41.62
N ASN D 350 16.56 18.10 42.18
CA ASN D 350 17.07 17.61 43.45
C ASN D 350 16.88 18.64 44.58
N VAL D 351 15.64 19.03 44.79
CA VAL D 351 15.29 20.01 45.80
C VAL D 351 14.90 19.29 47.08
N ASP D 352 15.19 19.92 48.22
CA ASP D 352 14.98 19.27 49.51
C ASP D 352 13.49 19.12 49.81
N ALA D 353 13.19 18.46 50.93
CA ALA D 353 11.82 18.06 51.22
C ALA D 353 10.98 19.23 51.71
N ASP D 354 11.61 20.27 52.25
CA ASP D 354 10.86 21.43 52.71
C ASP D 354 10.62 22.44 51.61
N LYS D 355 11.10 22.20 50.39
CA LYS D 355 10.81 23.06 49.25
C LYS D 355 9.63 22.58 48.43
N VAL D 356 9.04 21.45 48.77
CA VAL D 356 7.95 20.87 48.00
C VAL D 356 6.78 20.57 48.94
N MET D 357 5.57 20.76 48.42
CA MET D 357 4.35 20.48 49.16
C MET D 357 3.84 19.10 48.76
N ILE D 358 3.81 18.19 49.72
CA ILE D 358 3.35 16.81 49.50
C ILE D 358 1.93 16.71 50.01
N THR D 359 0.99 16.55 49.08
CA THR D 359 -0.42 16.51 49.45
C THR D 359 -0.75 15.20 50.16
N ASN D 360 -1.85 15.22 50.91
CA ASN D 360 -2.38 14.01 51.52
C ASN D 360 -3.86 13.86 51.15
N GLU D 361 -4.25 12.63 50.84
CA GLU D 361 -5.62 12.30 50.47
C GLU D 361 -6.44 11.77 51.64
N GLU D 362 -5.90 11.83 52.87
CA GLU D 362 -6.42 11.03 53.98
C GLU D 362 -7.91 11.18 54.21
N GLU D 363 -8.55 12.22 53.67
CA GLU D 363 -9.98 12.38 53.82
C GLU D 363 -10.76 11.14 53.41
N ILE D 364 -10.23 10.36 52.48
CA ILE D 364 -10.93 9.23 51.87
C ILE D 364 -10.61 7.93 52.60
N LYS D 365 -9.84 8.01 53.69
CA LYS D 365 -9.32 6.80 54.32
C LYS D 365 -10.41 5.86 54.81
N THR D 366 -11.65 6.34 54.99
CA THR D 366 -12.72 5.47 55.47
C THR D 366 -13.13 4.46 54.42
N THR D 367 -13.51 4.93 53.23
CA THR D 367 -13.96 4.07 52.15
C THR D 367 -12.82 3.41 51.38
N ASN D 368 -11.63 4.00 51.37
CA ASN D 368 -10.56 3.49 50.52
C ASN D 368 -9.46 2.86 51.36
N PRO D 369 -8.73 1.90 50.79
CA PRO D 369 -7.56 1.35 51.49
C PRO D 369 -6.38 2.31 51.41
N VAL D 370 -5.51 2.21 52.42
CA VAL D 370 -4.30 3.02 52.45
C VAL D 370 -3.38 2.58 51.32
N ALA D 371 -2.75 3.56 50.66
CA ALA D 371 -1.97 3.29 49.46
C ALA D 371 -0.84 2.30 49.72
N THR D 372 -0.20 2.39 50.88
CA THR D 372 0.97 1.59 51.20
C THR D 372 0.63 0.26 51.86
N GLU D 373 -0.65 -0.08 51.94
CA GLU D 373 -1.10 -1.27 52.64
C GLU D 373 -1.68 -2.28 51.66
N SER D 374 -1.63 -3.55 52.07
CA SER D 374 -2.27 -4.61 51.31
C SER D 374 -3.79 -4.45 51.34
N TYR D 375 -4.43 -4.88 50.26
CA TYR D 375 -5.88 -4.79 50.19
C TYR D 375 -6.52 -5.81 51.13
N GLY D 376 -5.84 -6.92 51.38
CA GLY D 376 -6.43 -8.00 52.14
C GLY D 376 -5.56 -9.24 52.08
N GLN D 377 -6.19 -10.39 52.27
CA GLN D 377 -5.49 -11.66 52.23
C GLN D 377 -6.13 -12.63 51.25
N GLN D 390 -3.10 -21.54 55.47
CA GLN D 390 -2.26 -20.70 54.63
C GLN D 390 -3.05 -19.57 53.98
N THR D 391 -2.59 -18.34 54.22
CA THR D 391 -3.12 -17.16 53.56
C THR D 391 -1.98 -16.44 52.88
N GLY D 392 -2.32 -15.53 51.97
CA GLY D 392 -1.33 -14.77 51.25
C GLY D 392 -1.86 -13.39 50.95
N TRP D 393 -0.94 -12.46 50.73
CA TRP D 393 -1.28 -11.05 50.71
C TRP D 393 -1.75 -10.61 49.33
N VAL D 394 -2.71 -9.70 49.30
CA VAL D 394 -3.21 -9.13 48.07
C VAL D 394 -2.58 -7.75 47.91
N GLN D 395 -1.62 -7.64 47.00
CA GLN D 395 -0.89 -6.38 46.82
C GLN D 395 -1.56 -5.48 45.80
N ASN D 396 -2.46 -6.01 44.99
CA ASN D 396 -3.32 -5.22 44.11
C ASN D 396 -4.62 -5.98 43.91
N GLN D 397 -5.72 -5.23 43.87
CA GLN D 397 -7.05 -5.82 43.73
C GLN D 397 -7.83 -5.06 42.69
N GLY D 398 -8.18 -5.71 41.59
CA GLY D 398 -9.09 -5.12 40.63
C GLY D 398 -10.49 -4.99 41.20
N ILE D 399 -11.37 -4.43 40.39
CA ILE D 399 -12.73 -4.16 40.85
C ILE D 399 -13.44 -5.48 41.18
N LEU D 400 -14.29 -5.45 42.19
CA LEU D 400 -15.18 -6.53 42.56
C LEU D 400 -16.61 -6.01 42.67
N PRO D 401 -17.61 -6.85 42.43
CA PRO D 401 -18.98 -6.46 42.78
C PRO D 401 -19.09 -6.21 44.27
N GLY D 402 -19.61 -5.04 44.63
CA GLY D 402 -19.69 -4.64 46.02
C GLY D 402 -18.60 -3.68 46.47
N MET D 403 -17.79 -3.15 45.56
CA MET D 403 -16.80 -2.17 45.95
C MET D 403 -17.34 -0.76 45.87
N VAL D 404 -17.11 0.01 46.94
CA VAL D 404 -17.31 1.44 46.96
C VAL D 404 -15.94 2.09 47.13
N TRP D 405 -15.74 3.22 46.45
CA TRP D 405 -14.49 3.95 46.57
C TRP D 405 -14.74 5.42 46.37
N GLN D 406 -13.77 6.23 46.78
CA GLN D 406 -13.76 7.67 46.55
C GLN D 406 -12.57 8.05 45.67
N ASP D 407 -12.77 9.08 44.86
CA ASP D 407 -11.75 9.49 43.92
C ASP D 407 -10.76 10.43 44.60
N ARG D 408 -9.87 11.00 43.79
CA ARG D 408 -8.83 11.87 44.33
C ARG D 408 -9.32 13.31 44.36
N ASP D 409 -9.07 13.96 45.49
CA ASP D 409 -9.52 15.32 45.73
C ASP D 409 -8.83 16.30 44.77
N VAL D 410 -9.48 17.43 44.54
CA VAL D 410 -8.96 18.46 43.67
C VAL D 410 -8.37 19.57 44.53
N TYR D 411 -7.31 20.19 44.02
CA TYR D 411 -6.54 21.17 44.77
C TYR D 411 -6.53 22.50 44.04
N LEU D 412 -6.38 23.58 44.82
CA LEU D 412 -6.31 24.92 44.24
C LEU D 412 -5.16 25.03 43.24
N GLN D 413 -4.09 24.29 43.48
CA GLN D 413 -2.97 24.22 42.54
C GLN D 413 -3.05 23.03 41.61
N GLY D 414 -4.06 22.18 41.77
CA GLY D 414 -4.16 20.95 41.01
C GLY D 414 -4.88 21.11 39.68
N PRO D 415 -5.06 20.01 38.97
CA PRO D 415 -5.74 20.05 37.68
C PRO D 415 -7.25 20.19 37.82
N ILE D 416 -7.90 20.57 36.72
CA ILE D 416 -9.36 20.65 36.69
C ILE D 416 -9.94 19.45 35.96
N TRP D 417 -9.64 19.30 34.68
CA TRP D 417 -10.26 18.25 33.89
C TRP D 417 -9.20 17.37 33.24
N ALA D 418 -9.67 16.46 32.37
CA ALA D 418 -8.82 15.66 31.51
C ALA D 418 -9.63 15.23 30.30
N LYS D 419 -8.93 14.81 29.25
CA LYS D 419 -9.59 14.26 28.07
C LYS D 419 -9.56 12.74 28.15
N ILE D 420 -10.74 12.13 28.19
CA ILE D 420 -10.82 10.67 28.22
C ILE D 420 -10.35 10.12 26.88
N PRO D 421 -9.32 9.28 26.85
CA PRO D 421 -8.83 8.78 25.56
C PRO D 421 -9.93 8.08 24.78
N HIS D 422 -9.79 8.09 23.46
CA HIS D 422 -10.82 7.54 22.59
C HIS D 422 -10.48 6.07 22.36
N THR D 423 -11.25 5.18 22.97
CA THR D 423 -10.96 3.76 22.98
C THR D 423 -12.27 3.00 22.96
N ASP D 424 -12.18 1.69 22.74
CA ASP D 424 -13.37 0.85 22.75
C ASP D 424 -13.98 0.79 24.14
N GLY D 425 -13.15 0.83 25.18
CA GLY D 425 -13.68 0.71 26.52
C GLY D 425 -12.80 1.36 27.57
N ASN D 426 -13.44 1.73 28.67
CA ASN D 426 -12.77 2.28 29.84
C ASN D 426 -13.64 1.98 31.06
N PHE D 427 -13.04 2.12 32.24
CA PHE D 427 -13.82 2.03 33.47
C PHE D 427 -13.49 3.21 34.37
N HIS D 428 -14.52 3.84 34.90
CA HIS D 428 -14.46 4.95 35.83
C HIS D 428 -13.54 6.02 35.24
N PRO D 429 -13.98 6.71 34.20
CA PRO D 429 -13.11 7.61 33.44
C PRO D 429 -12.52 8.77 34.22
N SER D 430 -12.98 9.01 35.44
CA SER D 430 -12.43 10.10 36.25
C SER D 430 -10.90 10.00 36.29
N PRO D 431 -10.19 11.07 35.94
CA PRO D 431 -8.73 10.97 35.81
C PRO D 431 -8.04 10.73 37.14
N LEU D 432 -6.87 10.10 37.06
CA LEU D 432 -6.17 9.66 38.27
C LEU D 432 -5.51 10.80 39.02
N MET D 433 -5.29 11.94 38.38
CA MET D 433 -4.78 13.11 39.10
C MET D 433 -5.89 13.94 39.72
N GLY D 434 -7.13 13.48 39.64
CA GLY D 434 -8.26 14.23 40.16
C GLY D 434 -8.85 15.14 39.11
N GLY D 435 -10.11 15.50 39.32
CA GLY D 435 -10.83 16.34 38.40
C GLY D 435 -11.86 15.61 37.58
N PHE D 436 -12.38 16.32 36.58
CA PHE D 436 -13.55 15.90 35.82
C PHE D 436 -13.11 15.34 34.48
N GLY D 437 -13.27 14.03 34.29
CA GLY D 437 -12.98 13.40 33.02
C GLY D 437 -14.05 13.74 31.99
N MET D 438 -13.60 14.11 30.79
CA MET D 438 -14.49 14.54 29.74
C MET D 438 -14.00 14.00 28.42
N LYS D 439 -14.91 13.41 27.63
CA LYS D 439 -14.55 12.92 26.31
C LYS D 439 -14.44 14.05 25.29
N HIS D 440 -15.15 15.15 25.50
CA HIS D 440 -15.01 16.36 24.68
C HIS D 440 -14.75 17.51 25.64
N PRO D 441 -13.53 17.59 26.18
CA PRO D 441 -13.22 18.63 27.17
C PRO D 441 -13.03 19.97 26.48
N PRO D 442 -12.74 21.04 27.23
CA PRO D 442 -12.48 22.34 26.61
C PRO D 442 -11.45 22.22 25.51
N PRO D 443 -11.69 22.84 24.36
CA PRO D 443 -10.77 22.70 23.23
C PRO D 443 -9.46 23.43 23.48
N GLN D 444 -8.40 22.88 22.91
CA GLN D 444 -7.12 23.56 22.87
C GLN D 444 -7.25 24.84 22.07
N ILE D 445 -6.45 25.85 22.43
CA ILE D 445 -6.44 27.12 21.73
C ILE D 445 -5.03 27.31 21.18
N LEU D 446 -4.88 27.26 19.87
CA LEU D 446 -3.57 27.33 19.24
C LEU D 446 -3.35 28.69 18.60
N ILE D 447 -2.16 29.25 18.81
CA ILE D 447 -1.85 30.62 18.44
C ILE D 447 -0.40 30.69 17.97
N LYS D 448 -0.13 31.58 17.02
CA LYS D 448 1.23 31.89 16.59
C LYS D 448 1.26 33.29 16.00
N ASN D 449 2.47 33.82 15.88
CA ASN D 449 2.68 35.08 15.18
C ASN D 449 2.94 34.80 13.71
N THR D 450 2.12 35.37 12.83
CA THR D 450 2.31 35.20 11.40
C THR D 450 3.68 35.72 10.99
N PRO D 451 4.46 34.95 10.25
CA PRO D 451 5.82 35.41 9.90
C PRO D 451 5.79 36.54 8.89
N VAL D 452 6.74 37.46 9.02
CA VAL D 452 6.93 38.54 8.06
C VAL D 452 8.33 38.38 7.46
N PRO D 453 8.45 38.14 6.16
CA PRO D 453 9.77 37.92 5.58
C PRO D 453 10.59 39.19 5.46
N ALA D 454 11.90 39.02 5.42
CA ALA D 454 12.83 40.11 5.19
C ALA D 454 12.94 40.40 3.70
N ASP D 455 13.94 41.19 3.33
CA ASP D 455 14.10 41.59 1.95
C ASP D 455 14.39 40.38 1.05
N PRO D 456 13.61 40.17 0.01
CA PRO D 456 13.89 39.09 -0.94
C PRO D 456 15.13 39.39 -1.75
N PRO D 457 15.76 38.36 -2.34
CA PRO D 457 17.04 38.57 -3.04
C PRO D 457 16.94 39.37 -4.33
N THR D 458 15.74 39.57 -4.87
CA THR D 458 15.42 40.32 -6.08
C THR D 458 15.80 39.55 -7.34
N ALA D 459 16.65 38.53 -7.25
CA ALA D 459 16.87 37.58 -8.33
C ALA D 459 16.16 36.29 -7.94
N PHE D 460 15.29 35.79 -8.83
CA PHE D 460 14.37 34.74 -8.43
C PHE D 460 15.11 33.49 -7.96
N ASN D 461 14.65 32.95 -6.83
CA ASN D 461 15.23 31.76 -6.22
C ASN D 461 14.14 30.74 -5.98
N LYS D 462 14.51 29.46 -6.05
CA LYS D 462 13.55 28.39 -5.78
C LYS D 462 13.31 28.19 -4.30
N ASP D 463 14.30 28.50 -3.47
CA ASP D 463 14.28 28.09 -2.07
C ASP D 463 13.20 28.81 -1.29
N LYS D 464 12.84 28.23 -0.16
CA LYS D 464 11.95 28.90 0.79
C LYS D 464 12.69 30.02 1.49
N LEU D 465 11.93 30.94 2.09
CA LEU D 465 12.54 32.10 2.72
C LEU D 465 12.89 31.82 4.17
N ASN D 466 14.18 31.85 4.47
CA ASN D 466 14.68 31.65 5.82
C ASN D 466 14.98 32.95 6.57
N SER D 467 14.77 34.10 5.95
CA SER D 467 15.08 35.40 6.55
C SER D 467 13.79 36.06 7.03
N PHE D 468 13.65 36.17 8.36
CA PHE D 468 12.43 36.72 8.93
C PHE D 468 12.73 37.95 9.76
N ILE D 469 11.93 39.00 9.57
CA ILE D 469 11.96 40.15 10.43
C ILE D 469 11.56 39.73 11.83
N THR D 470 12.40 40.03 12.81
CA THR D 470 12.13 39.62 14.18
C THR D 470 10.87 40.30 14.68
N GLN D 471 9.99 39.52 15.30
CA GLN D 471 8.69 40.02 15.68
C GLN D 471 8.17 39.22 16.87
N TYR D 472 7.33 39.87 17.68
CA TYR D 472 6.73 39.24 18.84
C TYR D 472 5.47 40.04 19.17
N SER D 473 4.58 39.47 19.97
CA SER D 473 3.30 40.11 20.22
C SER D 473 2.91 40.01 21.69
N THR D 474 1.89 40.78 22.06
CA THR D 474 1.33 40.78 23.39
C THR D 474 -0.12 41.24 23.32
N GLY D 475 -0.87 40.96 24.38
CA GLY D 475 -2.29 41.25 24.36
C GLY D 475 -2.96 40.78 25.64
N GLN D 476 -4.30 40.71 25.58
CA GLN D 476 -5.13 40.47 26.74
C GLN D 476 -5.97 39.21 26.55
N VAL D 477 -6.18 38.47 27.65
CA VAL D 477 -7.00 37.26 27.66
C VAL D 477 -7.85 37.24 28.92
N SER D 478 -9.16 37.03 28.76
CA SER D 478 -10.07 36.86 29.88
C SER D 478 -10.87 35.58 29.69
N VAL D 479 -10.65 34.62 30.59
CA VAL D 479 -11.38 33.36 30.58
C VAL D 479 -12.56 33.38 31.54
N ASP E 231 -19.34 -22.61 29.59
CA ASP E 231 -18.25 -23.24 28.84
C ASP E 231 -18.73 -24.38 27.94
N ARG E 232 -19.98 -24.81 28.16
CA ARG E 232 -20.57 -25.88 27.36
C ARG E 232 -21.48 -25.37 26.24
N LEU E 233 -21.53 -24.06 26.03
CA LEU E 233 -22.46 -23.47 25.08
C LEU E 233 -22.26 -23.93 23.64
N MET E 234 -21.21 -24.69 23.36
CA MET E 234 -20.86 -25.08 22.01
C MET E 234 -21.89 -26.07 21.43
N ASN E 235 -21.89 -26.13 20.10
CA ASN E 235 -22.58 -27.18 19.37
C ASN E 235 -21.73 -28.45 19.39
N PRO E 236 -22.20 -29.55 19.98
CA PRO E 236 -21.36 -30.75 20.09
C PRO E 236 -21.11 -31.46 18.76
N LEU E 237 -21.86 -31.14 17.72
CA LEU E 237 -21.74 -31.88 16.47
C LEU E 237 -20.81 -31.23 15.46
N ILE E 238 -20.36 -30.00 15.69
CA ILE E 238 -19.71 -29.21 14.66
C ILE E 238 -18.30 -28.83 15.12
N ASP E 239 -17.40 -28.71 14.14
CA ASP E 239 -16.05 -28.23 14.37
C ASP E 239 -15.99 -26.71 14.37
N GLN E 240 -15.09 -26.18 15.17
CA GLN E 240 -14.70 -24.78 15.05
C GLN E 240 -13.83 -24.61 13.81
N TYR E 241 -13.79 -23.40 13.28
CA TYR E 241 -12.83 -23.09 12.24
C TYR E 241 -11.53 -22.57 12.83
N LEU E 242 -11.42 -22.61 14.15
CA LEU E 242 -10.24 -22.11 14.84
C LEU E 242 -9.33 -23.27 15.25
N TYR E 243 -8.03 -22.99 15.20
CA TYR E 243 -6.99 -23.95 15.52
C TYR E 243 -6.34 -23.60 16.86
N TYR E 244 -5.81 -24.62 17.51
CA TYR E 244 -5.07 -24.46 18.76
C TYR E 244 -3.74 -25.18 18.60
N LEU E 245 -2.75 -24.75 19.37
CA LEU E 245 -1.47 -25.44 19.32
C LEU E 245 -1.56 -26.72 20.15
N SER E 246 -1.47 -27.86 19.48
CA SER E 246 -1.60 -29.12 20.17
C SER E 246 -0.29 -29.80 20.54
N LYS E 247 0.81 -29.45 19.87
CA LYS E 247 2.03 -30.22 20.01
C LYS E 247 3.23 -29.29 19.88
N THR E 248 4.09 -29.26 20.90
CA THR E 248 5.31 -28.48 20.84
C THR E 248 6.57 -29.28 20.55
N ILE E 249 6.48 -30.60 20.48
CA ILE E 249 7.65 -31.45 20.21
C ILE E 249 7.19 -32.69 19.45
N ASN E 250 8.05 -33.20 18.58
CA ASN E 250 7.73 -34.43 17.87
C ASN E 250 7.67 -35.61 18.83
N GLY E 251 8.73 -35.81 19.60
CA GLY E 251 8.79 -36.90 20.55
C GLY E 251 9.94 -36.70 21.51
N SER E 252 10.27 -37.77 22.22
CA SER E 252 11.40 -37.73 23.13
C SER E 252 12.70 -37.71 22.35
N GLY E 253 13.65 -36.91 22.82
CA GLY E 253 14.93 -36.79 22.16
C GLY E 253 15.52 -35.41 22.41
N GLN E 254 16.45 -35.04 21.54
CA GLN E 254 17.09 -33.72 21.58
C GLN E 254 16.71 -32.94 20.34
N ASN E 255 16.48 -31.64 20.52
CA ASN E 255 16.21 -30.73 19.41
C ASN E 255 14.96 -31.15 18.64
N GLN E 256 13.96 -31.60 19.38
CA GLN E 256 12.72 -32.12 18.81
C GLN E 256 11.66 -31.05 18.64
N GLN E 257 11.98 -29.78 18.90
CA GLN E 257 10.97 -28.73 18.89
C GLN E 257 10.19 -28.70 17.58
N THR E 258 8.89 -28.46 17.68
CA THR E 258 8.01 -28.30 16.54
C THR E 258 6.79 -27.51 17.00
N LEU E 259 6.02 -27.03 16.03
CA LEU E 259 4.69 -26.49 16.30
C LEU E 259 3.68 -27.20 15.41
N LYS E 260 2.80 -28.00 16.03
CA LYS E 260 1.71 -28.67 15.35
C LYS E 260 0.40 -28.10 15.84
N PHE E 261 -0.52 -27.84 14.92
CA PHE E 261 -1.81 -27.25 15.23
C PHE E 261 -2.91 -28.20 14.81
N SER E 262 -3.99 -28.23 15.58
CA SER E 262 -5.14 -29.07 15.27
C SER E 262 -6.43 -28.27 15.37
N VAL E 263 -7.49 -28.80 14.79
CA VAL E 263 -8.77 -28.13 14.82
C VAL E 263 -9.43 -28.37 16.18
N ALA E 264 -9.76 -27.28 16.86
CA ALA E 264 -10.47 -27.40 18.12
C ALA E 264 -11.93 -27.71 17.85
N GLY E 265 -12.42 -28.80 18.44
CA GLY E 265 -13.73 -29.30 18.12
C GLY E 265 -14.28 -30.22 19.18
N PRO E 266 -15.36 -30.92 18.86
CA PRO E 266 -16.06 -31.71 19.89
C PRO E 266 -15.19 -32.74 20.59
N SER E 267 -14.19 -33.30 19.91
CA SER E 267 -13.38 -34.35 20.51
C SER E 267 -12.62 -33.84 21.72
N ASN E 268 -12.16 -32.60 21.68
CA ASN E 268 -11.55 -31.93 22.83
C ASN E 268 -12.27 -30.60 23.02
N MET E 269 -13.04 -30.52 24.10
CA MET E 269 -13.86 -29.33 24.30
C MET E 269 -13.20 -28.35 25.27
N ALA E 270 -12.04 -28.72 25.81
CA ALA E 270 -11.39 -27.86 26.79
C ALA E 270 -10.64 -26.71 26.12
N VAL E 271 -10.11 -26.94 24.91
CA VAL E 271 -9.19 -25.99 24.31
C VAL E 271 -9.90 -25.04 23.36
N GLN E 272 -11.23 -25.12 23.28
CA GLN E 272 -11.95 -24.34 22.29
C GLN E 272 -11.98 -22.86 22.64
N GLY E 273 -12.18 -22.03 21.62
CA GLY E 273 -12.30 -20.60 21.85
C GLY E 273 -13.69 -20.26 22.38
N ARG E 274 -13.73 -19.33 23.33
CA ARG E 274 -14.98 -18.90 23.95
C ARG E 274 -15.00 -17.39 24.05
N ASN E 275 -16.21 -16.83 24.01
CA ASN E 275 -16.41 -15.39 24.05
C ASN E 275 -16.63 -14.83 25.45
N TYR E 276 -16.81 -15.67 26.46
CA TYR E 276 -17.16 -15.17 27.78
C TYR E 276 -16.57 -16.07 28.86
N ILE E 277 -16.28 -15.47 30.00
CA ILE E 277 -15.57 -16.13 31.10
C ILE E 277 -16.33 -15.83 32.39
N PRO E 278 -16.17 -16.67 33.41
CA PRO E 278 -16.92 -16.47 34.64
C PRO E 278 -16.45 -15.26 35.42
N GLY E 279 -17.27 -14.86 36.38
CA GLY E 279 -17.03 -13.66 37.16
C GLY E 279 -15.84 -13.77 38.11
N PRO E 280 -15.61 -12.71 38.87
CA PRO E 280 -14.44 -12.66 39.74
C PRO E 280 -14.59 -13.54 40.98
N SER E 281 -13.43 -13.86 41.57
CA SER E 281 -13.38 -14.74 42.72
C SER E 281 -12.30 -14.26 43.69
N TYR E 282 -12.64 -14.28 44.98
CA TYR E 282 -11.70 -14.01 46.05
C TYR E 282 -11.82 -15.17 47.02
N ARG E 283 -10.79 -16.02 47.07
CA ARG E 283 -10.96 -17.37 47.62
C ARG E 283 -11.35 -17.37 49.10
N GLN E 284 -12.24 -18.28 49.45
CA GLN E 284 -12.56 -18.62 50.82
C GLN E 284 -11.82 -19.89 51.21
N GLN E 285 -11.41 -19.97 52.47
CA GLN E 285 -10.63 -21.11 52.97
C GLN E 285 -11.16 -22.48 52.52
N ASN E 368 -20.49 -19.15 37.82
CA ASN E 368 -19.57 -18.50 38.74
C ASN E 368 -18.47 -19.46 39.18
N PRO E 369 -17.33 -18.92 39.58
CA PRO E 369 -16.25 -19.78 40.08
C PRO E 369 -16.52 -20.27 41.49
N VAL E 370 -15.80 -21.33 41.88
CA VAL E 370 -16.00 -21.96 43.18
C VAL E 370 -15.20 -21.18 44.22
N ALA E 371 -15.74 -21.10 45.43
CA ALA E 371 -15.15 -20.34 46.53
C ALA E 371 -13.78 -20.89 46.94
N THR E 372 -13.64 -22.21 46.95
CA THR E 372 -12.41 -22.85 47.41
C THR E 372 -11.46 -23.21 46.27
N GLU E 373 -11.80 -22.89 45.03
CA GLU E 373 -10.96 -23.17 43.88
C GLU E 373 -10.33 -21.89 43.35
N SER E 374 -9.11 -22.01 42.86
CA SER E 374 -8.42 -20.88 42.25
C SER E 374 -9.10 -20.51 40.95
N TYR E 375 -9.02 -19.22 40.59
CA TYR E 375 -9.66 -18.75 39.38
C TYR E 375 -9.05 -19.40 38.16
N GLY E 376 -7.74 -19.61 38.17
CA GLY E 376 -7.08 -20.21 37.02
C GLY E 376 -5.57 -20.11 37.17
N GLN E 377 -4.90 -20.18 36.02
CA GLN E 377 -3.43 -20.11 35.97
C GLN E 377 -2.93 -18.89 35.22
N GLN E 390 6.35 -22.14 32.66
CA GLN E 390 5.85 -22.06 34.03
C GLN E 390 4.55 -21.28 34.13
N THR E 391 3.70 -21.70 35.07
CA THR E 391 2.45 -21.01 35.38
C THR E 391 2.31 -20.93 36.89
N GLY E 392 1.34 -20.13 37.33
CA GLY E 392 1.04 -20.01 38.73
C GLY E 392 -0.41 -19.67 38.97
N TRP E 393 -0.94 -20.02 40.13
CA TRP E 393 -2.37 -20.00 40.32
C TRP E 393 -2.86 -18.59 40.65
N VAL E 394 -4.07 -18.28 40.21
CA VAL E 394 -4.72 -17.00 40.47
C VAL E 394 -5.58 -17.19 41.72
N GLN E 395 -5.17 -16.57 42.82
CA GLN E 395 -5.92 -16.75 44.06
C GLN E 395 -6.95 -15.63 44.25
N ASN E 396 -6.88 -14.59 43.44
CA ASN E 396 -7.93 -13.58 43.36
C ASN E 396 -7.94 -12.97 41.97
N GLN E 397 -9.13 -12.67 41.47
CA GLN E 397 -9.28 -12.05 40.16
C GLN E 397 -10.21 -10.86 40.29
N GLY E 398 -9.83 -9.75 39.69
CA GLY E 398 -10.71 -8.62 39.54
C GLY E 398 -11.52 -8.74 38.26
N ILE E 399 -12.32 -7.70 38.00
CA ILE E 399 -13.14 -7.70 36.80
C ILE E 399 -12.26 -7.70 35.56
N LEU E 400 -12.69 -8.46 34.56
CA LEU E 400 -12.10 -8.44 33.23
C LEU E 400 -13.21 -8.19 32.22
N PRO E 401 -12.91 -7.50 31.12
CA PRO E 401 -13.90 -7.39 30.05
C PRO E 401 -14.26 -8.76 29.50
N GLY E 402 -15.56 -9.02 29.42
CA GLY E 402 -16.07 -10.29 28.94
C GLY E 402 -16.60 -11.21 30.01
N MET E 403 -16.61 -10.79 31.28
CA MET E 403 -17.10 -11.65 32.35
C MET E 403 -18.62 -11.62 32.46
N VAL E 404 -19.16 -12.72 32.98
CA VAL E 404 -20.57 -12.85 33.34
C VAL E 404 -20.62 -13.51 34.70
N TRP E 405 -21.62 -13.13 35.50
CA TRP E 405 -21.72 -13.69 36.84
C TRP E 405 -23.16 -13.60 37.34
N GLN E 406 -23.46 -14.42 38.34
CA GLN E 406 -24.74 -14.43 39.04
C GLN E 406 -24.58 -13.72 40.38
N ASP E 407 -25.63 -12.99 40.78
CA ASP E 407 -25.62 -12.36 42.09
C ASP E 407 -25.94 -13.38 43.17
N ARG E 408 -25.94 -12.93 44.42
CA ARG E 408 -26.31 -13.78 45.55
C ARG E 408 -27.76 -13.55 45.93
N SER F 23 -39.34 -19.47 -7.32
CA SER F 23 -40.03 -18.71 -6.30
C SER F 23 -39.20 -17.52 -5.81
N GLY F 24 -37.94 -17.48 -6.22
CA GLY F 24 -37.06 -16.39 -5.84
C GLY F 24 -36.00 -16.19 -6.89
N ASN F 25 -35.19 -15.15 -6.69
CA ASN F 25 -34.10 -14.80 -7.58
C ASN F 25 -32.76 -15.00 -6.88
N TRP F 26 -31.68 -14.65 -7.57
CA TRP F 26 -30.33 -14.77 -7.03
C TRP F 26 -29.78 -13.38 -6.82
N HIS F 27 -29.39 -13.05 -5.59
CA HIS F 27 -28.84 -11.73 -5.31
C HIS F 27 -27.41 -11.79 -4.79
N CYS F 28 -26.48 -11.29 -5.59
CA CYS F 28 -25.09 -11.26 -5.19
C CYS F 28 -24.37 -10.00 -5.63
N ASP F 29 -24.64 -8.91 -4.93
CA ASP F 29 -23.98 -7.65 -5.20
C ASP F 29 -24.07 -6.80 -3.94
N SER F 30 -23.25 -5.76 -3.86
CA SER F 30 -23.28 -4.89 -2.70
C SER F 30 -23.43 -3.45 -3.12
N GLN F 31 -24.15 -2.68 -2.32
CA GLN F 31 -24.34 -1.28 -2.62
C GLN F 31 -23.67 -0.44 -1.55
N TRP F 32 -22.83 0.48 -1.99
CA TRP F 32 -22.14 1.38 -1.08
C TRP F 32 -22.85 2.69 -1.26
N LEU F 33 -23.71 3.01 -0.32
CA LEU F 33 -24.56 4.20 -0.38
C LEU F 33 -24.30 5.03 0.86
N GLY F 34 -23.69 6.20 0.69
CA GLY F 34 -23.51 7.13 1.79
C GLY F 34 -22.80 6.54 2.99
N ASP F 35 -23.45 6.60 4.14
CA ASP F 35 -22.91 6.08 5.38
C ASP F 35 -23.26 4.62 5.62
N ARG F 36 -23.86 3.94 4.64
CA ARG F 36 -24.34 2.58 4.84
C ARG F 36 -23.79 1.66 3.78
N VAL F 37 -23.70 0.37 4.12
CA VAL F 37 -23.37 -0.69 3.19
C VAL F 37 -24.50 -1.71 3.24
N ILE F 38 -24.95 -2.14 2.07
CA ILE F 38 -25.95 -3.20 1.98
C ILE F 38 -25.33 -4.36 1.22
N THR F 39 -25.08 -5.46 1.92
CA THR F 39 -24.49 -6.64 1.34
C THR F 39 -25.52 -7.76 1.25
N THR F 40 -25.61 -8.35 0.06
CA THR F 40 -26.59 -9.41 -0.18
C THR F 40 -25.87 -10.62 -0.75
N SER F 41 -25.87 -11.71 0.01
CA SER F 41 -25.25 -12.96 -0.40
C SER F 41 -26.34 -13.98 -0.72
N THR F 42 -26.04 -14.87 -1.67
CA THR F 42 -26.96 -15.94 -2.04
C THR F 42 -26.17 -17.22 -2.31
N ARG F 43 -26.59 -18.32 -1.69
CA ARG F 43 -25.87 -19.58 -1.77
C ARG F 43 -26.81 -20.72 -2.12
N THR F 44 -26.24 -21.78 -2.69
CA THR F 44 -26.93 -23.05 -2.95
C THR F 44 -26.56 -24.04 -1.86
N TRP F 45 -27.55 -24.73 -1.30
CA TRP F 45 -27.33 -25.62 -0.18
C TRP F 45 -27.91 -27.01 -0.42
N ALA F 46 -27.68 -27.91 0.54
CA ALA F 46 -28.26 -29.24 0.56
C ALA F 46 -28.53 -29.64 2.01
N LEU F 47 -29.73 -30.14 2.28
CA LEU F 47 -30.10 -30.59 3.63
C LEU F 47 -30.38 -32.08 3.65
N PRO F 48 -29.53 -32.90 4.25
CA PRO F 48 -29.84 -34.32 4.42
C PRO F 48 -30.74 -34.54 5.64
N THR F 49 -30.93 -35.81 5.98
CA THR F 49 -31.63 -36.19 7.20
C THR F 49 -30.60 -36.67 8.22
N TYR F 50 -30.61 -36.07 9.40
CA TYR F 50 -29.65 -36.39 10.44
C TYR F 50 -30.25 -37.33 11.48
N ASN F 51 -29.46 -38.32 11.88
CA ASN F 51 -29.85 -39.35 12.85
C ASN F 51 -31.07 -40.15 12.42
N ASN F 52 -31.36 -40.19 11.12
CA ASN F 52 -32.54 -40.90 10.60
C ASN F 52 -33.81 -40.48 11.33
N HIS F 53 -34.07 -39.17 11.35
CA HIS F 53 -35.28 -38.59 11.92
C HIS F 53 -35.40 -38.81 13.42
N LEU F 54 -34.29 -38.98 14.13
CA LEU F 54 -34.30 -39.34 15.53
C LEU F 54 -33.60 -38.27 16.39
N TYR F 55 -34.00 -38.23 17.66
CA TYR F 55 -33.28 -37.48 18.68
C TYR F 55 -32.48 -38.45 19.54
N LYS F 56 -31.22 -38.12 19.81
CA LYS F 56 -30.38 -39.04 20.58
C LYS F 56 -29.54 -38.29 21.61
N GLN F 57 -29.68 -38.71 22.86
CA GLN F 57 -28.78 -38.31 23.94
C GLN F 57 -27.34 -38.67 23.59
N ILE F 58 -26.41 -37.76 23.87
CA ILE F 58 -24.99 -37.97 23.65
C ILE F 58 -24.19 -37.34 24.77
N SER F 59 -23.13 -38.04 25.19
CA SER F 59 -22.17 -37.52 26.17
C SER F 59 -20.81 -38.11 25.84
N ASN F 60 -19.84 -37.88 26.74
CA ASN F 60 -18.49 -38.36 26.47
C ASN F 60 -18.37 -39.85 26.74
N SER F 61 -19.16 -40.36 27.70
CA SER F 61 -19.10 -41.76 28.07
C SER F 61 -19.31 -42.68 26.87
N THR F 62 -19.96 -42.17 25.82
CA THR F 62 -20.02 -42.90 24.57
C THR F 62 -18.66 -42.94 23.89
N SER F 63 -17.96 -41.81 23.83
CA SER F 63 -16.68 -41.71 23.13
C SER F 63 -15.48 -41.98 24.03
N GLY F 64 -15.70 -42.20 25.33
CA GLY F 64 -14.66 -42.57 26.26
C GLY F 64 -14.18 -41.46 27.17
N GLY F 65 -14.30 -40.20 26.75
CA GLY F 65 -14.23 -39.06 27.67
C GLY F 65 -13.11 -39.07 28.69
N SER F 66 -11.87 -39.26 28.25
CA SER F 66 -10.77 -39.56 29.16
C SER F 66 -10.63 -38.54 30.30
N SER F 67 -10.97 -37.28 30.08
CA SER F 67 -10.73 -36.23 31.06
C SER F 67 -12.05 -35.59 31.46
N ASN F 68 -12.10 -35.05 32.68
CA ASN F 68 -13.26 -34.29 33.11
C ASN F 68 -13.35 -32.95 32.42
N ASP F 69 -12.23 -32.46 31.87
CA ASP F 69 -12.25 -31.21 31.14
C ASP F 69 -13.13 -31.31 29.90
N ASN F 70 -13.12 -32.46 29.24
CA ASN F 70 -13.92 -32.68 28.05
C ASN F 70 -15.34 -33.16 28.36
N ALA F 71 -15.70 -33.26 29.64
CA ALA F 71 -16.98 -33.86 30.03
C ALA F 71 -18.16 -32.99 29.60
N TYR F 72 -19.07 -33.59 28.84
CA TYR F 72 -20.20 -32.87 28.28
C TYR F 72 -21.42 -33.78 28.29
N PHE F 73 -22.60 -33.18 28.27
CA PHE F 73 -23.86 -33.91 28.15
C PHE F 73 -24.86 -33.12 27.32
N GLY F 74 -25.44 -33.79 26.33
CA GLY F 74 -26.40 -33.11 25.46
C GLY F 74 -27.07 -34.05 24.50
N TYR F 75 -27.83 -33.46 23.58
CA TYR F 75 -28.62 -34.21 22.62
C TYR F 75 -28.22 -33.80 21.20
N SER F 76 -28.56 -34.65 20.23
CA SER F 76 -28.42 -34.34 18.82
C SER F 76 -29.78 -34.47 18.15
N THR F 77 -30.13 -33.47 17.36
CA THR F 77 -31.44 -33.38 16.75
C THR F 77 -31.31 -33.54 15.25
N PRO F 78 -32.35 -34.04 14.57
CA PRO F 78 -32.32 -34.09 13.10
C PRO F 78 -32.36 -32.73 12.45
N TRP F 79 -32.74 -31.69 13.19
CA TRP F 79 -32.82 -30.34 12.66
C TRP F 79 -31.48 -29.85 12.13
N GLY F 80 -31.53 -29.10 11.04
CA GLY F 80 -30.38 -28.36 10.55
C GLY F 80 -30.56 -26.87 10.85
N TYR F 81 -29.52 -26.10 10.52
CA TYR F 81 -29.62 -24.66 10.66
C TYR F 81 -28.67 -23.98 9.68
N PHE F 82 -29.03 -22.76 9.29
CA PHE F 82 -28.18 -21.95 8.41
C PHE F 82 -27.40 -20.95 9.25
N ASP F 83 -26.08 -20.97 9.08
CA ASP F 83 -25.19 -20.08 9.81
C ASP F 83 -24.43 -19.22 8.81
N PHE F 84 -24.76 -17.93 8.76
CA PHE F 84 -24.06 -16.93 7.95
C PHE F 84 -23.09 -16.08 8.77
N ASN F 85 -22.88 -16.41 10.04
CA ASN F 85 -22.25 -15.56 11.05
C ASN F 85 -20.88 -15.00 10.67
N ARG F 86 -20.04 -15.70 9.91
CA ARG F 86 -18.70 -15.21 9.61
C ARG F 86 -18.76 -14.02 8.66
N PHE F 87 -17.69 -13.23 8.63
CA PHE F 87 -17.70 -12.03 7.80
C PHE F 87 -17.62 -12.34 6.31
N HIS F 88 -16.72 -13.23 5.89
CA HIS F 88 -16.55 -13.46 4.46
C HIS F 88 -17.80 -14.04 3.82
N CYS F 89 -18.80 -14.42 4.61
CA CYS F 89 -20.10 -14.72 4.03
C CYS F 89 -20.67 -13.49 3.35
N HIS F 90 -20.61 -12.33 4.01
CA HIS F 90 -21.28 -11.12 3.55
C HIS F 90 -20.41 -10.17 2.75
N PHE F 91 -19.09 -10.36 2.71
CA PHE F 91 -18.17 -9.45 2.05
C PHE F 91 -17.26 -10.19 1.10
N SER F 92 -16.99 -9.59 -0.05
CA SER F 92 -15.95 -10.08 -0.94
C SER F 92 -14.61 -9.47 -0.55
N PRO F 93 -13.51 -10.10 -0.94
CA PRO F 93 -12.19 -9.52 -0.65
C PRO F 93 -12.02 -8.08 -1.11
N ARG F 94 -12.68 -7.67 -2.20
CA ARG F 94 -12.63 -6.28 -2.60
C ARG F 94 -13.55 -5.41 -1.74
N ASP F 95 -14.75 -5.93 -1.43
CA ASP F 95 -15.66 -5.19 -0.58
C ASP F 95 -15.12 -5.05 0.84
N TRP F 96 -14.31 -6.01 1.26
CA TRP F 96 -13.69 -5.91 2.58
C TRP F 96 -12.61 -4.84 2.59
N GLN F 97 -11.81 -4.80 1.53
CA GLN F 97 -10.80 -3.76 1.37
C GLN F 97 -11.45 -2.39 1.29
N ARG F 98 -12.49 -2.27 0.47
CA ARG F 98 -13.21 -1.02 0.32
C ARG F 98 -13.72 -0.53 1.68
N LEU F 99 -14.02 -1.47 2.59
CA LEU F 99 -14.52 -1.11 3.91
C LEU F 99 -13.41 -0.64 4.84
N ILE F 100 -12.31 -1.38 4.92
CA ILE F 100 -11.36 -1.19 6.01
C ILE F 100 -10.43 -0.02 5.73
N ASN F 101 -10.23 0.33 4.46
CA ASN F 101 -9.34 1.43 4.15
C ASN F 101 -10.03 2.78 4.34
N ASN F 102 -11.34 2.83 4.13
CA ASN F 102 -12.06 4.08 4.02
C ASN F 102 -12.83 4.48 5.28
N ASN F 103 -12.85 3.65 6.31
CA ASN F 103 -13.80 3.86 7.41
C ASN F 103 -13.15 3.60 8.76
N TRP F 104 -13.57 4.39 9.75
CA TRP F 104 -13.16 4.23 11.13
C TRP F 104 -14.07 3.32 11.94
N GLY F 105 -15.21 2.91 11.39
CA GLY F 105 -16.11 2.05 12.15
C GLY F 105 -17.26 1.55 11.31
N PHE F 106 -17.84 0.46 11.79
CA PHE F 106 -19.03 -0.11 11.16
C PHE F 106 -19.75 -0.97 12.19
N ARG F 107 -20.99 -1.33 11.85
CA ARG F 107 -21.84 -2.16 12.69
C ARG F 107 -23.11 -2.51 11.92
N PRO F 108 -23.68 -3.68 12.15
CA PRO F 108 -24.86 -4.09 11.38
C PRO F 108 -26.12 -3.40 11.88
N LYS F 109 -27.06 -3.20 10.95
CA LYS F 109 -28.31 -2.52 11.23
C LYS F 109 -29.50 -3.46 11.08
N ARG F 110 -29.74 -3.97 9.88
CA ARG F 110 -30.87 -4.84 9.59
C ARG F 110 -30.38 -6.12 8.93
N LEU F 111 -31.28 -7.10 8.89
CA LEU F 111 -30.97 -8.43 8.38
C LEU F 111 -32.15 -8.93 7.55
N ASN F 112 -31.85 -9.66 6.49
CA ASN F 112 -32.85 -10.21 5.60
C ASN F 112 -32.41 -11.62 5.21
N PHE F 113 -33.31 -12.58 5.41
CA PHE F 113 -33.03 -13.98 5.12
C PHE F 113 -34.15 -14.52 4.26
N LYS F 114 -33.79 -15.23 3.19
CA LYS F 114 -34.76 -15.80 2.26
C LYS F 114 -34.34 -17.20 1.88
N LEU F 115 -35.32 -18.09 1.83
CA LEU F 115 -35.09 -19.50 1.55
C LEU F 115 -36.13 -19.95 0.54
N PHE F 116 -35.70 -20.48 -0.59
CA PHE F 116 -36.59 -20.63 -1.72
C PHE F 116 -36.01 -21.65 -2.69
N ASN F 117 -36.73 -21.84 -3.81
CA ASN F 117 -36.39 -22.84 -4.81
C ASN F 117 -36.19 -24.21 -4.18
N ILE F 118 -37.12 -24.58 -3.30
CA ILE F 118 -37.03 -25.85 -2.58
C ILE F 118 -37.19 -26.99 -3.57
N GLN F 119 -36.33 -28.00 -3.44
CA GLN F 119 -36.36 -29.16 -4.32
C GLN F 119 -36.08 -30.41 -3.49
N VAL F 120 -36.93 -31.43 -3.63
CA VAL F 120 -36.77 -32.67 -2.87
C VAL F 120 -36.75 -33.87 -3.81
N LEU F 150 -34.48 -22.21 23.49
CA LEU F 150 -33.49 -23.15 22.97
C LEU F 150 -32.07 -22.69 23.27
N PRO F 151 -31.15 -23.65 23.39
CA PRO F 151 -29.74 -23.30 23.55
C PRO F 151 -29.20 -22.63 22.31
N TYR F 152 -28.49 -21.53 22.51
CA TYR F 152 -27.98 -20.69 21.43
C TYR F 152 -26.56 -21.13 21.10
N VAL F 153 -26.39 -21.79 19.95
CA VAL F 153 -25.09 -22.34 19.56
C VAL F 153 -24.35 -21.48 18.54
N LEU F 154 -24.90 -20.34 18.12
CA LEU F 154 -24.32 -19.60 17.00
C LEU F 154 -23.17 -18.70 17.41
N GLY F 155 -22.79 -18.65 18.69
CA GLY F 155 -21.73 -17.75 19.09
C GLY F 155 -20.42 -18.43 19.38
N SER F 156 -20.29 -19.70 18.99
CA SER F 156 -19.09 -20.45 19.28
C SER F 156 -18.12 -20.71 18.14
N ALA F 157 -18.15 -19.88 17.09
CA ALA F 157 -17.23 -20.00 15.97
C ALA F 157 -17.17 -21.38 15.33
N HIS F 158 -18.33 -21.97 15.10
CA HIS F 158 -18.42 -23.26 14.45
C HIS F 158 -18.34 -23.17 12.93
N GLU F 159 -18.04 -24.30 12.31
CA GLU F 159 -17.97 -24.45 10.86
C GLU F 159 -19.38 -24.69 10.32
N GLY F 160 -19.54 -24.73 9.00
CA GLY F 160 -20.87 -24.94 8.44
C GLY F 160 -21.59 -23.69 8.00
N CYS F 161 -20.88 -22.57 7.99
CA CYS F 161 -21.42 -21.30 7.52
C CYS F 161 -21.45 -21.27 6.00
N LEU F 162 -22.19 -20.33 5.42
CA LEU F 162 -22.26 -20.22 3.98
C LEU F 162 -20.86 -19.97 3.45
N PRO F 163 -20.47 -20.68 2.38
CA PRO F 163 -19.14 -20.53 1.79
C PRO F 163 -18.80 -19.11 1.34
N PRO F 164 -17.51 -18.74 1.42
CA PRO F 164 -17.15 -17.39 0.97
C PRO F 164 -17.28 -17.19 -0.52
N PHE F 165 -17.14 -18.25 -1.31
CA PHE F 165 -17.15 -18.05 -2.74
C PHE F 165 -18.51 -18.47 -3.32
N PRO F 166 -19.19 -17.57 -4.04
CA PRO F 166 -20.60 -17.82 -4.37
C PRO F 166 -20.86 -19.05 -5.21
N ALA F 167 -19.86 -19.61 -5.88
CA ALA F 167 -20.10 -20.79 -6.70
C ALA F 167 -19.94 -22.10 -5.93
N ASP F 168 -19.73 -22.04 -4.62
CA ASP F 168 -19.70 -23.25 -3.81
C ASP F 168 -21.10 -23.60 -3.29
N VAL F 169 -21.37 -24.90 -3.25
CA VAL F 169 -22.61 -25.44 -2.70
C VAL F 169 -22.28 -26.04 -1.34
N PHE F 170 -22.95 -25.55 -0.29
CA PHE F 170 -22.56 -25.91 1.06
C PHE F 170 -23.62 -26.81 1.69
N MET F 171 -23.14 -27.66 2.57
CA MET F 171 -23.97 -28.63 3.29
C MET F 171 -24.32 -28.05 4.65
N ILE F 172 -25.54 -28.33 5.11
CA ILE F 172 -26.05 -27.70 6.33
C ILE F 172 -25.49 -28.43 7.54
N PRO F 173 -25.03 -27.72 8.57
CA PRO F 173 -24.60 -28.37 9.80
C PRO F 173 -25.78 -28.85 10.64
N GLN F 174 -25.61 -30.03 11.23
CA GLN F 174 -26.62 -30.59 12.10
C GLN F 174 -26.70 -29.81 13.40
N TYR F 175 -27.94 -29.54 13.84
CA TYR F 175 -28.15 -28.82 15.08
C TYR F 175 -27.87 -29.75 16.26
N GLY F 176 -27.42 -29.15 17.36
CA GLY F 176 -27.13 -29.90 18.57
C GLY F 176 -26.90 -28.95 19.71
N TYR F 177 -26.96 -29.48 20.93
CA TYR F 177 -26.78 -28.63 22.10
C TYR F 177 -26.33 -29.48 23.27
N LEU F 178 -25.84 -28.80 24.30
CA LEU F 178 -25.42 -29.43 25.55
C LEU F 178 -26.15 -28.81 26.72
N THR F 179 -26.13 -29.49 27.85
CA THR F 179 -26.76 -29.02 29.07
C THR F 179 -26.06 -29.60 30.29
N LEU F 180 -26.60 -29.37 31.48
CA LEU F 180 -25.94 -29.82 32.71
C LEU F 180 -25.70 -31.34 32.73
N PHE F 209 -39.98 -18.87 1.91
CA PHE F 209 -39.81 -18.51 3.31
C PHE F 209 -38.80 -17.38 3.49
N GLN F 210 -39.12 -16.43 4.35
CA GLN F 210 -38.25 -15.30 4.60
C GLN F 210 -38.58 -14.70 5.95
N PHE F 211 -37.63 -13.95 6.50
CA PHE F 211 -37.91 -13.08 7.64
C PHE F 211 -36.87 -11.98 7.69
N SER F 212 -37.20 -10.93 8.43
CA SER F 212 -36.34 -9.76 8.59
C SER F 212 -36.02 -9.57 10.07
N TYR F 213 -34.95 -8.83 10.34
CA TYR F 213 -34.44 -8.68 11.69
C TYR F 213 -33.92 -7.27 11.91
N GLU F 214 -33.86 -6.87 13.17
CA GLU F 214 -33.37 -5.56 13.56
C GLU F 214 -32.27 -5.73 14.61
N PHE F 215 -31.05 -5.39 14.24
CA PHE F 215 -29.94 -5.45 15.19
C PHE F 215 -30.13 -4.41 16.28
N GLU F 216 -30.01 -4.85 17.53
CA GLU F 216 -30.07 -3.90 18.63
C GLU F 216 -28.80 -3.04 18.64
N ASN F 217 -28.93 -1.83 19.16
CA ASN F 217 -27.86 -0.86 19.03
C ASN F 217 -26.60 -1.34 19.73
N VAL F 218 -25.52 -1.43 18.96
CA VAL F 218 -24.21 -1.79 19.48
C VAL F 218 -23.25 -0.66 19.14
N PRO F 219 -22.16 -0.52 19.88
CA PRO F 219 -21.16 0.48 19.52
C PRO F 219 -20.44 0.08 18.26
N PHE F 220 -20.03 1.08 17.48
CA PHE F 220 -19.23 0.81 16.29
C PHE F 220 -17.99 0.01 16.65
N HIS F 221 -17.66 -0.96 15.82
CA HIS F 221 -16.33 -1.55 15.90
C HIS F 221 -15.33 -0.48 15.51
N SER F 222 -14.19 -0.44 16.21
CA SER F 222 -13.16 0.53 15.92
C SER F 222 -12.15 0.01 14.91
N SER F 223 -12.39 0.21 13.62
CA SER F 223 -11.44 -0.25 12.63
C SER F 223 -10.34 0.76 12.33
N TYR F 224 -9.50 1.01 13.33
CA TYR F 224 -8.39 1.95 13.21
C TYR F 224 -7.33 1.58 14.23
N ALA F 225 -6.12 2.04 14.00
CA ALA F 225 -5.01 1.80 14.91
C ALA F 225 -4.57 3.16 15.43
N HIS F 226 -4.31 3.25 16.72
CA HIS F 226 -3.88 4.52 17.32
C HIS F 226 -2.53 5.01 16.80
N SER F 227 -2.48 6.30 16.49
CA SER F 227 -1.27 6.97 16.04
C SER F 227 -0.49 7.58 17.18
N GLN F 228 -0.94 7.36 18.42
CA GLN F 228 -0.20 7.70 19.62
C GLN F 228 -0.19 6.50 20.56
N SER F 229 0.63 6.59 21.59
CA SER F 229 0.68 5.61 22.65
C SER F 229 0.21 6.24 23.96
N LEU F 230 -0.26 5.39 24.87
CA LEU F 230 -0.90 5.87 26.09
C LEU F 230 0.06 6.66 26.96
N ASP F 231 1.32 6.26 27.01
CA ASP F 231 2.31 6.89 27.87
C ASP F 231 2.98 8.12 27.25
N ARG F 232 2.83 8.33 25.95
CA ARG F 232 3.43 9.46 25.25
C ARG F 232 2.46 10.62 25.01
N LEU F 233 1.27 10.59 25.59
CA LEU F 233 0.28 11.65 25.38
C LEU F 233 0.79 13.04 25.72
N MET F 234 1.85 13.17 26.50
CA MET F 234 2.34 14.42 27.06
C MET F 234 2.86 15.37 25.97
N ASN F 235 2.92 16.64 26.33
CA ASN F 235 3.59 17.65 25.51
C ASN F 235 5.09 17.55 25.73
N PRO F 236 5.88 17.26 24.68
CA PRO F 236 7.31 17.03 24.88
C PRO F 236 8.11 18.27 25.25
N LEU F 237 7.57 19.47 25.08
CA LEU F 237 8.38 20.67 25.25
C LEU F 237 8.30 21.29 26.65
N ILE F 238 7.39 20.84 27.50
CA ILE F 238 7.07 21.55 28.73
C ILE F 238 7.27 20.63 29.93
N ASP F 239 7.72 21.21 31.03
CA ASP F 239 7.80 20.49 32.29
C ASP F 239 6.43 20.32 32.91
N GLN F 240 6.27 19.29 33.72
CA GLN F 240 5.13 19.21 34.61
C GLN F 240 5.33 20.12 35.82
N TYR F 241 4.23 20.48 36.47
CA TYR F 241 4.32 21.11 37.78
C TYR F 241 4.33 20.10 38.92
N LEU F 242 4.21 18.82 38.63
CA LEU F 242 4.39 17.79 39.64
C LEU F 242 5.87 17.49 39.86
N TYR F 243 6.17 16.96 41.05
CA TYR F 243 7.50 16.52 41.43
C TYR F 243 7.49 15.03 41.72
N TYR F 244 8.65 14.41 41.53
CA TYR F 244 8.86 13.00 41.82
C TYR F 244 10.11 12.87 42.67
N LEU F 245 10.26 11.73 43.34
CA LEU F 245 11.36 11.56 44.29
C LEU F 245 12.54 10.98 43.53
N SER F 246 13.56 11.81 43.32
CA SER F 246 14.69 11.38 42.51
C SER F 246 15.70 10.56 43.32
N LYS F 247 16.09 11.05 44.49
CA LYS F 247 17.16 10.43 45.27
C LYS F 247 16.65 10.10 46.66
N THR F 248 16.89 8.86 47.10
CA THR F 248 16.62 8.49 48.48
C THR F 248 17.86 8.53 49.36
N ILE F 249 19.05 8.77 48.78
CA ILE F 249 20.29 8.87 49.54
C ILE F 249 21.18 9.90 48.86
N ASN F 250 22.17 10.39 49.61
CA ASN F 250 23.15 11.32 49.04
C ASN F 250 24.17 10.58 48.20
N GLY F 251 24.69 9.47 48.70
CA GLY F 251 25.73 8.75 48.00
C GLY F 251 26.22 7.59 48.84
N SER F 252 27.43 7.14 48.51
CA SER F 252 28.00 5.98 49.19
C SER F 252 28.39 6.32 50.62
N GLY F 253 27.84 5.55 51.56
CA GLY F 253 28.24 5.64 52.95
C GLY F 253 27.09 5.26 53.85
N GLN F 254 27.37 5.24 55.14
CA GLN F 254 26.37 4.99 56.16
C GLN F 254 25.62 6.28 56.46
N ASN F 255 24.34 6.15 56.81
CA ASN F 255 23.51 7.29 57.21
C ASN F 255 23.47 8.37 56.12
N GLN F 256 23.32 7.95 54.87
CA GLN F 256 23.29 8.84 53.73
C GLN F 256 21.88 9.22 53.29
N GLN F 257 20.86 8.79 54.03
CA GLN F 257 19.49 8.96 53.59
C GLN F 257 19.17 10.42 53.31
N THR F 258 18.37 10.65 52.26
CA THR F 258 17.91 11.99 51.93
C THR F 258 16.63 11.88 51.14
N LEU F 259 15.93 13.00 51.02
CA LEU F 259 14.76 13.13 50.17
C LEU F 259 15.02 14.21 49.13
N LYS F 260 15.09 13.81 47.87
CA LYS F 260 15.33 14.74 46.77
C LYS F 260 14.21 14.63 45.76
N PHE F 261 13.73 15.78 45.30
CA PHE F 261 12.61 15.86 44.39
C PHE F 261 13.00 16.63 43.15
N SER F 262 12.56 16.14 41.99
CA SER F 262 12.89 16.76 40.72
C SER F 262 11.60 17.04 39.97
N VAL F 263 11.69 17.94 38.99
CA VAL F 263 10.55 18.26 38.15
C VAL F 263 10.42 17.22 37.04
N ALA F 264 9.23 16.63 36.92
CA ALA F 264 8.96 15.73 35.81
C ALA F 264 8.84 16.55 34.52
N GLY F 265 9.63 16.18 33.53
CA GLY F 265 9.72 16.97 32.32
C GLY F 265 10.18 16.15 31.13
N PRO F 266 10.46 16.83 30.03
CA PRO F 266 10.83 16.11 28.79
C PRO F 266 11.97 15.12 28.96
N SER F 267 12.99 15.46 29.76
CA SER F 267 14.18 14.64 29.83
C SER F 267 13.89 13.27 30.42
N ASN F 268 12.91 13.19 31.32
CA ASN F 268 12.49 11.91 31.90
C ASN F 268 10.97 11.83 31.75
N MET F 269 10.49 10.97 30.84
CA MET F 269 9.05 10.84 30.63
C MET F 269 8.47 9.68 31.41
N ALA F 270 9.33 8.83 31.99
CA ALA F 270 8.84 7.61 32.60
C ALA F 270 8.16 7.88 33.94
N VAL F 271 8.60 8.92 34.65
CA VAL F 271 8.18 9.12 36.02
C VAL F 271 7.03 10.12 36.12
N GLN F 272 6.60 10.67 34.99
CA GLN F 272 5.57 11.70 35.03
C GLN F 272 4.25 11.13 35.51
N GLY F 273 3.44 12.00 36.12
CA GLY F 273 2.09 11.60 36.47
C GLY F 273 1.18 11.61 35.25
N ARG F 274 0.29 10.63 35.19
CA ARG F 274 -0.62 10.48 34.06
C ARG F 274 -2.02 10.19 34.56
N ASN F 275 -3.01 10.62 33.77
CA ASN F 275 -4.41 10.46 34.12
C ASN F 275 -4.98 9.08 33.84
N TYR F 276 -4.43 8.35 32.87
CA TYR F 276 -5.04 7.08 32.46
C TYR F 276 -3.97 6.03 32.22
N ILE F 277 -4.36 4.78 32.44
CA ILE F 277 -3.45 3.63 32.48
C ILE F 277 -3.97 2.57 31.52
N PRO F 278 -3.13 1.62 31.11
CA PRO F 278 -3.56 0.67 30.07
C PRO F 278 -4.50 -0.39 30.61
N GLY F 279 -5.20 -1.04 29.68
CA GLY F 279 -6.21 -2.02 30.01
C GLY F 279 -5.69 -3.21 30.77
N PRO F 280 -6.60 -4.06 31.26
CA PRO F 280 -6.19 -5.20 32.07
C PRO F 280 -5.36 -6.19 31.28
N SER F 281 -4.66 -7.06 32.01
CA SER F 281 -3.83 -8.09 31.42
C SER F 281 -4.05 -9.39 32.17
N TYR F 282 -4.17 -10.49 31.41
CA TYR F 282 -4.20 -11.83 31.97
C TYR F 282 -3.17 -12.65 31.21
N ARG F 283 -2.09 -13.01 31.87
CA ARG F 283 -0.85 -13.36 31.19
C ARG F 283 -1.01 -14.62 30.33
N GLN F 284 -0.28 -14.66 29.22
CA GLN F 284 -0.16 -15.84 28.38
C GLN F 284 1.29 -16.33 28.41
N GLN F 285 1.55 -17.39 27.65
CA GLN F 285 2.90 -17.89 27.48
C GLN F 285 3.38 -17.62 26.07
N ARG F 286 4.67 -17.31 25.91
CA ARG F 286 5.20 -16.84 24.64
C ARG F 286 5.80 -18.00 23.86
N VAL F 287 5.36 -18.15 22.61
CA VAL F 287 5.87 -19.18 21.71
C VAL F 287 6.41 -18.48 20.47
N SER F 288 7.54 -18.97 19.96
CA SER F 288 8.17 -18.37 18.80
C SER F 288 7.97 -19.25 17.57
N THR F 289 7.83 -18.61 16.42
CA THR F 289 7.66 -19.33 15.16
C THR F 289 8.95 -20.06 14.78
N THR F 290 10.07 -19.63 15.34
CA THR F 290 11.34 -20.32 15.16
C THR F 290 11.48 -21.37 16.26
N VAL F 291 11.49 -22.65 15.87
CA VAL F 291 11.28 -23.72 16.84
C VAL F 291 12.50 -23.87 17.74
N THR F 292 13.68 -23.50 17.26
CA THR F 292 14.88 -23.71 18.05
C THR F 292 14.92 -22.80 19.26
N GLN F 293 14.13 -21.71 19.24
CA GLN F 293 14.12 -20.79 20.37
C GLN F 293 13.12 -21.24 21.43
N ASN F 294 12.21 -22.14 21.07
CA ASN F 294 11.25 -22.70 22.02
C ASN F 294 11.92 -23.78 22.85
N ASN F 295 11.33 -24.05 24.00
CA ASN F 295 11.84 -25.08 24.89
C ASN F 295 11.58 -26.47 24.35
N ASN F 296 12.51 -27.38 24.58
CA ASN F 296 12.39 -28.75 24.11
C ASN F 296 11.59 -29.61 25.08
N SER F 297 10.30 -29.31 25.22
CA SER F 297 9.40 -30.06 26.10
C SER F 297 7.97 -29.79 25.64
N GLU F 298 7.03 -30.63 26.05
CA GLU F 298 5.65 -30.42 25.62
C GLU F 298 4.92 -29.53 26.61
N PHE F 299 4.60 -28.32 26.18
CA PHE F 299 3.90 -27.37 27.04
C PHE F 299 2.59 -26.82 26.48
N ALA F 300 2.08 -27.39 25.39
CA ALA F 300 0.83 -26.94 24.75
C ALA F 300 -0.29 -26.78 25.77
N TRP F 301 -0.69 -27.87 26.39
CA TRP F 301 -1.67 -27.80 27.46
C TRP F 301 -1.05 -27.47 28.82
N PRO F 302 0.06 -28.10 29.22
CA PRO F 302 0.60 -27.81 30.57
C PRO F 302 0.91 -26.35 30.83
N GLY F 303 1.55 -25.66 29.89
CA GLY F 303 2.01 -24.31 30.14
C GLY F 303 1.05 -23.23 29.71
N ALA F 304 -0.22 -23.57 29.60
CA ALA F 304 -1.23 -22.67 29.06
C ALA F 304 -2.07 -22.04 30.16
N SER F 305 -2.48 -20.80 29.93
CA SER F 305 -3.38 -20.11 30.82
C SER F 305 -4.75 -20.75 30.78
N SER F 306 -5.50 -20.65 31.88
CA SER F 306 -6.80 -21.28 31.94
C SER F 306 -7.66 -20.63 33.01
N TRP F 307 -8.97 -20.86 32.91
CA TRP F 307 -9.91 -20.51 33.95
C TRP F 307 -10.73 -21.73 34.34
N ALA F 308 -10.82 -21.98 35.64
CA ALA F 308 -11.45 -23.18 36.17
C ALA F 308 -12.90 -22.90 36.51
N LEU F 309 -13.79 -23.80 36.11
CA LEU F 309 -15.20 -23.71 36.44
C LEU F 309 -15.68 -25.06 36.92
N ASN F 310 -16.04 -25.15 38.20
CA ASN F 310 -16.63 -26.35 38.79
C ASN F 310 -15.83 -27.61 38.47
N GLY F 311 -14.53 -27.58 38.77
CA GLY F 311 -13.68 -28.71 38.55
C GLY F 311 -13.16 -28.88 37.14
N ARG F 312 -13.73 -28.17 36.18
CA ARG F 312 -13.28 -28.22 34.80
C ARG F 312 -12.41 -27.01 34.48
N ASN F 313 -11.22 -27.29 33.96
CA ASN F 313 -10.28 -26.26 33.54
C ASN F 313 -10.50 -25.97 32.06
N SER F 314 -11.01 -24.78 31.78
CA SER F 314 -11.14 -24.31 30.41
C SER F 314 -9.90 -23.53 30.03
N LEU F 315 -9.29 -23.91 28.92
CA LEU F 315 -8.22 -23.12 28.35
C LEU F 315 -8.69 -21.68 28.16
N MET F 316 -7.80 -20.72 28.36
CA MET F 316 -8.18 -19.33 28.16
C MET F 316 -7.90 -19.02 26.71
N ASN F 317 -8.97 -18.96 25.93
CA ASN F 317 -8.88 -18.72 24.51
C ASN F 317 -10.04 -17.85 24.06
N PRO F 318 -9.77 -16.82 23.24
CA PRO F 318 -8.44 -16.26 23.04
C PRO F 318 -7.98 -15.51 24.28
N GLY F 319 -8.95 -15.14 25.12
CA GLY F 319 -8.67 -14.46 26.36
C GLY F 319 -8.94 -12.98 26.24
N PRO F 320 -8.46 -12.22 27.22
CA PRO F 320 -8.58 -10.76 27.14
C PRO F 320 -7.84 -10.22 25.93
N ALA F 321 -8.20 -9.00 25.53
CA ALA F 321 -7.54 -8.34 24.42
C ALA F 321 -6.23 -7.75 24.91
N MET F 322 -5.12 -8.19 24.31
CA MET F 322 -3.79 -7.72 24.64
C MET F 322 -2.95 -7.76 23.38
N ALA F 323 -1.95 -6.89 23.31
CA ALA F 323 -1.02 -6.92 22.18
C ALA F 323 -0.36 -8.28 22.09
N SER F 324 -0.14 -8.73 20.85
CA SER F 324 0.38 -10.08 20.65
C SER F 324 1.86 -10.15 20.99
N HIS F 325 2.61 -9.09 20.69
CA HIS F 325 4.04 -9.09 20.86
C HIS F 325 4.53 -7.65 21.00
N LYS F 326 5.72 -7.52 21.59
CA LYS F 326 6.36 -6.22 21.70
C LYS F 326 6.80 -5.73 20.33
N GLU F 327 7.02 -4.43 20.22
CA GLU F 327 7.46 -3.84 18.97
C GLU F 327 8.76 -4.48 18.49
N GLY F 328 8.74 -4.97 17.26
CA GLY F 328 9.94 -5.51 16.66
C GLY F 328 10.09 -7.01 16.75
N GLU F 329 9.25 -7.70 17.53
CA GLU F 329 9.33 -9.15 17.65
C GLU F 329 8.11 -9.74 16.96
N ASP F 330 8.28 -10.21 15.73
CA ASP F 330 7.14 -10.74 14.99
C ASP F 330 7.13 -12.26 15.02
N ARG F 331 8.16 -12.87 15.58
CA ARG F 331 8.22 -14.33 15.58
C ARG F 331 7.53 -14.90 16.81
N PHE F 332 7.24 -14.06 17.80
CA PHE F 332 6.60 -14.52 19.01
C PHE F 332 5.10 -14.27 18.97
N PHE F 333 4.34 -15.21 19.53
CA PHE F 333 2.90 -15.04 19.66
C PHE F 333 2.44 -15.68 20.95
N PRO F 334 1.36 -15.20 21.55
CA PRO F 334 0.81 -15.85 22.74
C PRO F 334 0.30 -17.24 22.42
N LEU F 335 0.52 -18.17 23.35
CA LEU F 335 0.18 -19.57 23.17
C LEU F 335 -1.28 -19.75 22.79
N SER F 336 -2.19 -19.44 23.71
CA SER F 336 -3.62 -19.51 23.48
C SER F 336 -4.25 -18.17 23.13
N GLY F 337 -3.45 -17.13 22.95
CA GLY F 337 -3.97 -15.77 22.92
C GLY F 337 -4.41 -15.23 21.57
N SER F 338 -4.18 -15.94 20.48
CA SER F 338 -4.51 -15.43 19.15
C SER F 338 -5.53 -16.32 18.47
N LEU F 339 -6.23 -15.75 17.49
CA LEU F 339 -7.13 -16.52 16.65
C LEU F 339 -6.37 -17.05 15.45
N ILE F 340 -6.45 -18.36 15.23
CA ILE F 340 -5.68 -19.05 14.22
C ILE F 340 -6.64 -19.66 13.21
N PHE F 341 -6.34 -19.52 11.93
CA PHE F 341 -7.14 -20.06 10.84
C PHE F 341 -6.33 -21.07 10.05
N GLY F 342 -7.02 -21.95 9.36
CA GLY F 342 -6.39 -22.90 8.45
C GLY F 342 -6.32 -22.35 7.04
N LYS F 343 -5.28 -22.73 6.32
CA LYS F 343 -5.22 -22.47 4.90
C LYS F 343 -6.05 -23.51 4.14
N GLN F 344 -6.47 -23.15 2.94
CA GLN F 344 -7.32 -24.05 2.17
C GLN F 344 -6.62 -25.37 1.91
N GLY F 345 -7.25 -26.46 2.33
CA GLY F 345 -6.70 -27.79 2.16
C GLY F 345 -5.95 -28.33 3.36
N THR F 346 -6.12 -27.68 4.51
CA THR F 346 -5.37 -28.02 5.72
C THR F 346 -6.11 -29.10 6.50
N GLY F 347 -5.36 -30.10 6.96
CA GLY F 347 -5.98 -31.23 7.63
C GLY F 347 -6.53 -30.85 8.99
N ARG F 348 -7.10 -31.85 9.65
CA ARG F 348 -7.75 -31.62 10.94
C ARG F 348 -6.75 -31.55 12.09
N ASP F 349 -5.82 -32.49 12.16
CA ASP F 349 -5.00 -32.68 13.35
C ASP F 349 -3.52 -32.58 13.03
N ASN F 350 -2.80 -31.83 13.86
CA ASN F 350 -1.34 -31.80 13.88
C ASN F 350 -0.76 -31.34 12.54
N VAL F 351 -1.29 -30.24 12.01
CA VAL F 351 -0.73 -29.64 10.81
C VAL F 351 0.45 -28.74 11.17
N ASP F 352 1.35 -28.56 10.21
CA ASP F 352 2.53 -27.73 10.41
C ASP F 352 2.17 -26.25 10.41
N ALA F 353 3.07 -25.44 10.96
CA ALA F 353 2.79 -24.01 11.13
C ALA F 353 2.65 -23.29 9.80
N ASP F 354 3.14 -23.90 8.72
CA ASP F 354 2.96 -23.26 7.42
C ASP F 354 1.55 -23.49 6.88
N LYS F 355 0.75 -24.32 7.55
CA LYS F 355 -0.59 -24.62 7.07
C LYS F 355 -1.62 -23.68 7.68
N VAL F 356 -1.25 -22.90 8.69
CA VAL F 356 -2.20 -22.13 9.48
C VAL F 356 -1.84 -20.65 9.41
N MET F 357 -2.82 -19.81 9.71
CA MET F 357 -2.62 -18.37 9.65
C MET F 357 -2.83 -17.73 11.01
N ILE F 358 -1.75 -17.65 11.78
CA ILE F 358 -1.83 -17.04 13.10
C ILE F 358 -2.11 -15.54 12.96
N THR F 359 -2.85 -14.99 13.90
CA THR F 359 -3.21 -13.58 13.85
C THR F 359 -2.63 -12.84 15.06
N ASN F 360 -2.35 -11.56 14.90
CA ASN F 360 -1.76 -10.77 15.98
C ASN F 360 -2.55 -9.52 16.28
N GLU F 361 -2.45 -9.05 17.52
CA GLU F 361 -3.15 -7.86 17.95
C GLU F 361 -2.20 -6.69 18.16
N GLU F 362 -1.10 -6.67 17.42
CA GLU F 362 -0.10 -5.63 17.55
C GLU F 362 -0.63 -4.20 17.38
N GLU F 363 -1.79 -4.05 16.78
CA GLU F 363 -2.39 -2.73 16.59
C GLU F 363 -2.74 -2.04 17.91
N ILE F 364 -3.17 -2.84 18.89
CA ILE F 364 -3.59 -2.34 20.18
C ILE F 364 -2.48 -2.22 21.21
N LYS F 365 -1.23 -2.35 20.77
CA LYS F 365 -0.07 -2.26 21.67
C LYS F 365 0.05 -0.92 22.41
N THR F 366 -0.39 0.17 21.79
CA THR F 366 -0.33 1.49 22.38
C THR F 366 -1.14 1.61 23.68
N THR F 367 -2.33 1.02 23.74
CA THR F 367 -3.13 1.11 24.96
C THR F 367 -3.33 -0.20 25.70
N ASN F 368 -2.89 -1.31 25.12
CA ASN F 368 -3.05 -2.59 25.79
C ASN F 368 -1.69 -3.22 26.11
N PRO F 369 -1.56 -3.83 27.27
CA PRO F 369 -0.31 -4.48 27.64
C PRO F 369 -0.05 -5.71 26.76
N VAL F 370 1.23 -5.96 26.52
CA VAL F 370 1.62 -7.14 25.76
C VAL F 370 1.13 -8.38 26.48
N ALA F 371 0.66 -9.36 25.70
CA ALA F 371 0.04 -10.54 26.30
C ALA F 371 1.04 -11.37 27.10
N THR F 372 2.30 -11.37 26.69
CA THR F 372 3.33 -12.19 27.31
C THR F 372 4.14 -11.44 28.37
N GLU F 373 3.76 -10.21 28.69
CA GLU F 373 4.47 -9.39 29.66
C GLU F 373 3.61 -9.19 30.91
N SER F 374 4.28 -8.98 32.03
CA SER F 374 3.60 -8.60 33.25
C SER F 374 2.94 -7.24 33.08
N TYR F 375 1.84 -7.04 33.80
CA TYR F 375 1.19 -5.73 33.77
C TYR F 375 2.10 -4.65 34.34
N GLY F 376 2.83 -4.98 35.42
CA GLY F 376 3.66 -3.99 36.08
C GLY F 376 4.20 -4.53 37.38
N GLN F 377 4.53 -3.61 38.29
CA GLN F 377 5.11 -3.95 39.58
C GLN F 377 4.33 -3.31 40.71
N VAL F 378 4.49 -3.87 41.91
CA VAL F 378 3.85 -3.38 43.12
C VAL F 378 4.86 -3.46 44.27
N ALA F 379 4.54 -2.79 45.37
CA ALA F 379 5.33 -2.90 46.58
C ALA F 379 4.80 -4.05 47.41
N THR F 380 5.69 -4.95 47.82
CA THR F 380 5.31 -6.13 48.59
C THR F 380 5.57 -6.01 50.09
N ASN F 381 6.08 -4.88 50.58
CA ASN F 381 6.53 -4.82 51.96
C ASN F 381 6.44 -3.38 52.46
N HIS F 382 6.98 -3.14 53.65
CA HIS F 382 7.33 -1.82 54.14
C HIS F 382 8.84 -1.71 54.20
N GLN F 383 9.39 -0.61 53.69
CA GLN F 383 10.80 -0.35 53.87
C GLN F 383 11.06 0.23 55.26
N SER F 384 12.25 -0.01 55.76
CA SER F 384 12.68 0.54 57.04
C SER F 384 14.21 0.57 57.03
N ALA F 385 14.79 1.08 58.12
CA ALA F 385 16.25 1.15 58.22
C ALA F 385 16.88 -0.22 58.00
N GLN F 386 16.18 -1.29 58.40
CA GLN F 386 16.67 -2.65 58.22
C GLN F 386 16.09 -3.37 57.00
N ALA F 387 15.17 -2.74 56.26
CA ALA F 387 14.45 -3.45 55.20
C ALA F 387 14.51 -2.66 53.90
N GLN F 388 14.97 -3.32 52.85
CA GLN F 388 14.99 -2.74 51.51
C GLN F 388 13.60 -2.72 50.91
N ALA F 389 13.43 -1.90 49.88
CA ALA F 389 12.19 -1.89 49.14
C ALA F 389 12.11 -3.10 48.22
N GLN F 390 11.06 -3.91 48.41
CA GLN F 390 10.87 -5.13 47.63
C GLN F 390 9.66 -4.96 46.73
N THR F 391 9.70 -5.62 45.58
CA THR F 391 8.66 -5.53 44.58
C THR F 391 8.26 -6.93 44.13
N GLY F 392 7.16 -7.00 43.39
CA GLY F 392 6.73 -8.25 42.78
C GLY F 392 5.96 -7.97 41.51
N TRP F 393 5.96 -8.96 40.63
CA TRP F 393 5.40 -8.79 39.30
C TRP F 393 3.91 -9.07 39.33
N VAL F 394 3.14 -8.26 38.61
CA VAL F 394 1.71 -8.48 38.47
C VAL F 394 1.50 -9.28 37.20
N GLN F 395 1.13 -10.54 37.34
CA GLN F 395 0.91 -11.38 36.18
C GLN F 395 -0.47 -11.17 35.59
N ASN F 396 -1.49 -11.04 36.44
CA ASN F 396 -2.85 -10.72 36.01
C ASN F 396 -3.33 -9.49 36.75
N GLN F 397 -3.83 -8.51 35.99
CA GLN F 397 -4.41 -7.32 36.57
C GLN F 397 -5.84 -7.20 36.08
N GLY F 398 -6.77 -7.04 37.02
CA GLY F 398 -8.16 -6.81 36.67
C GLY F 398 -8.39 -5.37 36.28
N ILE F 399 -9.64 -4.94 36.40
CA ILE F 399 -9.98 -3.56 36.08
C ILE F 399 -9.64 -2.66 37.26
N LEU F 400 -8.99 -1.53 36.96
CA LEU F 400 -8.84 -0.42 37.89
C LEU F 400 -9.55 0.80 37.32
N PRO F 401 -10.01 1.71 38.17
CA PRO F 401 -10.57 2.97 37.66
C PRO F 401 -9.51 3.75 36.89
N GLY F 402 -9.88 4.17 35.70
CA GLY F 402 -8.98 4.91 34.84
C GLY F 402 -8.39 4.14 33.68
N MET F 403 -8.48 2.81 33.68
CA MET F 403 -7.94 2.02 32.58
C MET F 403 -8.67 2.31 31.28
N VAL F 404 -7.97 2.10 30.17
CA VAL F 404 -8.55 2.13 28.84
C VAL F 404 -7.98 0.97 28.05
N TRP F 405 -8.78 0.40 27.16
CA TRP F 405 -8.34 -0.76 26.41
C TRP F 405 -9.08 -0.82 25.10
N GLN F 406 -8.48 -1.52 24.14
CA GLN F 406 -9.08 -1.80 22.85
C GLN F 406 -9.62 -3.23 22.83
N ASP F 407 -10.74 -3.41 22.15
CA ASP F 407 -11.31 -4.74 21.98
C ASP F 407 -10.51 -5.48 20.92
N ARG F 408 -10.85 -6.74 20.70
CA ARG F 408 -10.12 -7.54 19.74
C ARG F 408 -10.64 -7.28 18.34
N ASP F 409 -9.71 -7.28 17.38
CA ASP F 409 -9.99 -6.93 16.01
C ASP F 409 -10.88 -7.98 15.36
N VAL F 410 -11.56 -7.57 14.28
CA VAL F 410 -12.39 -8.46 13.48
C VAL F 410 -11.66 -8.77 12.18
N TYR F 411 -11.87 -9.98 11.69
CA TYR F 411 -11.17 -10.45 10.51
C TYR F 411 -12.17 -10.91 9.46
N LEU F 412 -11.73 -11.00 8.22
CA LEU F 412 -12.62 -11.42 7.13
C LEU F 412 -13.21 -12.79 7.42
N GLN F 413 -12.48 -13.65 8.12
CA GLN F 413 -12.95 -14.99 8.42
C GLN F 413 -13.57 -15.12 9.81
N GLY F 414 -13.59 -14.05 10.60
CA GLY F 414 -13.95 -14.16 11.99
C GLY F 414 -15.45 -14.08 12.24
N PRO F 415 -15.85 -14.21 13.50
CA PRO F 415 -17.26 -14.11 13.85
C PRO F 415 -17.72 -12.66 13.91
N ILE F 416 -19.02 -12.47 13.70
CA ILE F 416 -19.60 -11.13 13.74
C ILE F 416 -20.19 -10.87 15.12
N TRP F 417 -21.19 -11.65 15.51
CA TRP F 417 -21.91 -11.39 16.75
C TRP F 417 -21.80 -12.58 17.70
N ALA F 418 -22.10 -12.29 18.96
CA ALA F 418 -22.32 -13.32 19.96
C ALA F 418 -23.57 -12.96 20.74
N LYS F 419 -24.06 -13.92 21.52
CA LYS F 419 -25.15 -13.67 22.44
C LYS F 419 -24.58 -13.52 23.85
N ILE F 420 -24.86 -12.40 24.47
CA ILE F 420 -24.37 -12.14 25.83
C ILE F 420 -25.08 -13.08 26.80
N PRO F 421 -24.35 -13.89 27.57
CA PRO F 421 -25.03 -14.82 28.49
C PRO F 421 -25.94 -14.09 29.46
N HIS F 422 -27.14 -14.63 29.64
CA HIS F 422 -28.18 -13.99 30.44
C HIS F 422 -27.83 -14.21 31.91
N THR F 423 -27.54 -13.13 32.62
CA THR F 423 -27.00 -13.16 33.97
C THR F 423 -27.37 -11.88 34.67
N ASP F 424 -27.21 -11.87 36.00
CA ASP F 424 -27.53 -10.67 36.78
C ASP F 424 -26.56 -9.54 36.47
N GLY F 425 -25.33 -9.87 36.09
CA GLY F 425 -24.36 -8.84 35.78
C GLY F 425 -23.30 -9.31 34.81
N ASN F 426 -22.73 -8.34 34.11
CA ASN F 426 -21.60 -8.57 33.21
C ASN F 426 -20.84 -7.26 33.06
N PHE F 427 -19.60 -7.36 32.58
CA PHE F 427 -18.77 -6.19 32.35
C PHE F 427 -18.25 -6.19 30.92
N HIS F 428 -18.58 -5.13 30.19
CA HIS F 428 -18.13 -4.88 28.83
C HIS F 428 -18.37 -6.12 28.00
N PRO F 429 -19.63 -6.41 27.67
CA PRO F 429 -19.99 -7.69 27.06
C PRO F 429 -19.35 -8.03 25.73
N SER F 430 -18.63 -7.10 25.10
CA SER F 430 -18.03 -7.37 23.80
C SER F 430 -17.29 -8.71 23.81
N PRO F 431 -17.54 -9.59 22.85
CA PRO F 431 -17.02 -10.96 22.94
C PRO F 431 -15.53 -11.03 22.69
N LEU F 432 -14.91 -12.08 23.26
CA LEU F 432 -13.47 -12.19 23.28
C LEU F 432 -12.88 -12.62 21.95
N MET F 433 -13.64 -13.31 21.11
CA MET F 433 -13.16 -13.64 19.77
C MET F 433 -13.38 -12.52 18.77
N GLY F 434 -13.95 -11.40 19.21
CA GLY F 434 -14.16 -10.26 18.34
C GLY F 434 -15.58 -10.19 17.84
N GLY F 435 -16.02 -8.97 17.55
CA GLY F 435 -17.36 -8.75 17.08
C GLY F 435 -18.28 -8.12 18.11
N PHE F 436 -19.57 -8.14 17.79
CA PHE F 436 -20.59 -7.37 18.50
C PHE F 436 -21.35 -8.26 19.46
N GLY F 437 -21.27 -7.95 20.75
CA GLY F 437 -22.11 -8.62 21.72
C GLY F 437 -23.54 -8.12 21.63
N MET F 438 -24.48 -9.06 21.64
CA MET F 438 -25.89 -8.73 21.52
C MET F 438 -26.70 -9.62 22.44
N LYS F 439 -27.58 -9.03 23.24
CA LYS F 439 -28.50 -9.83 24.03
C LYS F 439 -29.53 -10.55 23.17
N HIS F 440 -29.92 -9.94 22.05
CA HIS F 440 -30.88 -10.51 21.12
C HIS F 440 -30.23 -10.53 19.75
N PRO F 441 -29.33 -11.47 19.50
CA PRO F 441 -28.62 -11.52 18.22
C PRO F 441 -29.56 -11.98 17.11
N PRO F 442 -29.08 -12.08 15.87
CA PRO F 442 -29.89 -12.69 14.82
C PRO F 442 -30.34 -14.08 15.25
N PRO F 443 -31.63 -14.37 15.18
CA PRO F 443 -32.13 -15.63 15.72
C PRO F 443 -31.68 -16.82 14.88
N GLN F 444 -31.72 -17.98 15.51
CA GLN F 444 -31.36 -19.22 14.83
C GLN F 444 -32.44 -19.58 13.81
N ILE F 445 -32.01 -20.15 12.70
CA ILE F 445 -32.90 -20.57 11.62
C ILE F 445 -32.87 -22.09 11.59
N LEU F 446 -33.95 -22.71 12.03
CA LEU F 446 -34.00 -24.16 12.14
C LEU F 446 -34.73 -24.75 10.94
N ILE F 447 -34.11 -25.74 10.32
CA ILE F 447 -34.68 -26.41 9.16
C ILE F 447 -34.33 -27.91 9.18
N SER F 473 -32.94 -33.12 0.12
CA SER F 473 -33.44 -31.87 -0.42
C SER F 473 -32.33 -30.88 -0.72
N THR F 474 -32.69 -29.75 -1.30
CA THR F 474 -31.75 -28.70 -1.67
C THR F 474 -32.51 -27.40 -1.87
N GLY F 475 -31.83 -26.38 -2.37
CA GLY F 475 -32.48 -25.11 -2.54
C GLY F 475 -31.51 -23.96 -2.65
N GLN F 476 -31.99 -22.77 -2.28
CA GLN F 476 -31.23 -21.54 -2.32
C GLN F 476 -31.41 -20.76 -1.03
N VAL F 477 -30.33 -20.19 -0.52
CA VAL F 477 -30.37 -19.23 0.58
C VAL F 477 -29.88 -17.89 0.06
N SER F 478 -30.56 -16.82 0.45
CA SER F 478 -30.09 -15.47 0.22
C SER F 478 -30.19 -14.66 1.50
N VAL F 479 -29.05 -14.23 2.03
CA VAL F 479 -28.99 -13.47 3.28
C VAL F 479 -28.47 -12.08 2.98
N GLU F 480 -29.06 -11.07 3.64
CA GLU F 480 -28.75 -9.67 3.41
C GLU F 480 -28.62 -8.93 4.73
N ILE F 481 -27.44 -8.37 4.99
CA ILE F 481 -27.21 -7.53 6.16
C ILE F 481 -27.00 -6.09 5.71
N GLU F 482 -27.50 -5.15 6.50
CA GLU F 482 -27.25 -3.73 6.30
C GLU F 482 -26.17 -3.28 7.28
N TRP F 483 -25.27 -2.43 6.82
CA TRP F 483 -24.14 -1.98 7.62
C TRP F 483 -24.13 -0.46 7.69
N GLU F 484 -23.76 0.07 8.86
CA GLU F 484 -23.63 1.51 9.05
C GLU F 484 -22.16 1.87 9.24
N LEU F 485 -21.73 2.91 8.54
CA LEU F 485 -20.33 3.28 8.47
C LEU F 485 -20.05 4.56 9.26
N GLN F 486 -18.85 4.64 9.84
CA GLN F 486 -18.35 5.83 10.49
C GLN F 486 -17.13 6.34 9.73
N LYS F 487 -17.28 7.47 9.04
CA LYS F 487 -16.27 7.95 8.11
C LYS F 487 -15.05 8.52 8.83
N GLU F 488 -13.96 8.62 8.09
CA GLU F 488 -12.66 9.07 8.59
C GLU F 488 -12.49 10.56 8.36
N ASN F 489 -12.41 11.33 9.45
CA ASN F 489 -12.38 12.78 9.44
C ASN F 489 -10.98 13.39 9.63
N SER F 490 -9.94 12.56 9.71
CA SER F 490 -8.66 12.98 10.27
C SER F 490 -7.93 14.03 9.42
N LYS F 491 -7.11 14.83 10.10
CA LYS F 491 -6.30 15.89 9.51
C LYS F 491 -4.86 15.46 9.24
N ARG F 492 -4.54 14.18 9.44
CA ARG F 492 -3.18 13.68 9.26
C ARG F 492 -2.59 14.11 7.91
N TRP F 493 -1.36 14.61 7.94
CA TRP F 493 -0.75 15.16 6.74
C TRP F 493 -0.21 14.06 5.83
N ASN F 494 0.56 13.13 6.39
CA ASN F 494 1.21 12.12 5.59
C ASN F 494 0.27 10.95 5.29
N PRO F 495 0.57 10.15 4.28
CA PRO F 495 -0.35 9.08 3.87
C PRO F 495 -0.41 7.92 4.85
N GLU F 496 -1.58 7.28 4.89
CA GLU F 496 -1.92 6.13 5.71
C GLU F 496 -1.30 4.84 5.19
N ILE F 497 -1.27 3.84 6.06
CA ILE F 497 -1.07 2.46 5.65
C ILE F 497 -2.37 1.89 5.15
N GLN F 498 -2.34 1.31 3.94
CA GLN F 498 -3.54 0.77 3.32
C GLN F 498 -3.34 -0.72 3.09
N TYR F 499 -4.45 -1.45 2.97
CA TYR F 499 -4.37 -2.85 2.60
C TYR F 499 -4.29 -2.96 1.09
N THR F 500 -3.26 -3.65 0.59
CA THR F 500 -2.98 -3.68 -0.83
C THR F 500 -2.69 -5.10 -1.29
N SER F 501 -3.04 -5.36 -2.55
CA SER F 501 -2.57 -6.51 -3.30
C SER F 501 -1.11 -6.30 -3.70
N ASN F 502 -0.44 -7.39 -4.05
CA ASN F 502 0.98 -7.35 -4.35
C ASN F 502 1.21 -7.13 -5.85
N TYR F 503 2.23 -6.34 -6.18
CA TYR F 503 2.42 -5.89 -7.55
C TYR F 503 2.98 -7.00 -8.44
N TYR F 504 3.74 -7.92 -7.85
CA TYR F 504 4.56 -8.84 -8.62
C TYR F 504 3.74 -9.93 -9.31
N LYS F 505 4.37 -10.56 -10.29
CA LYS F 505 3.77 -11.71 -10.96
C LYS F 505 3.76 -12.92 -10.03
N SER F 506 2.81 -13.81 -10.26
CA SER F 506 2.69 -15.03 -9.48
C SER F 506 1.96 -16.09 -10.30
N ASN F 507 2.07 -17.34 -9.86
CA ASN F 507 1.40 -18.44 -10.56
C ASN F 507 -0.11 -18.30 -10.49
N ASN F 508 -0.63 -17.93 -9.32
CA ASN F 508 -2.07 -17.87 -9.10
C ASN F 508 -2.43 -16.52 -8.52
N VAL F 509 -3.66 -16.10 -8.72
CA VAL F 509 -4.12 -14.83 -8.17
C VAL F 509 -4.66 -15.06 -6.77
N GLU F 510 -4.27 -14.19 -5.83
CA GLU F 510 -4.75 -14.31 -4.46
C GLU F 510 -6.23 -13.95 -4.37
N PHE F 511 -6.94 -14.68 -3.52
CA PHE F 511 -8.40 -14.58 -3.42
C PHE F 511 -9.06 -14.84 -4.76
N ALA F 512 -8.67 -15.92 -5.42
CA ALA F 512 -9.27 -16.36 -6.66
C ALA F 512 -9.13 -17.87 -6.75
N VAL F 513 -9.43 -18.44 -7.90
CA VAL F 513 -9.43 -19.88 -8.07
C VAL F 513 -8.20 -20.32 -8.84
N ASN F 514 -7.72 -21.51 -8.54
CA ASN F 514 -6.56 -22.08 -9.21
C ASN F 514 -7.02 -22.90 -10.42
N THR F 515 -6.12 -23.71 -10.98
CA THR F 515 -6.43 -24.43 -12.21
C THR F 515 -7.46 -25.52 -12.00
N GLU F 516 -7.60 -26.02 -10.77
CA GLU F 516 -8.57 -27.08 -10.52
C GLU F 516 -9.89 -26.52 -10.02
N GLY F 517 -10.00 -25.20 -9.89
CA GLY F 517 -11.22 -24.59 -9.43
C GLY F 517 -11.35 -24.49 -7.93
N VAL F 518 -10.26 -24.55 -7.17
CA VAL F 518 -10.33 -24.40 -5.72
C VAL F 518 -10.14 -22.94 -5.35
N TYR F 519 -10.99 -22.44 -4.47
CA TYR F 519 -10.93 -21.05 -4.04
C TYR F 519 -10.30 -20.95 -2.65
N SER F 520 -9.29 -20.11 -2.51
CA SER F 520 -8.66 -19.98 -1.20
C SER F 520 -8.36 -18.54 -0.85
N GLU F 521 -8.20 -18.30 0.44
CA GLU F 521 -7.84 -16.98 0.95
C GLU F 521 -6.46 -17.20 1.52
N PRO F 522 -5.45 -16.55 0.95
CA PRO F 522 -4.04 -16.67 1.33
C PRO F 522 -3.69 -16.21 2.74
N ARG F 523 -4.29 -15.12 3.19
CA ARG F 523 -3.98 -14.60 4.52
C ARG F 523 -5.19 -14.01 5.22
N PRO F 524 -5.12 -13.91 6.56
CA PRO F 524 -6.18 -13.29 7.34
C PRO F 524 -6.11 -11.77 7.15
N ILE F 525 -7.24 -11.08 7.14
CA ILE F 525 -7.21 -9.64 6.96
C ILE F 525 -7.93 -8.91 8.07
N GLY F 526 -7.23 -8.06 8.80
CA GLY F 526 -7.87 -7.31 9.86
C GLY F 526 -8.55 -6.06 9.34
N THR F 527 -9.21 -5.36 10.23
CA THR F 527 -9.93 -4.15 9.85
C THR F 527 -9.19 -2.86 10.18
N ARG F 528 -8.02 -2.91 10.83
CA ARG F 528 -7.41 -1.73 11.42
C ARG F 528 -6.20 -1.28 10.60
N TYR F 529 -6.38 -0.20 9.84
CA TYR F 529 -5.34 0.38 9.00
C TYR F 529 -5.24 1.87 9.22
N LEU F 530 -6.33 2.59 9.00
CA LEU F 530 -6.38 4.01 9.29
C LEU F 530 -6.09 4.24 10.76
N THR F 531 -5.71 5.47 11.10
CA THR F 531 -5.28 5.79 12.45
C THR F 531 -6.12 6.91 13.05
N ARG F 532 -6.01 7.03 14.36
CA ARG F 532 -6.58 8.13 15.13
C ARG F 532 -5.62 8.52 16.24
N ASN F 533 -5.87 9.70 16.81
CA ASN F 533 -5.11 10.15 17.96
C ASN F 533 -5.68 9.53 19.24
N LEU F 534 -4.79 9.23 20.17
CA LEU F 534 -5.18 8.63 21.44
C LEU F 534 -5.72 9.68 22.40
N GLU G 1 37.44 -3.30 -15.09
CA GLU G 1 36.71 -3.18 -13.83
C GLU G 1 37.29 -2.09 -12.96
N ILE G 2 37.06 -2.21 -11.65
CA ILE G 2 37.62 -1.30 -10.66
C ILE G 2 38.36 -2.13 -9.61
N VAL G 3 39.62 -1.81 -9.42
CA VAL G 3 40.45 -2.46 -8.40
C VAL G 3 40.54 -1.54 -7.19
N LEU G 4 40.29 -2.09 -6.01
CA LEU G 4 40.37 -1.36 -4.75
C LEU G 4 41.56 -1.88 -3.97
N THR G 5 42.33 -0.97 -3.36
CA THR G 5 43.49 -1.33 -2.58
C THR G 5 43.49 -0.59 -1.25
N GLN G 6 43.45 -1.37 -0.16
CA GLN G 6 43.59 -0.84 1.19
C GLN G 6 45.03 -0.38 1.38
N SER G 7 45.23 0.88 1.74
CA SER G 7 46.61 1.31 1.91
C SER G 7 47.27 0.72 3.17
N PRO G 8 46.73 0.84 4.38
CA PRO G 8 47.41 0.27 5.55
C PRO G 8 47.14 -1.22 5.67
N GLY G 9 48.18 -1.95 6.08
CA GLY G 9 47.95 -3.35 6.37
C GLY G 9 47.23 -3.66 7.68
N THR G 10 47.85 -3.37 8.81
CA THR G 10 47.38 -3.78 10.13
C THR G 10 48.01 -2.95 11.23
N LEU G 11 47.35 -2.93 12.40
CA LEU G 11 48.02 -2.63 13.68
C LEU G 11 47.11 -3.14 14.79
N SER G 12 47.66 -3.35 16.00
CA SER G 12 46.90 -3.92 17.10
C SER G 12 46.54 -2.83 18.11
N LEU G 13 45.39 -2.99 18.77
CA LEU G 13 44.92 -1.95 19.68
C LEU G 13 44.85 -2.39 21.14
N SER G 14 45.36 -1.51 21.99
CA SER G 14 45.11 -1.37 23.41
C SER G 14 44.15 -0.22 23.62
N PRO G 15 43.10 -0.40 24.43
CA PRO G 15 41.99 0.56 24.43
C PRO G 15 42.40 2.00 24.65
N GLY G 16 41.61 2.91 24.08
CA GLY G 16 41.80 4.33 24.25
C GLY G 16 42.52 5.04 23.11
N GLU G 17 43.30 4.32 22.31
CA GLU G 17 44.07 4.92 21.22
C GLU G 17 43.12 5.19 20.07
N ARG G 18 43.62 5.82 19.01
CA ARG G 18 42.83 6.01 17.79
C ARG G 18 43.75 6.12 16.58
N ALA G 19 43.25 5.68 15.43
CA ALA G 19 43.97 5.75 14.16
C ALA G 19 42.98 5.72 13.00
N THR G 20 43.46 6.13 11.82
CA THR G 20 42.64 6.24 10.63
C THR G 20 43.23 5.38 9.52
N LEU G 21 42.41 5.14 8.49
CA LEU G 21 42.78 4.27 7.38
C LEU G 21 41.98 4.63 6.14
N SER G 22 42.44 4.16 4.99
CA SER G 22 41.89 4.56 3.69
C SER G 22 42.01 3.43 2.68
N CYS G 23 41.51 3.67 1.47
CA CYS G 23 41.73 2.75 0.36
C CYS G 23 41.68 3.53 -0.94
N ARG G 24 42.48 3.09 -1.90
CA ARG G 24 42.54 3.74 -3.20
C ARG G 24 41.96 2.79 -4.24
N ALA G 25 41.17 3.34 -5.14
CA ALA G 25 40.54 2.53 -6.15
C ALA G 25 40.98 2.95 -7.54
N SER G 26 41.36 1.98 -8.35
CA SER G 26 41.77 2.24 -9.72
C SER G 26 40.55 2.79 -10.46
N GLN G 27 40.78 3.84 -11.25
CA GLN G 27 39.75 4.59 -12.05
C GLN G 27 38.81 5.49 -11.22
N SER G 28 38.12 4.92 -10.24
CA SER G 28 37.22 5.64 -9.34
C SER G 28 36.29 6.63 -10.02
N VAL G 29 35.54 6.12 -11.00
CA VAL G 29 34.57 6.90 -11.77
C VAL G 29 33.49 7.62 -10.97
N ARG G 30 32.86 6.94 -10.01
CA ARG G 30 31.82 7.58 -9.21
C ARG G 30 32.20 7.56 -7.73
N SER G 31 32.23 8.72 -7.09
CA SER G 31 32.66 8.77 -5.70
C SER G 31 31.60 9.12 -4.66
N SER G 32 30.37 9.36 -5.08
CA SER G 32 29.37 9.76 -4.11
C SER G 32 29.13 8.72 -3.03
N TYR G 33 29.07 7.45 -3.43
CA TYR G 33 28.79 6.38 -2.47
C TYR G 33 29.85 5.28 -2.37
N LEU G 34 30.28 5.05 -1.14
CA LEU G 34 31.23 4.03 -0.78
C LEU G 34 30.78 3.55 0.61
N ALA G 35 30.96 2.29 0.93
CA ALA G 35 30.50 1.81 2.23
C ALA G 35 31.56 1.09 3.04
N TRP G 36 31.60 1.38 4.34
CA TRP G 36 32.56 0.74 5.22
C TRP G 36 31.87 -0.26 6.12
N TYR G 37 32.40 -1.47 6.15
CA TYR G 37 31.84 -2.53 6.98
C TYR G 37 32.88 -2.91 8.03
N GLN G 38 32.41 -3.36 9.19
CA GLN G 38 33.28 -3.88 10.23
C GLN G 38 32.79 -5.25 10.65
N GLN G 39 33.66 -6.24 10.59
CA GLN G 39 33.30 -7.64 10.80
C GLN G 39 33.90 -8.17 12.10
N LYS G 40 33.04 -8.71 12.97
CA LYS G 40 33.48 -9.51 14.10
C LYS G 40 33.49 -10.98 13.71
N PRO G 41 34.49 -11.75 14.11
CA PRO G 41 34.60 -13.13 13.61
C PRO G 41 33.46 -14.02 14.08
N GLY G 42 33.23 -15.09 13.33
CA GLY G 42 32.27 -16.11 13.72
C GLY G 42 30.82 -15.69 13.66
N GLN G 43 30.51 -14.57 13.02
CA GLN G 43 29.15 -14.07 13.00
C GLN G 43 28.99 -13.13 11.81
N ALA G 44 27.74 -12.89 11.43
CA ALA G 44 27.45 -12.09 10.26
C ALA G 44 28.01 -10.66 10.42
N PRO G 45 28.45 -10.02 9.34
CA PRO G 45 28.97 -8.66 9.44
C PRO G 45 27.90 -7.65 9.83
N ARG G 46 28.31 -6.38 9.87
CA ARG G 46 27.45 -5.27 10.24
C ARG G 46 27.94 -3.99 9.57
N LEU G 47 27.01 -3.11 9.24
CA LEU G 47 27.31 -1.91 8.46
C LEU G 47 27.87 -0.80 9.35
N LEU G 48 28.64 0.11 8.75
CA LEU G 48 29.15 1.30 9.41
C LEU G 48 28.77 2.60 8.70
N ILE G 49 29.32 2.82 7.51
CA ILE G 49 29.11 4.06 6.76
C ILE G 49 28.33 3.67 5.52
N TYR G 50 27.62 4.62 4.93
CA TYR G 50 26.90 4.39 3.69
C TYR G 50 26.92 5.72 2.96
N GLY G 51 27.61 5.76 1.83
CA GLY G 51 27.78 6.99 1.09
C GLY G 51 29.16 7.54 1.44
N ALA G 52 29.68 8.45 0.63
CA ALA G 52 31.02 8.95 0.91
C ALA G 52 31.18 9.59 2.28
N SER G 53 30.21 10.41 2.69
CA SER G 53 30.31 11.07 4.00
C SER G 53 29.19 10.78 5.01
N SER G 54 28.29 9.83 4.73
CA SER G 54 27.18 9.62 5.66
C SER G 54 27.28 8.45 6.62
N ARG G 55 27.25 8.76 7.92
CA ARG G 55 27.34 7.79 8.99
C ARG G 55 26.09 6.92 9.10
N ALA G 56 26.28 5.69 9.57
CA ALA G 56 25.18 4.73 9.70
C ALA G 56 24.24 5.01 10.87
N THR G 57 23.12 4.27 10.87
CA THR G 57 22.06 4.42 11.87
C THR G 57 22.37 4.08 13.33
N ASP G 58 23.06 2.97 13.56
CA ASP G 58 23.38 2.54 14.92
C ASP G 58 24.84 2.76 15.29
N ILE G 59 25.54 3.56 14.48
CA ILE G 59 26.95 3.83 14.67
C ILE G 59 27.25 5.17 15.33
N PRO G 60 28.08 5.15 16.38
CA PRO G 60 28.54 6.29 17.19
C PRO G 60 29.15 7.40 16.33
N ASP G 61 28.94 8.65 16.75
CA ASP G 61 29.43 9.81 16.02
C ASP G 61 30.90 9.71 15.68
N ARG G 62 31.67 8.97 16.49
CA ARG G 62 33.11 8.94 16.32
C ARG G 62 33.51 8.22 15.05
N PHE G 63 32.60 7.47 14.45
CA PHE G 63 32.86 6.84 13.16
C PHE G 63 32.61 7.86 12.05
N SER G 64 33.58 8.02 11.16
CA SER G 64 33.43 8.98 10.08
C SER G 64 34.30 8.59 8.90
N GLY G 65 33.97 9.15 7.75
CA GLY G 65 34.76 8.94 6.55
C GLY G 65 34.59 10.08 5.57
N SER G 66 35.54 10.24 4.67
CA SER G 66 35.50 11.29 3.66
C SER G 66 36.28 10.84 2.45
N GLY G 67 35.92 11.38 1.29
CA GLY G 67 36.70 11.14 0.09
C GLY G 67 35.93 11.51 -1.15
N SER G 68 36.66 11.63 -2.25
CA SER G 68 36.06 11.83 -3.56
C SER G 68 37.13 11.44 -4.58
N GLY G 69 36.70 11.16 -5.82
CA GLY G 69 37.64 10.74 -6.83
C GLY G 69 38.24 9.39 -6.52
N THR G 70 39.53 9.21 -6.82
CA THR G 70 40.18 7.92 -6.59
C THR G 70 40.39 7.65 -5.12
N ASP G 71 40.86 8.65 -4.37
CA ASP G 71 41.21 8.48 -2.97
C ASP G 71 39.96 8.61 -2.10
N PHE G 72 39.84 7.73 -1.12
CA PHE G 72 38.84 7.81 -0.08
C PHE G 72 39.49 7.47 1.24
N THR G 73 38.89 7.89 2.35
CA THR G 73 39.45 7.63 3.68
C THR G 73 38.35 7.18 4.63
N LEU G 74 38.78 6.58 5.73
CA LEU G 74 37.91 6.31 6.88
C LEU G 74 38.58 6.89 8.11
N THR G 75 37.95 7.92 8.69
CA THR G 75 38.55 8.70 9.77
C THR G 75 37.73 8.49 11.03
N ILE G 76 38.31 7.79 12.01
CA ILE G 76 37.61 7.41 13.23
C ILE G 76 38.41 7.90 14.43
N SER G 77 37.72 8.31 15.48
CA SER G 77 38.31 8.85 16.70
C SER G 77 37.72 8.18 17.93
N ARG G 78 38.33 8.43 19.09
CA ARG G 78 37.83 7.95 20.38
C ARG G 78 37.66 6.42 20.36
N LEU G 79 38.74 5.75 19.99
CA LEU G 79 38.64 4.41 19.44
C LEU G 79 38.92 3.37 20.54
N GLU G 80 37.95 2.47 20.75
CA GLU G 80 37.85 1.71 22.00
C GLU G 80 37.96 0.20 21.77
N PRO G 81 37.99 -0.65 22.80
CA PRO G 81 38.43 -2.05 22.60
C PRO G 81 37.66 -2.80 21.53
N GLU G 82 36.38 -2.52 21.36
CA GLU G 82 35.55 -3.26 20.43
C GLU G 82 35.96 -3.03 18.98
N ASP G 83 36.82 -2.03 18.75
CA ASP G 83 37.04 -1.55 17.39
C ASP G 83 38.29 -2.14 16.74
N PHE G 84 38.99 -3.07 17.38
CA PHE G 84 40.13 -3.62 16.68
C PHE G 84 39.69 -4.82 15.84
N ALA G 85 39.66 -4.63 14.52
CA ALA G 85 38.99 -5.51 13.56
C ALA G 85 39.31 -5.10 12.12
N VAL G 86 38.68 -5.77 11.15
CA VAL G 86 38.97 -5.56 9.73
C VAL G 86 38.02 -4.50 9.19
N TYR G 87 38.52 -3.66 8.28
CA TYR G 87 37.75 -2.60 7.65
C TYR G 87 37.65 -2.84 6.15
N TYR G 88 36.42 -2.83 5.65
CA TYR G 88 36.09 -3.18 4.27
C TYR G 88 35.51 -1.96 3.56
N CYS G 89 36.17 -1.49 2.51
CA CYS G 89 35.62 -0.40 1.70
C CYS G 89 35.03 -0.98 0.43
N GLN G 90 33.74 -0.72 0.22
CA GLN G 90 33.00 -1.20 -0.94
C GLN G 90 32.76 -0.06 -1.91
N GLN G 91 33.16 -0.24 -3.17
CA GLN G 91 32.78 0.69 -4.22
C GLN G 91 31.66 0.06 -5.03
N TYR G 92 30.44 0.55 -4.81
CA TYR G 92 29.26 0.05 -5.48
C TYR G 92 28.82 0.92 -6.66
N GLY G 93 29.62 1.93 -7.01
CA GLY G 93 29.33 2.67 -8.22
C GLY G 93 29.15 1.77 -9.43
N THR G 94 30.09 0.86 -9.65
CA THR G 94 29.99 -0.21 -10.61
C THR G 94 29.40 -1.43 -9.88
N SER G 95 29.45 -2.60 -10.50
CA SER G 95 29.11 -3.82 -9.79
C SER G 95 29.92 -3.91 -8.49
N PRO G 96 29.31 -4.38 -7.40
CA PRO G 96 29.96 -4.25 -6.08
C PRO G 96 31.33 -4.90 -6.03
N ALA G 97 32.24 -4.25 -5.31
CA ALA G 97 33.60 -4.72 -5.13
C ALA G 97 34.10 -4.29 -3.76
N PHE G 98 34.94 -5.12 -3.17
CA PHE G 98 35.54 -4.85 -1.88
C PHE G 98 37.04 -4.70 -2.03
N GLY G 99 37.64 -3.92 -1.14
CA GLY G 99 39.07 -3.98 -0.98
C GLY G 99 39.48 -5.20 -0.18
N GLY G 100 40.77 -5.49 -0.18
CA GLY G 100 41.26 -6.64 0.57
C GLY G 100 40.92 -6.57 2.04
N GLY G 101 40.67 -5.37 2.55
CA GLY G 101 40.41 -5.14 3.95
C GLY G 101 41.66 -4.72 4.69
N THR G 102 41.44 -3.87 5.70
CA THR G 102 42.50 -3.46 6.62
C THR G 102 42.09 -3.90 8.02
N LYS G 103 42.86 -4.82 8.60
CA LYS G 103 42.57 -5.21 9.97
C LYS G 103 43.37 -4.35 10.94
N VAL G 104 42.68 -3.45 11.60
CA VAL G 104 43.31 -2.68 12.65
C VAL G 104 42.98 -3.43 13.93
N VAL H 1 13.90 -7.53 10.71
CA VAL H 1 14.29 -8.25 9.52
C VAL H 1 15.07 -9.51 9.83
N GLN H 2 14.57 -10.65 9.36
CA GLN H 2 15.23 -11.91 9.60
C GLN H 2 15.48 -12.66 8.31
N LEU H 3 16.77 -12.86 8.03
CA LEU H 3 17.17 -13.57 6.83
C LEU H 3 17.71 -14.93 7.26
N LEU H 4 17.19 -16.00 6.68
CA LEU H 4 17.61 -17.35 7.02
C LEU H 4 18.00 -18.15 5.78
N GLU H 5 19.16 -18.81 5.84
CA GLU H 5 19.67 -19.60 4.73
C GLU H 5 19.56 -21.11 4.94
N SER H 6 19.15 -21.80 3.88
CA SER H 6 18.98 -23.24 3.90
C SER H 6 19.62 -23.86 2.68
N GLY H 7 19.92 -25.16 2.75
CA GLY H 7 20.53 -25.85 1.64
C GLY H 7 22.04 -25.85 1.54
N GLY H 8 22.73 -25.37 2.56
CA GLY H 8 24.18 -25.37 2.51
C GLY H 8 24.70 -26.68 3.04
N ALA H 9 25.29 -27.48 2.14
CA ALA H 9 25.82 -28.80 2.49
C ALA H 9 27.07 -29.12 1.68
N LEU H 10 27.88 -30.05 2.15
CA LEU H 10 29.08 -30.43 1.41
C LEU H 10 28.68 -31.05 0.09
N VAL H 11 29.39 -30.66 -0.97
CA VAL H 11 29.10 -31.17 -2.31
C VAL H 11 30.41 -31.41 -3.04
N GLN H 12 30.56 -32.58 -3.66
CA GLN H 12 31.76 -32.90 -4.40
C GLN H 12 31.84 -32.05 -5.65
N PRO H 13 33.06 -31.77 -6.12
CA PRO H 13 33.24 -30.91 -7.28
C PRO H 13 32.50 -31.45 -8.49
N GLY H 14 31.86 -30.55 -9.22
CA GLY H 14 31.05 -30.92 -10.38
C GLY H 14 29.62 -31.25 -9.99
N GLY H 15 29.29 -31.03 -8.73
CA GLY H 15 27.96 -31.30 -8.20
C GLY H 15 27.36 -30.01 -7.71
N SER H 16 26.06 -29.84 -7.89
CA SER H 16 25.39 -28.61 -7.48
C SER H 16 24.45 -28.75 -6.29
N LEU H 17 24.10 -27.60 -5.72
CA LEU H 17 23.17 -27.54 -4.59
C LEU H 17 22.40 -26.22 -4.68
N ARG H 18 21.28 -26.10 -3.97
CA ARG H 18 20.50 -24.87 -4.07
C ARG H 18 20.29 -24.26 -2.69
N LEU H 19 20.89 -23.09 -2.48
CA LEU H 19 20.69 -22.30 -1.26
C LEU H 19 19.38 -21.55 -1.37
N SER H 20 18.71 -21.36 -0.24
CA SER H 20 17.52 -20.54 -0.18
C SER H 20 17.58 -19.65 1.05
N CYS H 21 17.20 -18.39 0.89
CA CYS H 21 17.14 -17.42 1.98
C CYS H 21 15.68 -17.06 2.22
N ALA H 22 15.13 -17.54 3.32
CA ALA H 22 13.75 -17.24 3.70
C ALA H 22 13.76 -15.97 4.54
N ALA H 23 13.11 -14.92 4.05
CA ALA H 23 13.12 -13.64 4.75
C ALA H 23 11.77 -13.15 5.26
N SER H 24 11.82 -12.38 6.33
CA SER H 24 10.66 -11.80 6.98
C SER H 24 11.11 -10.59 7.81
N GLY H 25 10.16 -9.78 8.27
CA GLY H 25 10.47 -8.59 9.03
C GLY H 25 10.58 -7.35 8.17
N PHE H 26 10.37 -7.54 6.88
CA PHE H 26 10.37 -6.46 5.89
C PHE H 26 9.45 -6.88 4.75
N SER H 27 9.11 -5.96 3.85
CA SER H 27 8.18 -6.31 2.78
C SER H 27 8.71 -7.45 1.92
N PHE H 28 9.99 -7.36 1.57
CA PHE H 28 10.81 -8.34 0.82
C PHE H 28 10.62 -8.39 -0.69
N SER H 29 9.58 -7.75 -1.18
CA SER H 29 9.33 -7.78 -2.61
C SER H 29 9.76 -6.44 -3.14
N ASN H 30 9.78 -5.48 -2.25
CA ASN H 30 10.15 -4.12 -2.61
C ASN H 30 11.65 -3.86 -2.50
N TYR H 31 12.46 -4.86 -2.13
CA TYR H 31 13.88 -4.67 -1.91
C TYR H 31 14.69 -5.67 -2.72
N ALA H 32 15.78 -5.20 -3.30
CA ALA H 32 16.73 -6.09 -3.96
C ALA H 32 17.46 -6.93 -2.93
N MET H 33 18.03 -8.04 -3.39
CA MET H 33 18.69 -8.99 -2.52
C MET H 33 19.96 -9.49 -3.17
N SER H 34 21.02 -9.64 -2.38
CA SER H 34 22.30 -10.09 -2.89
C SER H 34 22.80 -11.29 -2.11
N TRP H 35 23.76 -11.98 -2.72
CA TRP H 35 24.55 -13.02 -2.05
C TRP H 35 25.99 -12.55 -2.01
N VAL H 36 26.64 -12.80 -0.88
CA VAL H 36 28.03 -12.40 -0.67
C VAL H 36 28.71 -13.50 0.11
N ARG H 37 29.89 -13.92 -0.36
CA ARG H 37 30.58 -15.10 0.12
C ARG H 37 31.80 -14.70 0.91
N GLN H 38 32.15 -15.51 1.91
CA GLN H 38 33.40 -15.36 2.64
C GLN H 38 34.11 -16.70 2.69
N ALA H 39 35.23 -16.81 2.00
CA ALA H 39 36.05 -18.00 2.11
C ALA H 39 36.83 -17.95 3.41
N PRO H 40 36.99 -19.09 4.09
CA PRO H 40 37.63 -19.08 5.42
C PRO H 40 39.01 -18.44 5.42
N GLY H 41 39.74 -18.54 4.32
CA GLY H 41 41.04 -17.89 4.22
C GLY H 41 41.01 -16.44 3.80
N LYS H 42 39.87 -15.94 3.31
CA LYS H 42 39.78 -14.59 2.78
C LYS H 42 38.64 -13.85 3.46
N GLY H 43 38.38 -12.64 2.96
CA GLY H 43 37.31 -11.82 3.51
C GLY H 43 36.02 -11.97 2.74
N LEU H 44 35.28 -10.86 2.69
CA LEU H 44 33.99 -10.85 2.02
C LEU H 44 34.15 -10.65 0.52
N GLU H 45 33.33 -11.36 -0.26
CA GLU H 45 33.30 -11.26 -1.71
C GLU H 45 31.86 -11.31 -2.19
N TRP H 46 31.51 -10.38 -3.08
CA TRP H 46 30.17 -10.30 -3.62
C TRP H 46 29.99 -11.27 -4.79
N VAL H 47 28.81 -11.90 -4.85
CA VAL H 47 28.54 -12.94 -5.84
C VAL H 47 27.55 -12.49 -6.88
N SER H 48 26.30 -12.25 -6.48
CA SER H 48 25.29 -11.81 -7.44
C SER H 48 24.19 -11.04 -6.76
N THR H 49 23.50 -10.21 -7.53
CA THR H 49 22.42 -9.40 -7.03
C THR H 49 21.17 -9.61 -7.85
N ILE H 50 20.03 -9.62 -7.20
CA ILE H 50 18.77 -9.75 -7.90
C ILE H 50 17.87 -8.62 -7.41
N SER H 51 17.15 -8.00 -8.32
CA SER H 51 16.26 -6.90 -7.96
C SER H 51 15.00 -7.35 -7.25
N ALA H 52 14.26 -6.39 -6.71
CA ALA H 52 13.06 -6.70 -5.96
C ALA H 52 12.01 -7.45 -6.77
N SER H 53 11.87 -7.09 -8.05
CA SER H 53 10.91 -7.79 -8.88
C SER H 53 11.54 -8.98 -9.61
N GLY H 54 12.86 -9.03 -9.66
CA GLY H 54 13.53 -10.14 -10.32
C GLY H 54 13.86 -9.87 -11.77
N GLY H 55 13.56 -8.66 -12.22
CA GLY H 55 13.83 -8.27 -13.59
C GLY H 55 15.30 -8.25 -13.95
N THR H 56 16.12 -7.77 -13.03
CA THR H 56 17.55 -7.65 -13.26
C THR H 56 18.40 -8.51 -12.36
N THR H 57 19.26 -9.32 -12.96
CA THR H 57 20.18 -10.15 -12.20
C THR H 57 21.57 -10.05 -12.79
N TYR H 58 22.56 -9.71 -11.99
CA TYR H 58 23.93 -9.63 -12.50
C TYR H 58 24.84 -10.48 -11.61
N PHE H 59 25.96 -10.90 -12.16
CA PHE H 59 26.86 -11.81 -11.45
C PHE H 59 28.28 -11.28 -11.41
N ALA H 60 29.08 -11.87 -10.55
CA ALA H 60 30.52 -11.68 -10.58
C ALA H 60 31.12 -12.59 -11.64
N ASP H 61 32.28 -12.19 -12.17
CA ASP H 61 32.93 -12.98 -13.19
C ASP H 61 33.49 -14.28 -12.61
N SER H 62 33.79 -14.28 -11.32
CA SER H 62 34.31 -15.47 -10.67
C SER H 62 33.27 -16.58 -10.66
N VAL H 63 32.01 -16.23 -10.45
CA VAL H 63 30.92 -17.18 -10.31
C VAL H 63 30.13 -17.35 -11.61
N LYS H 64 30.55 -16.70 -12.68
CA LYS H 64 29.72 -16.63 -13.88
C LYS H 64 29.60 -18.00 -14.55
N GLY H 65 28.36 -18.39 -14.81
CA GLY H 65 28.03 -19.63 -15.49
C GLY H 65 27.83 -20.82 -14.56
N HIS H 66 28.44 -20.78 -13.38
CA HIS H 66 28.18 -21.80 -12.37
C HIS H 66 26.96 -21.45 -11.53
N PHE H 67 26.65 -20.16 -11.43
CA PHE H 67 25.69 -19.64 -10.47
C PHE H 67 24.48 -19.07 -11.18
N THR H 68 23.34 -19.12 -10.51
CA THR H 68 22.15 -18.40 -10.91
C THR H 68 21.40 -18.01 -9.64
N ILE H 69 20.83 -16.82 -9.64
CA ILE H 69 20.06 -16.31 -8.52
C ILE H 69 18.63 -16.07 -8.99
N SER H 70 17.68 -16.51 -8.18
CA SER H 70 16.29 -16.24 -8.45
C SER H 70 15.57 -16.03 -7.12
N ARG H 71 14.36 -15.52 -7.17
CA ARG H 71 13.65 -15.27 -5.94
C ARG H 71 12.19 -15.53 -6.20
N ASP H 72 11.46 -15.86 -5.14
CA ASP H 72 10.03 -16.03 -5.30
C ASP H 72 9.41 -15.07 -4.32
N ASN H 73 8.76 -14.05 -4.85
CA ASN H 73 8.13 -13.02 -4.04
C ASN H 73 6.97 -13.56 -3.21
N SER H 74 6.22 -14.47 -3.80
CA SER H 74 5.06 -15.06 -3.15
C SER H 74 5.45 -15.81 -1.89
N LYS H 75 6.54 -16.55 -1.96
CA LYS H 75 7.01 -17.37 -0.84
C LYS H 75 7.99 -16.68 0.10
N ASN H 76 8.33 -15.43 -0.21
CA ASN H 76 9.26 -14.63 0.58
C ASN H 76 10.64 -15.27 0.76
N THR H 77 11.13 -15.96 -0.26
CA THR H 77 12.44 -16.60 -0.18
C THR H 77 13.34 -16.26 -1.36
N LEU H 78 14.63 -16.18 -1.06
CA LEU H 78 15.67 -15.85 -2.04
C LEU H 78 16.47 -17.10 -2.35
N TYR H 79 16.57 -17.43 -3.63
CA TYR H 79 17.24 -18.65 -4.07
C TYR H 79 18.57 -18.32 -4.74
N LEU H 80 19.58 -19.12 -4.44
CA LEU H 80 20.82 -19.13 -5.22
C LEU H 80 21.19 -20.57 -5.50
N GLN H 81 21.17 -20.94 -6.78
CA GLN H 81 21.53 -22.28 -7.21
C GLN H 81 22.96 -22.27 -7.71
N MET H 82 23.75 -23.23 -7.23
CA MET H 82 25.15 -23.37 -7.60
C MET H 82 25.30 -24.67 -8.37
N ASP H 83 25.64 -24.58 -9.65
CA ASP H 83 25.76 -25.75 -10.50
C ASP H 83 27.20 -25.90 -10.98
N SER H 84 27.62 -27.16 -11.16
CA SER H 84 28.99 -27.48 -11.57
C SER H 84 30.00 -26.77 -10.70
N LEU H 85 29.86 -26.97 -9.38
CA LEU H 85 30.75 -26.34 -8.43
C LEU H 85 32.19 -26.76 -8.65
N ARG H 86 33.10 -25.86 -8.31
CA ARG H 86 34.52 -26.14 -8.27
C ARG H 86 34.99 -26.12 -6.83
N ALA H 87 36.27 -26.43 -6.62
CA ALA H 87 36.81 -26.44 -5.27
C ALA H 87 37.03 -25.02 -4.76
N GLU H 88 37.18 -24.07 -5.68
CA GLU H 88 37.38 -22.68 -5.28
C GLU H 88 36.10 -22.06 -4.75
N ASP H 89 34.97 -22.78 -4.89
CA ASP H 89 33.74 -22.33 -4.24
C ASP H 89 33.60 -23.13 -2.96
N THR H 90 34.05 -22.51 -1.87
CA THR H 90 33.76 -22.95 -0.50
C THR H 90 33.76 -21.65 0.29
N ALA H 91 32.77 -21.47 1.14
CA ALA H 91 32.60 -20.19 1.80
C ALA H 91 31.38 -20.25 2.70
N VAL H 92 31.23 -19.20 3.49
CA VAL H 92 29.95 -18.87 4.08
C VAL H 92 29.24 -17.89 3.16
N TYR H 93 28.07 -18.28 2.67
CA TYR H 93 27.28 -17.44 1.78
C TYR H 93 26.27 -16.67 2.60
N TYR H 94 26.42 -15.35 2.67
CA TYR H 94 25.53 -14.51 3.45
C TYR H 94 24.46 -13.90 2.56
N CYS H 95 23.23 -13.91 3.06
CA CYS H 95 22.09 -13.29 2.42
C CYS H 95 22.02 -11.83 2.87
N ALA H 96 22.12 -10.90 1.92
CA ALA H 96 22.19 -9.48 2.23
C ALA H 96 21.03 -8.73 1.58
N LYS H 97 20.70 -7.56 2.13
CA LYS H 97 19.51 -6.81 1.77
C LYS H 97 19.86 -5.43 1.22
N ASP H 98 19.06 -4.97 0.26
CA ASP H 98 19.28 -3.65 -0.33
C ASP H 98 18.51 -2.61 0.46
N PRO H 99 19.07 -1.40 0.66
CA PRO H 99 18.29 -0.36 1.35
C PRO H 99 17.14 0.22 0.55
N ASN H 100 17.22 0.18 -0.77
CA ASN H 100 16.31 0.98 -1.58
C ASN H 100 15.00 0.25 -1.84
N TYR H 101 13.91 0.95 -1.55
CA TYR H 101 12.55 0.46 -1.73
C TYR H 101 12.21 0.52 -3.21
N TYR H 102 11.43 -0.45 -3.69
CA TYR H 102 11.09 -0.52 -5.10
C TYR H 102 9.57 -0.56 -5.30
N ASP H 103 9.08 0.29 -6.18
CA ASP H 103 7.69 0.30 -6.62
C ASP H 103 7.64 0.18 -8.13
N LEU H 104 6.45 -0.14 -8.64
CA LEU H 104 6.24 -0.04 -10.07
C LEU H 104 6.33 1.41 -10.54
N SER H 105 6.25 2.36 -9.62
CA SER H 105 6.60 3.74 -9.92
C SER H 105 8.05 3.98 -9.55
N GLY H 106 8.89 4.17 -10.56
CA GLY H 106 10.32 4.18 -10.35
C GLY H 106 10.99 2.94 -10.91
N TYR H 107 12.33 2.97 -10.89
CA TYR H 107 13.15 1.92 -11.47
C TYR H 107 14.17 1.31 -10.52
N PHE H 108 15.02 0.48 -11.08
CA PHE H 108 16.08 -0.16 -10.32
C PHE H 108 17.37 0.51 -10.72
N LEU H 109 17.98 1.22 -9.77
CA LEU H 109 19.21 1.95 -10.03
C LEU H 109 20.45 1.12 -9.86
N GLY H 110 20.30 -0.08 -9.33
CA GLY H 110 21.43 -0.95 -9.15
C GLY H 110 21.67 -1.31 -7.71
N GLY H 111 22.82 -1.91 -7.46
CA GLY H 111 23.23 -2.36 -6.16
C GLY H 111 23.76 -1.22 -5.31
N TYR H 112 23.62 -1.38 -4.00
CA TYR H 112 24.07 -0.40 -3.01
C TYR H 112 24.69 -1.14 -1.83
N TYR H 113 24.96 -0.42 -0.75
CA TYR H 113 25.48 -1.06 0.44
C TYR H 113 24.49 -2.09 0.96
N PHE H 114 25.00 -3.02 1.75
CA PHE H 114 24.20 -4.14 2.22
C PHE H 114 23.66 -3.81 3.60
N ASP H 115 22.35 -3.60 3.68
CA ASP H 115 21.72 -3.18 4.92
C ASP H 115 21.84 -4.23 6.02
N TYR H 116 21.30 -5.42 5.79
CA TYR H 116 21.19 -6.42 6.83
C TYR H 116 21.72 -7.76 6.33
N TRP H 117 22.20 -8.57 7.27
CA TRP H 117 22.98 -9.76 6.98
C TRP H 117 22.39 -10.92 7.76
N GLY H 118 21.96 -11.96 7.06
CA GLY H 118 21.54 -13.16 7.74
C GLY H 118 22.70 -13.93 8.30
N GLN H 119 22.41 -15.10 8.88
CA GLN H 119 23.49 -15.95 9.35
C GLN H 119 23.88 -16.91 8.25
N GLY H 120 25.05 -16.69 7.67
CA GLY H 120 25.39 -17.36 6.43
C GLY H 120 25.54 -18.85 6.61
N THR H 121 24.95 -19.60 5.68
CA THR H 121 25.15 -21.04 5.60
C THR H 121 26.53 -21.27 5.01
N LEU H 122 27.09 -22.45 5.24
CA LEU H 122 28.46 -22.72 4.85
C LEU H 122 28.52 -23.91 3.91
N VAL H 123 28.95 -23.65 2.67
CA VAL H 123 29.05 -24.68 1.64
C VAL H 123 30.52 -25.00 1.44
N THR H 124 30.86 -26.28 1.54
CA THR H 124 32.21 -26.76 1.28
C THR H 124 32.18 -27.75 0.14
N VAL H 125 32.96 -27.48 -0.90
CA VAL H 125 33.12 -28.38 -2.03
C VAL H 125 34.48 -29.06 -1.86
N SER H 126 34.45 -30.34 -1.51
CA SER H 126 35.68 -31.11 -1.32
C SER H 126 35.33 -32.58 -1.48
N SER H 127 36.35 -33.37 -1.80
CA SER H 127 36.15 -34.81 -1.96
C SER H 127 37.22 -35.60 -1.21
#